data_5TQR
#
_entry.id   5TQR
#
_cell.length_a   117.454
_cell.length_b   138.008
_cell.length_c   223.063
_cell.angle_alpha   90.00
_cell.angle_beta   90.00
_cell.angle_gamma   90.00
#
_symmetry.space_group_name_H-M   'C 2 2 21'
#
loop_
_entity.id
_entity.type
_entity.pdbx_description
1 polymer 'Polycomb Protein EED'
2 polymer 'Histone-lysine N-methyltransferase EZH2, Polycomb protein SUZ12'
3 non-polymer 'ZINC ION'
4 non-polymer S-ADENOSYLMETHIONINE
5 water water
#
loop_
_entity_poly.entity_id
_entity_poly.type
_entity_poly.pdbx_seq_one_letter_code
_entity_poly.pdbx_strand_id
1 'polypeptide(L)'
;MASAWSHPQFEKGGGSGGGSGGSAWSHPQFEKLEVLFQGPMPASDSAEWELPRLRTSFIFQDDYKYLGDDGSVSQDLAEF
FDVKFYPYSPPGAPPVFAATSKKHAVICRLTQTTDKDANPCEIIQLIRDDGNEANCASCWSKDPITDQPLLCIAGNEGNV
KVYNVTEGKLYRTLVGHGGGINDLATSPANPYIIASASDDTTIRIWSLAPEHEKQPCVCILGGEGHSYDLLSVAFHDNGR
YVLSAGHDQVINLWALPEFPNEHMEIPIVIYYPHFSSSEIHNNLVDCVAFYGDLILSRACHEDTIVLWRIEGFSSDDPIP
GPLDAPTPTDMTKQTRSYFTPTVSPQSRPAMFTRLAQFHTPDCGVQFFMRFRMYHVPGKHPILAFANAKSKTFFWDLARF
GEYARFMADLKEAQQSYNGRVVVVDQGQGISLAQAQQVHGPGVGVVMKPAWLVPKRVKKAPGAAGSGSGTAANGGHNNNN
NNNNNNNNNNHETGSQRSFSATNNLSNSGRDKESASMVSASPDPDSPFGFSRETLQAWADMYDLSNPVGLIKAHRSLAID
GAFVGRQVGWSPEGEWCVVVGNGNRALIYQRWGKERGLGSGTPGA
;
A
2 'polypeptide(L)'
;SNHHHHHHATPKNTEWTVDKIASALSVLAEEVPQNHSRLVNFLLEETEKRAPQPRHLSKTDPFAHMKSKAIDANRPRPEG
VPTMDVKFKQHSGEYGKSRNSGRRFQYPVVCIKPDREPVPPYRFHHAEIRKNILALNSQLNFVPHLRDVDPNSAEEQKYS
AWLMDLENLDSKSGFKIQPRSQKIAKRAQAEYAATLAPYLEPWLRKLNIEGCTKSNLIRFMASQPESDDSMTPQQKSNLL
DTYSDDMGSPQAVRNASMFTEAWDRVFNDQSKLRRVALRDILMLDKNVEPIFDNKRAKDAPGSQKPPDEALMQKVIDALG
SYTTLGCLICFSHDCEHGEIERDNQKRCFSLEEIGGLMPSLRRKWAAQIEQRQKTEGGSANAPPAHPPCRNECYRIHGTG
DPNQQVPPWSENEVGTLEWMFATIGYSQTLRPECFVGAILGRPCWDVHRKLQELDLRLPPVEPRTIPKQKSLPWYDRRKK
QLMSDWADATITHEHAVRELFAPCHHDGPCTAANGCPCASAGTHPVLCERFCLCTAEECPLKFTGCACHSSGKTCLQRQR
EGRPCICVQLNRECDPTLCKGCGARERADPENAYDEVLHSTGCQNVALQRGAAKAVVLGKSQLEACGYGLFAAEDIEEGE
FVIEYTGELISHDEGVRREHRRGDVFDEENKVSYLFTLLEQEGIWVDAAIYGNLSRYINHATDGNIMPKIMYVNHEWRIK
FTAIKDIKAGEELFFNYGDNFPNLTKKLVERNEQSGAETTPQQPKRANGLVPRGSEVMLPGRGVPKKPLRRPKRRPLLVP
KTTQPLFDPLSKVQLLPGQPLPQHPIDDSWLLLKHRDNLQDFIDLRPEEKEFLQEWDAFILRRHISSEQYLPRYFLRFVR
EKADWLVSKRSRGEEFSKLVATLLARRVLPERVVIEATQVLNDARGRLREQGGVIEG
;
B
#
# COMPACT_ATOMS: atom_id res chain seq x y z
N ASP A 45 14.50 -12.44 -47.16
CA ASP A 45 13.15 -11.91 -47.13
C ASP A 45 12.39 -12.48 -45.94
N SER A 46 12.39 -13.80 -45.85
CA SER A 46 11.80 -14.51 -44.72
C SER A 46 12.62 -14.37 -43.45
N ALA A 47 13.79 -13.73 -43.53
CA ALA A 47 14.69 -13.67 -42.38
C ALA A 47 14.01 -13.05 -41.17
N GLU A 48 13.15 -12.06 -41.38
CA GLU A 48 12.40 -11.41 -40.30
C GLU A 48 11.73 -12.41 -39.36
N TRP A 49 11.31 -13.58 -39.88
CA TRP A 49 10.50 -14.54 -39.16
C TRP A 49 11.31 -15.67 -38.51
N GLU A 50 12.61 -15.74 -38.73
CA GLU A 50 13.36 -16.88 -38.21
C GLU A 50 13.49 -16.79 -36.69
N LEU A 51 13.25 -17.91 -36.03
CA LEU A 51 13.42 -18.07 -34.59
C LEU A 51 14.77 -18.72 -34.30
N PRO A 52 15.24 -18.67 -33.06
CA PRO A 52 16.59 -19.21 -32.77
C PRO A 52 16.63 -20.74 -32.77
N ARG A 53 17.86 -21.26 -32.76
CA ARG A 53 18.08 -22.67 -32.50
C ARG A 53 19.40 -22.86 -31.74
N LEU A 54 19.48 -24.00 -31.05
CA LEU A 54 20.62 -24.30 -30.18
C LEU A 54 21.92 -24.30 -30.97
N ARG A 55 22.85 -23.45 -30.57
CA ARG A 55 24.12 -23.32 -31.27
C ARG A 55 25.32 -23.74 -30.43
N THR A 56 25.28 -23.49 -29.12
CA THR A 56 26.35 -23.83 -28.18
C THR A 56 25.78 -24.02 -26.77
N SER A 57 26.41 -24.89 -25.98
CA SER A 57 26.07 -25.01 -24.56
C SER A 57 27.33 -25.26 -23.73
N PHE A 58 27.33 -24.75 -22.50
CA PHE A 58 28.46 -25.08 -21.65
C PHE A 58 28.01 -25.35 -20.22
N ILE A 59 28.79 -26.16 -19.52
CA ILE A 59 28.60 -26.44 -18.10
C ILE A 59 29.79 -25.85 -17.36
N PHE A 60 29.51 -25.05 -16.35
CA PHE A 60 30.52 -24.43 -15.49
C PHE A 60 30.73 -25.30 -14.26
N GLN A 61 31.98 -25.42 -13.86
CA GLN A 61 32.35 -26.18 -12.67
C GLN A 61 31.42 -25.89 -11.50
N ASP A 62 31.04 -26.92 -10.75
CA ASP A 62 30.16 -26.71 -9.61
C ASP A 62 30.89 -25.89 -8.56
N ASP A 63 30.26 -24.78 -8.15
CA ASP A 63 30.85 -23.87 -7.17
C ASP A 63 30.02 -23.73 -5.89
N TYR A 64 29.00 -24.58 -5.65
CA TYR A 64 28.31 -24.62 -4.36
C TYR A 64 28.37 -25.99 -3.67
N LYS A 65 29.44 -26.73 -3.88
CA LYS A 65 29.60 -28.05 -3.32
C LYS A 65 29.97 -28.01 -1.86
N SER A 74 27.83 -32.78 -1.85
CA SER A 74 27.06 -32.38 -3.02
C SER A 74 28.02 -31.90 -4.12
N GLN A 75 27.68 -32.17 -5.38
CA GLN A 75 28.42 -31.69 -6.55
C GLN A 75 27.54 -31.53 -7.80
N ASP A 76 26.23 -31.23 -7.62
CA ASP A 76 25.38 -30.91 -8.77
C ASP A 76 24.27 -29.90 -8.46
N LEU A 77 24.23 -29.29 -7.27
CA LEU A 77 23.14 -28.42 -6.85
C LEU A 77 23.45 -26.93 -7.03
N ALA A 78 24.52 -26.62 -7.74
CA ALA A 78 24.83 -25.27 -8.15
C ALA A 78 24.00 -24.92 -9.38
N GLU A 79 23.65 -23.64 -9.50
CA GLU A 79 22.90 -23.15 -10.65
C GLU A 79 23.41 -21.77 -11.06
N PHE A 80 23.28 -21.48 -12.35
CA PHE A 80 23.22 -20.10 -12.82
C PHE A 80 21.84 -19.57 -12.50
N PHE A 81 21.76 -18.50 -11.72
CA PHE A 81 20.46 -17.90 -11.48
C PHE A 81 20.17 -16.70 -12.39
N ASP A 82 21.17 -16.12 -13.03
CA ASP A 82 20.92 -14.90 -13.80
C ASP A 82 21.83 -14.85 -15.02
N VAL A 83 21.36 -14.14 -16.04
CA VAL A 83 22.17 -13.78 -17.20
C VAL A 83 21.67 -12.46 -17.77
N LYS A 84 22.60 -11.55 -18.06
CA LYS A 84 22.26 -10.25 -18.63
C LYS A 84 23.31 -9.84 -19.65
N PHE A 85 22.85 -9.41 -20.82
CA PHE A 85 23.74 -8.83 -21.83
C PHE A 85 24.04 -7.37 -21.50
N TYR A 86 25.31 -6.98 -21.68
CA TYR A 86 25.69 -5.58 -21.49
C TYR A 86 24.92 -4.70 -22.48
N PRO A 87 24.20 -3.68 -22.02
CA PRO A 87 23.34 -2.89 -22.92
C PRO A 87 23.92 -1.54 -23.38
N TYR A 88 25.19 -1.22 -23.11
CA TYR A 88 25.69 0.11 -23.44
C TYR A 88 26.85 0.06 -24.42
N SER A 89 26.92 -0.99 -25.24
CA SER A 89 27.97 -1.02 -26.25
C SER A 89 27.49 -0.37 -27.54
N PRO A 90 28.41 0.15 -28.34
CA PRO A 90 28.01 0.78 -29.58
C PRO A 90 27.31 -0.19 -30.50
N PRO A 91 26.43 0.30 -31.36
CA PRO A 91 25.72 -0.60 -32.29
C PRO A 91 26.72 -1.42 -33.11
N GLY A 92 26.48 -2.72 -33.18
CA GLY A 92 27.33 -3.63 -33.93
C GLY A 92 28.37 -4.37 -33.12
N ALA A 93 28.66 -3.94 -31.89
CA ALA A 93 29.75 -4.51 -31.12
C ALA A 93 29.48 -5.97 -30.78
N PRO A 94 30.53 -6.77 -30.56
CA PRO A 94 30.32 -8.15 -30.08
C PRO A 94 29.52 -8.15 -28.80
N PRO A 95 28.43 -8.90 -28.75
CA PRO A 95 27.61 -8.90 -27.53
C PRO A 95 28.32 -9.65 -26.42
N VAL A 96 28.15 -9.13 -25.22
CA VAL A 96 28.83 -9.61 -24.03
C VAL A 96 27.78 -9.75 -22.95
N PHE A 97 27.68 -10.96 -22.38
CA PHE A 97 26.73 -11.21 -21.31
C PHE A 97 27.48 -11.69 -20.07
N ALA A 98 26.84 -11.56 -18.90
CA ALA A 98 27.34 -12.12 -17.65
C ALA A 98 26.35 -13.15 -17.15
N ALA A 99 26.85 -14.31 -16.72
CA ALA A 99 26.05 -15.39 -16.16
C ALA A 99 26.49 -15.52 -14.70
N THR A 100 25.61 -15.21 -13.78
CA THR A 100 26.02 -15.26 -12.38
C THR A 100 25.53 -16.55 -11.76
N SER A 101 26.48 -17.31 -11.22
CA SER A 101 26.21 -18.49 -10.43
C SER A 101 26.11 -18.06 -8.98
N LYS A 102 26.10 -19.02 -8.05
CA LYS A 102 26.01 -18.58 -6.68
C LYS A 102 27.31 -17.93 -6.20
N LYS A 103 28.47 -18.36 -6.73
CA LYS A 103 29.72 -17.75 -6.30
C LYS A 103 30.51 -17.03 -7.39
N HIS A 104 30.13 -17.15 -8.67
CA HIS A 104 30.93 -16.57 -9.75
C HIS A 104 30.10 -15.77 -10.74
N ALA A 105 30.76 -14.84 -11.38
CA ALA A 105 30.19 -14.11 -12.50
C ALA A 105 31.01 -14.46 -13.74
N VAL A 106 30.43 -15.22 -14.64
CA VAL A 106 31.14 -15.61 -15.85
C VAL A 106 30.75 -14.66 -16.97
N ILE A 107 31.74 -13.93 -17.49
CA ILE A 107 31.50 -12.92 -18.51
C ILE A 107 31.99 -13.50 -19.84
N CYS A 108 31.09 -13.54 -20.84
CA CYS A 108 31.41 -14.10 -22.14
C CYS A 108 31.15 -13.09 -23.25
N ARG A 109 31.87 -13.26 -24.34
CA ARG A 109 31.57 -12.54 -25.56
C ARG A 109 31.22 -13.56 -26.63
N LEU A 110 30.17 -13.26 -27.39
CA LEU A 110 29.72 -14.13 -28.47
C LEU A 110 30.05 -13.50 -29.82
N THR A 111 30.64 -14.30 -30.69
CA THR A 111 31.08 -13.88 -32.01
C THR A 111 30.56 -14.90 -33.01
N GLN A 112 29.78 -14.46 -34.00
CA GLN A 112 29.27 -15.44 -34.95
C GLN A 112 30.40 -15.96 -35.84
N THR A 113 30.21 -17.17 -36.32
CA THR A 113 31.27 -17.97 -36.90
C THR A 113 30.80 -18.61 -38.20
N THR A 114 31.72 -18.78 -39.13
CA THR A 114 31.39 -19.55 -40.32
C THR A 114 31.58 -21.05 -40.11
N ASP A 115 32.23 -21.46 -39.03
CA ASP A 115 32.55 -22.85 -38.76
C ASP A 115 31.52 -23.42 -37.78
N LYS A 116 30.75 -24.43 -38.24
CA LYS A 116 29.80 -25.14 -37.37
C LYS A 116 30.48 -25.71 -36.14
N ASP A 117 31.70 -26.19 -36.29
CA ASP A 117 32.40 -26.84 -35.19
C ASP A 117 33.16 -25.86 -34.32
N ALA A 118 33.24 -24.59 -34.75
CA ALA A 118 33.92 -23.54 -33.98
C ALA A 118 33.06 -23.13 -32.78
N ASN A 119 33.68 -22.43 -31.82
CA ASN A 119 32.95 -22.07 -30.61
C ASN A 119 32.80 -20.56 -30.58
N PRO A 120 31.57 -20.03 -30.69
CA PRO A 120 31.37 -18.58 -30.66
C PRO A 120 31.53 -17.98 -29.28
N CYS A 121 31.40 -18.78 -28.22
CA CYS A 121 31.43 -18.25 -26.86
C CYS A 121 32.85 -18.33 -26.32
N GLU A 122 33.42 -17.18 -25.99
CA GLU A 122 34.71 -17.14 -25.32
C GLU A 122 34.57 -16.34 -24.02
N ILE A 123 35.21 -16.84 -22.97
CA ILE A 123 35.09 -16.25 -21.63
C ILE A 123 36.24 -15.26 -21.45
N ILE A 124 35.90 -14.01 -21.16
CA ILE A 124 36.87 -12.93 -21.13
C ILE A 124 37.15 -12.43 -19.72
N GLN A 125 36.26 -12.71 -18.77
CA GLN A 125 36.50 -12.34 -17.39
C GLN A 125 35.73 -13.31 -16.52
N LEU A 126 36.34 -13.73 -15.42
CA LEU A 126 35.71 -14.67 -14.52
C LEU A 126 35.99 -14.21 -13.09
N ILE A 127 34.93 -13.88 -12.36
CA ILE A 127 35.07 -13.24 -11.07
C ILE A 127 34.39 -14.11 -10.01
N ARG A 128 35.03 -14.23 -8.85
CA ARG A 128 34.45 -14.93 -7.71
C ARG A 128 34.18 -13.97 -6.57
N ASP A 129 33.03 -14.14 -5.95
CA ASP A 129 32.69 -13.41 -4.73
C ASP A 129 33.45 -14.05 -3.58
N ASP A 130 34.59 -13.45 -3.22
CA ASP A 130 35.49 -14.02 -2.23
C ASP A 130 34.96 -13.93 -0.81
N GLY A 131 33.76 -13.39 -0.61
CA GLY A 131 33.12 -13.32 0.68
C GLY A 131 32.20 -14.49 0.93
N ASN A 132 31.28 -14.32 1.89
CA ASN A 132 30.38 -15.38 2.34
C ASN A 132 29.00 -15.33 1.68
N GLU A 133 28.73 -14.33 0.86
CA GLU A 133 27.42 -14.18 0.23
C GLU A 133 27.28 -15.17 -0.92
N ALA A 134 26.13 -15.87 -0.97
CA ALA A 134 25.70 -16.56 -2.19
C ALA A 134 24.74 -15.68 -2.98
N ASN A 135 24.93 -15.61 -4.29
CA ASN A 135 24.23 -14.64 -5.11
C ASN A 135 23.27 -15.29 -6.09
N CYS A 136 22.38 -14.46 -6.64
CA CYS A 136 21.33 -14.92 -7.54
C CYS A 136 20.77 -13.79 -8.39
N ALA A 137 21.39 -12.61 -8.34
CA ALA A 137 20.82 -11.45 -9.02
C ALA A 137 21.94 -10.54 -9.53
N SER A 138 21.73 -9.99 -10.72
CA SER A 138 22.73 -9.14 -11.31
C SER A 138 22.07 -8.10 -12.20
N CYS A 139 22.82 -7.06 -12.52
CA CYS A 139 22.39 -6.01 -13.46
C CYS A 139 23.61 -5.18 -13.80
N TRP A 140 23.56 -4.52 -14.96
CA TRP A 140 24.68 -3.75 -15.48
C TRP A 140 24.52 -2.25 -15.24
N SER A 141 25.64 -1.56 -15.12
CA SER A 141 25.69 -0.11 -15.01
C SER A 141 27.03 0.36 -15.57
N LYS A 142 27.36 1.63 -15.36
CA LYS A 142 28.61 2.21 -15.86
C LYS A 142 29.21 3.15 -14.83
N ASP A 143 30.51 3.29 -14.88
CA ASP A 143 31.18 4.33 -14.09
C ASP A 143 30.69 5.71 -14.53
N PRO A 144 30.31 6.58 -13.61
CA PRO A 144 29.82 7.90 -14.03
C PRO A 144 30.93 8.81 -14.53
N ILE A 145 32.18 8.54 -14.15
CA ILE A 145 33.31 9.34 -14.61
C ILE A 145 33.92 8.70 -15.85
N THR A 146 34.38 7.44 -15.71
CA THR A 146 35.18 6.77 -16.75
C THR A 146 34.37 6.09 -17.83
N ASP A 147 33.07 5.84 -17.60
CA ASP A 147 32.19 5.07 -18.49
C ASP A 147 32.59 3.61 -18.62
N GLN A 148 33.41 3.07 -17.72
CA GLN A 148 33.70 1.64 -17.71
C GLN A 148 32.49 0.83 -17.26
N PRO A 149 32.30 -0.38 -17.82
CA PRO A 149 31.17 -1.23 -17.40
C PRO A 149 31.30 -1.65 -15.94
N LEU A 150 30.17 -1.60 -15.24
CA LEU A 150 30.07 -2.05 -13.86
C LEU A 150 29.02 -3.16 -13.78
N LEU A 151 29.41 -4.32 -13.26
CA LEU A 151 28.50 -5.43 -13.05
C LEU A 151 28.09 -5.48 -11.58
N CYS A 152 26.78 -5.37 -11.32
CA CYS A 152 26.22 -5.46 -9.98
C CYS A 152 25.78 -6.89 -9.70
N ILE A 153 26.09 -7.36 -8.50
CA ILE A 153 25.85 -8.74 -8.07
C ILE A 153 25.30 -8.68 -6.66
N ALA A 154 24.16 -9.34 -6.41
CA ALA A 154 23.51 -9.29 -5.11
C ALA A 154 23.05 -10.68 -4.71
N GLY A 155 22.97 -10.90 -3.42
CA GLY A 155 22.53 -12.18 -2.90
C GLY A 155 22.07 -12.14 -1.46
N ASN A 156 22.33 -13.22 -0.75
CA ASN A 156 21.57 -13.56 0.45
C ASN A 156 22.10 -12.91 1.74
N GLU A 157 23.24 -12.22 1.70
CA GLU A 157 23.63 -11.44 2.88
C GLU A 157 22.95 -10.08 2.89
N GLY A 158 22.45 -9.61 1.75
CA GLY A 158 21.71 -8.37 1.70
C GLY A 158 22.45 -7.19 1.13
N ASN A 159 23.51 -7.42 0.36
CA ASN A 159 24.35 -6.34 -0.15
C ASN A 159 24.49 -6.45 -1.65
N VAL A 160 24.56 -5.30 -2.33
CA VAL A 160 24.89 -5.25 -3.76
C VAL A 160 26.38 -4.98 -3.87
N LYS A 161 27.11 -5.91 -4.50
CA LYS A 161 28.49 -5.66 -4.86
C LYS A 161 28.53 -5.13 -6.28
N VAL A 162 29.29 -4.05 -6.50
CA VAL A 162 29.46 -3.45 -7.81
C VAL A 162 30.90 -3.67 -8.24
N TYR A 163 31.08 -4.43 -9.33
CA TYR A 163 32.39 -4.82 -9.80
C TYR A 163 32.77 -4.00 -11.02
N ASN A 164 34.03 -3.55 -11.04
CA ASN A 164 34.65 -2.99 -12.24
C ASN A 164 35.19 -4.18 -13.04
N VAL A 165 34.42 -4.63 -14.04
CA VAL A 165 34.71 -5.95 -14.61
C VAL A 165 35.93 -5.93 -15.52
N THR A 166 36.14 -4.85 -16.30
CA THR A 166 37.33 -4.84 -17.17
C THR A 166 38.62 -4.86 -16.38
N GLU A 167 38.62 -4.27 -15.18
CA GLU A 167 39.85 -4.23 -14.38
C GLU A 167 39.87 -5.22 -13.22
N GLY A 168 38.82 -6.00 -13.02
CA GLY A 168 38.85 -7.02 -11.98
C GLY A 168 38.96 -6.48 -10.57
N LYS A 169 38.19 -5.43 -10.24
CA LYS A 169 38.21 -4.89 -8.90
C LYS A 169 36.80 -4.51 -8.47
N LEU A 170 36.62 -4.34 -7.16
CA LEU A 170 35.39 -3.84 -6.58
C LEU A 170 35.27 -2.33 -6.80
N TYR A 171 34.15 -1.91 -7.38
CA TYR A 171 33.87 -0.49 -7.45
C TYR A 171 33.35 0.03 -6.10
N ARG A 172 32.36 -0.66 -5.53
CA ARG A 172 31.80 -0.29 -4.23
C ARG A 172 30.79 -1.36 -3.81
N THR A 173 30.23 -1.18 -2.61
CA THR A 173 29.16 -1.99 -2.05
C THR A 173 28.00 -1.08 -1.67
N LEU A 174 26.77 -1.59 -1.88
CA LEU A 174 25.54 -0.91 -1.47
C LEU A 174 24.94 -1.69 -0.31
N VAL A 175 24.99 -1.08 0.87
CA VAL A 175 24.64 -1.74 2.12
C VAL A 175 23.39 -1.07 2.64
N GLY A 176 22.49 -1.86 3.26
CA GLY A 176 21.32 -1.26 3.86
C GLY A 176 20.06 -2.11 3.86
N HIS A 177 19.98 -3.10 2.98
CA HIS A 177 18.83 -4.02 3.03
C HIS A 177 18.86 -4.85 4.32
N GLY A 178 17.69 -5.21 4.80
CA GLY A 178 17.57 -6.03 5.99
C GLY A 178 17.46 -7.51 5.73
N GLY A 179 17.71 -7.97 4.51
CA GLY A 179 17.67 -9.39 4.22
C GLY A 179 18.10 -9.63 2.78
N GLY A 180 18.06 -10.91 2.39
CA GLY A 180 18.61 -11.29 1.10
C GLY A 180 17.92 -10.57 -0.05
N ILE A 181 18.71 -10.27 -1.09
CA ILE A 181 18.23 -9.64 -2.31
C ILE A 181 18.02 -10.74 -3.34
N ASN A 182 16.90 -10.67 -4.09
CA ASN A 182 16.59 -11.68 -5.09
C ASN A 182 16.45 -11.14 -6.51
N ASP A 183 16.39 -9.82 -6.70
CA ASP A 183 16.36 -9.27 -8.04
C ASP A 183 16.99 -7.88 -8.08
N LEU A 184 17.57 -7.56 -9.24
CA LEU A 184 18.06 -6.22 -9.51
C LEU A 184 17.63 -5.82 -10.92
N ALA A 185 17.45 -4.51 -11.12
CA ALA A 185 17.17 -3.97 -12.44
C ALA A 185 17.72 -2.57 -12.54
N THR A 186 18.21 -2.22 -13.71
CA THR A 186 18.70 -0.88 -13.98
C THR A 186 17.61 -0.04 -14.65
N SER A 187 17.59 1.26 -14.37
CA SER A 187 16.58 2.09 -15.04
C SER A 187 16.98 2.33 -16.48
N PRO A 188 16.11 2.04 -17.44
CA PRO A 188 16.43 2.31 -18.85
C PRO A 188 16.62 3.79 -19.12
N ALA A 189 16.17 4.67 -18.23
CA ALA A 189 16.31 6.10 -18.43
C ALA A 189 17.53 6.69 -17.75
N ASN A 190 18.11 5.99 -16.82
CA ASN A 190 19.30 6.50 -16.15
C ASN A 190 20.16 5.30 -15.79
N PRO A 191 21.26 5.06 -16.51
CA PRO A 191 22.07 3.85 -16.23
C PRO A 191 22.74 3.86 -14.86
N TYR A 192 22.65 4.94 -14.09
CA TYR A 192 23.22 4.99 -12.76
C TYR A 192 22.20 4.67 -11.67
N ILE A 193 20.94 4.48 -12.03
CA ILE A 193 19.85 4.19 -11.10
C ILE A 193 19.60 2.69 -11.14
N ILE A 194 19.67 2.01 -9.99
CA ILE A 194 19.42 0.58 -9.87
CA ILE A 194 19.32 0.60 -9.95
C ILE A 194 18.37 0.34 -8.80
N ALA A 195 17.50 -0.64 -9.02
CA ALA A 195 16.50 -1.03 -8.03
C ALA A 195 16.81 -2.43 -7.54
N SER A 196 16.52 -2.68 -6.25
CA SER A 196 16.80 -3.97 -5.63
C SER A 196 15.60 -4.45 -4.82
N ALA A 197 15.22 -5.72 -5.01
CA ALA A 197 14.08 -6.35 -4.35
C ALA A 197 14.57 -7.37 -3.34
N SER A 198 14.02 -7.35 -2.13
CA SER A 198 14.65 -8.05 -1.00
C SER A 198 13.66 -8.85 -0.17
N ASP A 199 14.20 -9.86 0.51
CA ASP A 199 13.43 -10.55 1.55
C ASP A 199 12.93 -9.59 2.60
N ASP A 200 13.58 -8.44 2.76
CA ASP A 200 13.12 -7.52 3.77
C ASP A 200 11.84 -6.81 3.36
N THR A 201 11.26 -7.15 2.21
CA THR A 201 9.92 -6.76 1.76
C THR A 201 9.94 -5.35 1.19
N THR A 202 11.10 -4.72 1.06
CA THR A 202 11.19 -3.40 0.46
C THR A 202 11.84 -3.50 -0.91
N ILE A 203 11.60 -2.46 -1.73
CA ILE A 203 12.48 -2.12 -2.84
C ILE A 203 13.33 -0.95 -2.38
N ARG A 204 14.62 -0.96 -2.70
CA ARG A 204 15.46 0.22 -2.57
C ARG A 204 15.94 0.65 -3.94
N ILE A 205 15.90 1.96 -4.19
CA ILE A 205 16.46 2.56 -5.41
C ILE A 205 17.81 3.16 -5.05
N TRP A 206 18.84 2.82 -5.82
CA TRP A 206 20.18 3.34 -5.57
C TRP A 206 20.66 4.17 -6.76
N SER A 207 21.47 5.19 -6.47
CA SER A 207 22.15 5.98 -7.50
C SER A 207 23.66 5.87 -7.36
N LEU A 208 24.35 5.61 -8.47
CA LEU A 208 25.81 5.62 -8.55
C LEU A 208 26.33 6.95 -9.12
N ALA A 209 25.49 7.98 -9.19
CA ALA A 209 25.96 9.27 -9.62
C ALA A 209 26.90 9.86 -8.56
N PRO A 210 27.86 10.69 -8.97
CA PRO A 210 28.82 11.21 -7.99
C PRO A 210 28.18 11.94 -6.82
N GLU A 211 27.14 12.72 -7.08
CA GLU A 211 26.55 13.52 -6.01
C GLU A 211 25.94 12.68 -4.90
N HIS A 212 25.72 11.39 -5.10
CA HIS A 212 25.09 10.55 -4.08
C HIS A 212 26.06 9.56 -3.46
N GLU A 213 27.36 9.74 -3.67
CA GLU A 213 28.35 8.78 -3.23
C GLU A 213 28.24 8.50 -1.74
N LYS A 214 28.01 9.53 -0.93
CA LYS A 214 28.05 9.36 0.52
C LYS A 214 26.77 8.78 1.11
N GLN A 215 25.68 8.80 0.35
CA GLN A 215 24.49 8.08 0.77
C GLN A 215 23.68 7.69 -0.49
N PRO A 216 23.91 6.51 -1.07
CA PRO A 216 23.41 6.25 -2.42
C PRO A 216 22.00 5.71 -2.48
N CYS A 217 21.32 5.54 -1.35
CA CYS A 217 19.92 5.09 -1.39
C CYS A 217 19.05 6.31 -1.52
N VAL A 218 18.53 6.54 -2.74
CA VAL A 218 17.68 7.72 -3.01
C VAL A 218 16.19 7.49 -2.77
N CYS A 219 15.73 6.24 -2.72
CA CYS A 219 14.31 5.95 -2.56
C CYS A 219 14.12 4.56 -1.95
N ILE A 220 13.14 4.43 -1.05
CA ILE A 220 12.69 3.15 -0.50
C ILE A 220 11.20 2.98 -0.78
N LEU A 221 10.84 1.92 -1.51
CA LEU A 221 9.44 1.56 -1.66
C LEU A 221 9.08 0.70 -0.46
N GLY A 222 8.37 1.29 0.49
CA GLY A 222 8.01 0.64 1.73
C GLY A 222 6.52 0.59 2.01
N GLY A 223 6.13 0.91 3.24
CA GLY A 223 4.72 0.89 3.63
C GLY A 223 4.19 -0.51 3.77
N GLU A 224 2.89 -0.67 3.50
CA GLU A 224 2.20 -1.95 3.69
C GLU A 224 1.79 -2.62 2.39
N GLY A 225 2.22 -2.09 1.23
CA GLY A 225 1.86 -2.72 -0.02
C GLY A 225 2.33 -4.16 -0.17
N HIS A 226 3.44 -4.52 0.47
CA HIS A 226 3.95 -5.88 0.41
C HIS A 226 4.07 -6.39 1.85
N SER A 227 3.84 -7.68 2.03
CA SER A 227 3.93 -8.28 3.35
C SER A 227 4.87 -9.48 3.44
N TYR A 228 5.52 -9.89 2.35
CA TYR A 228 6.50 -10.97 2.48
C TYR A 228 7.55 -10.81 1.38
N ASP A 229 8.42 -11.81 1.22
CA ASP A 229 9.65 -11.68 0.42
C ASP A 229 9.36 -11.30 -1.04
N LEU A 230 10.09 -10.30 -1.53
CA LEU A 230 9.96 -9.85 -2.91
C LEU A 230 10.93 -10.60 -3.81
N LEU A 231 10.45 -11.08 -4.96
CA LEU A 231 11.26 -11.87 -5.88
C LEU A 231 11.53 -11.18 -7.21
N SER A 232 10.83 -10.09 -7.55
CA SER A 232 10.93 -9.52 -8.88
C SER A 232 10.75 -8.02 -8.82
N VAL A 233 11.57 -7.30 -9.59
CA VAL A 233 11.47 -5.86 -9.73
C VAL A 233 11.77 -5.48 -11.18
N ALA A 234 11.05 -4.49 -11.70
CA ALA A 234 11.20 -4.11 -13.09
C ALA A 234 10.93 -2.62 -13.26
N PHE A 235 11.65 -2.00 -14.19
CA PHE A 235 11.44 -0.60 -14.56
C PHE A 235 10.64 -0.50 -15.84
N HIS A 236 9.71 0.46 -15.87
CA HIS A 236 9.15 0.91 -17.14
C HIS A 236 10.23 1.61 -17.94
N ASP A 237 10.04 1.70 -19.26
CA ASP A 237 11.08 2.31 -20.11
C ASP A 237 11.29 3.79 -19.78
N ASN A 238 10.27 4.48 -19.27
CA ASN A 238 10.37 5.88 -18.84
C ASN A 238 11.24 6.07 -17.58
N GLY A 239 11.62 4.99 -16.91
CA GLY A 239 12.40 5.08 -15.68
C GLY A 239 11.63 5.53 -14.44
N ARG A 240 10.33 5.74 -14.53
CA ARG A 240 9.59 6.34 -13.43
C ARG A 240 8.56 5.42 -12.79
N TYR A 241 8.15 4.36 -13.47
CA TYR A 241 7.24 3.38 -12.91
C TYR A 241 8.02 2.11 -12.66
N VAL A 242 7.72 1.48 -11.54
CA VAL A 242 8.40 0.29 -11.06
C VAL A 242 7.34 -0.74 -10.69
N LEU A 243 7.56 -1.98 -11.11
CA LEU A 243 6.70 -3.09 -10.74
C LEU A 243 7.47 -3.97 -9.76
N SER A 244 6.75 -4.52 -8.77
CA SER A 244 7.35 -5.41 -7.79
C SER A 244 6.38 -6.54 -7.46
N ALA A 245 6.94 -7.65 -7.01
CA ALA A 245 6.10 -8.82 -6.77
C ALA A 245 6.93 -9.85 -6.03
N GLY A 246 6.23 -10.79 -5.40
CA GLY A 246 6.91 -11.86 -4.68
C GLY A 246 5.98 -12.83 -3.97
N HIS A 247 6.39 -13.27 -2.78
CA HIS A 247 5.71 -14.38 -2.12
C HIS A 247 4.31 -14.05 -1.67
N ASP A 248 3.99 -12.77 -1.44
CA ASP A 248 2.66 -12.39 -0.96
C ASP A 248 1.63 -12.36 -2.07
N GLN A 249 2.00 -12.67 -3.31
CA GLN A 249 1.12 -12.74 -4.48
C GLN A 249 0.59 -11.38 -4.91
N VAL A 250 1.17 -10.30 -4.41
CA VAL A 250 0.80 -8.95 -4.82
C VAL A 250 1.72 -8.52 -5.96
N ILE A 251 1.14 -7.88 -6.98
CA ILE A 251 1.87 -7.09 -7.96
C ILE A 251 1.59 -5.63 -7.65
N ASN A 252 2.64 -4.85 -7.44
CA ASN A 252 2.49 -3.43 -7.16
C ASN A 252 3.17 -2.61 -8.25
N LEU A 253 2.52 -1.52 -8.64
CA LEU A 253 3.10 -0.51 -9.53
C LEU A 253 3.33 0.75 -8.71
N TRP A 254 4.57 1.24 -8.72
CA TRP A 254 4.99 2.40 -7.96
C TRP A 254 5.45 3.51 -8.92
N ALA A 255 5.19 4.75 -8.53
CA ALA A 255 5.62 5.93 -9.29
C ALA A 255 6.76 6.63 -8.56
N LEU A 256 7.95 6.64 -9.18
CA LEU A 256 9.12 7.32 -8.61
C LEU A 256 9.04 8.83 -8.82
N PRO A 257 9.47 9.60 -7.82
CA PRO A 257 9.71 11.03 -8.04
C PRO A 257 10.99 11.24 -8.82
N GLU A 258 11.19 12.49 -9.21
CA GLU A 258 12.51 12.91 -9.64
C GLU A 258 13.37 13.08 -8.41
N PHE A 259 14.64 12.71 -8.54
CA PHE A 259 15.56 12.69 -7.42
C PHE A 259 16.53 13.85 -7.55
N PRO A 260 16.79 14.60 -6.49
CA PRO A 260 17.67 15.77 -6.61
C PRO A 260 19.05 15.39 -7.08
N ASN A 261 19.63 16.26 -7.90
CA ASN A 261 20.99 16.16 -8.43
C ASN A 261 22.03 16.46 -7.36
N GLU A 262 21.72 16.15 -6.10
CA GLU A 262 22.59 16.54 -4.99
C GLU A 262 22.43 15.54 -3.84
N HIS A 263 23.28 15.70 -2.81
CA HIS A 263 23.36 14.75 -1.72
C HIS A 263 22.04 14.69 -0.97
N MET A 264 21.57 13.47 -0.71
CA MET A 264 20.37 13.24 0.10
C MET A 264 20.78 12.54 1.40
N GLU A 265 20.55 13.21 2.51
CA GLU A 265 20.83 12.63 3.80
C GLU A 265 19.99 11.39 4.05
N ILE A 266 18.74 11.37 3.57
CA ILE A 266 17.87 10.21 3.72
C ILE A 266 17.18 9.95 2.39
N PRO A 267 16.79 8.69 2.14
CA PRO A 267 16.02 8.40 0.93
C PRO A 267 14.61 8.98 1.02
N ILE A 268 14.03 9.23 -0.15
CA ILE A 268 12.60 9.52 -0.19
C ILE A 268 11.87 8.20 0.04
N VAL A 269 11.01 8.18 1.03
CA VAL A 269 10.24 6.98 1.32
C VAL A 269 8.88 7.09 0.63
N ILE A 270 8.43 5.97 0.05
CA ILE A 270 7.15 5.91 -0.62
C ILE A 270 6.32 4.84 0.08
N TYR A 271 5.14 5.23 0.56
CA TYR A 271 4.34 4.36 1.42
C TYR A 271 3.16 3.69 0.70
N TYR A 272 2.80 4.16 -0.51
CA TYR A 272 1.67 3.58 -1.24
C TYR A 272 2.03 3.36 -2.69
N PRO A 273 1.83 2.16 -3.22
CA PRO A 273 1.90 1.98 -4.67
C PRO A 273 0.65 2.59 -5.30
N HIS A 274 0.78 2.93 -6.60
CA HIS A 274 -0.32 3.52 -7.37
C HIS A 274 -1.27 2.49 -7.98
N PHE A 275 -0.82 1.26 -8.21
CA PHE A 275 -1.68 0.15 -8.57
C PHE A 275 -1.25 -1.03 -7.72
N SER A 276 -2.23 -1.83 -7.31
CA SER A 276 -1.95 -2.96 -6.42
C SER A 276 -3.01 -4.01 -6.68
N SER A 277 -2.56 -5.24 -6.90
CA SER A 277 -3.53 -6.32 -6.99
C SER A 277 -2.85 -7.62 -6.63
N SER A 278 -3.59 -8.46 -5.90
CA SER A 278 -3.21 -9.83 -5.63
C SER A 278 -4.13 -10.81 -6.36
N GLU A 279 -4.91 -10.31 -7.33
CA GLU A 279 -5.93 -11.12 -8.00
C GLU A 279 -5.59 -11.47 -9.44
N ILE A 280 -4.42 -11.08 -9.96
CA ILE A 280 -4.12 -11.49 -11.34
C ILE A 280 -3.60 -12.92 -11.34
N HIS A 281 -2.91 -13.34 -10.29
CA HIS A 281 -2.54 -14.73 -10.08
C HIS A 281 -3.14 -15.24 -8.76
N ASN A 282 -3.10 -16.55 -8.61
CA ASN A 282 -3.57 -17.20 -7.39
C ASN A 282 -2.42 -17.83 -6.61
N ASN A 283 -1.19 -17.49 -6.93
CA ASN A 283 -0.02 -18.12 -6.32
C ASN A 283 1.09 -17.09 -6.20
N LEU A 284 2.19 -17.50 -5.61
CA LEU A 284 3.34 -16.61 -5.53
C LEU A 284 3.77 -16.18 -6.94
N VAL A 285 4.14 -14.91 -7.06
CA VAL A 285 4.55 -14.31 -8.33
C VAL A 285 6.06 -14.15 -8.27
N ASP A 286 6.76 -14.67 -9.29
CA ASP A 286 8.22 -14.64 -9.27
C ASP A 286 8.84 -13.92 -10.45
N CYS A 287 8.04 -13.41 -11.39
CA CYS A 287 8.60 -12.66 -12.50
C CYS A 287 7.58 -11.67 -13.03
N VAL A 288 7.98 -10.40 -13.11
CA VAL A 288 7.08 -9.37 -13.61
C VAL A 288 7.86 -8.42 -14.53
N ALA A 289 7.17 -7.86 -15.52
CA ALA A 289 7.85 -6.96 -16.43
C ALA A 289 6.81 -6.14 -17.19
N PHE A 290 7.26 -4.98 -17.65
CA PHE A 290 6.50 -4.23 -18.63
C PHE A 290 6.82 -4.73 -20.03
N TYR A 291 5.78 -4.78 -20.87
CA TYR A 291 5.90 -4.86 -22.32
C TYR A 291 5.23 -3.60 -22.85
N GLY A 292 6.04 -2.56 -23.08
CA GLY A 292 5.53 -1.25 -23.37
C GLY A 292 4.78 -0.71 -22.17
N ASP A 293 3.47 -0.60 -22.28
CA ASP A 293 2.64 -0.25 -21.15
C ASP A 293 1.85 -1.45 -20.61
N LEU A 294 1.85 -2.56 -21.33
CA LEU A 294 1.21 -3.78 -20.84
C LEU A 294 2.11 -4.45 -19.79
N ILE A 295 1.53 -5.41 -19.06
CA ILE A 295 2.23 -6.16 -18.02
C ILE A 295 2.33 -7.63 -18.44
N LEU A 296 3.51 -8.21 -18.22
CA LEU A 296 3.74 -9.65 -18.31
C LEU A 296 4.12 -10.13 -16.93
N SER A 297 3.50 -11.20 -16.46
CA SER A 297 3.85 -11.73 -15.15
C SER A 297 3.58 -13.22 -15.14
N ARG A 298 4.23 -13.89 -14.20
CA ARG A 298 4.31 -15.33 -14.09
C ARG A 298 4.15 -15.71 -12.62
N ALA A 299 3.41 -16.78 -12.35
CA ALA A 299 3.27 -17.26 -10.98
C ALA A 299 3.49 -18.76 -10.90
N CYS A 300 3.83 -19.23 -9.70
CA CYS A 300 4.09 -20.64 -9.47
C CYS A 300 2.80 -21.46 -9.59
N HIS A 301 2.95 -22.73 -10.00
CA HIS A 301 1.86 -23.70 -10.15
C HIS A 301 0.85 -23.34 -11.24
N GLU A 302 1.17 -22.41 -12.14
CA GLU A 302 0.19 -21.99 -13.13
C GLU A 302 0.57 -22.29 -14.57
N ASP A 303 1.85 -22.54 -14.86
CA ASP A 303 2.30 -22.95 -16.20
C ASP A 303 1.87 -21.97 -17.28
N THR A 304 1.82 -20.69 -16.94
CA THR A 304 1.47 -19.66 -17.91
C THR A 304 2.30 -18.43 -17.64
N ILE A 305 2.54 -17.65 -18.70
CA ILE A 305 2.92 -16.26 -18.57
C ILE A 305 1.69 -15.44 -18.98
N VAL A 306 1.27 -14.52 -18.11
CA VAL A 306 0.05 -13.77 -18.34
C VAL A 306 0.37 -12.40 -18.92
N LEU A 307 -0.31 -12.04 -19.99
CA LEU A 307 -0.29 -10.67 -20.49
C LEU A 307 -1.58 -9.97 -20.08
N TRP A 308 -1.46 -8.79 -19.47
CA TRP A 308 -2.63 -8.10 -18.95
C TRP A 308 -2.34 -6.60 -18.94
N ARG A 309 -3.37 -5.80 -18.68
CA ARG A 309 -3.14 -4.36 -18.59
C ARG A 309 -3.90 -3.75 -17.42
N ILE A 310 -3.34 -2.66 -16.90
CA ILE A 310 -3.99 -1.81 -15.90
C ILE A 310 -4.93 -0.84 -16.60
N GLU A 311 -6.20 -0.88 -16.25
CA GLU A 311 -7.16 0.02 -16.89
C GLU A 311 -6.84 1.47 -16.54
N GLY A 312 -6.72 2.32 -17.56
CA GLY A 312 -6.44 3.72 -17.33
C GLY A 312 -4.97 4.07 -17.26
N PHE A 313 -4.08 3.08 -17.32
CA PHE A 313 -2.65 3.33 -17.27
C PHE A 313 -2.12 3.66 -18.65
N SER A 314 -1.41 4.78 -18.75
CA SER A 314 -0.73 5.18 -19.97
C SER A 314 0.50 5.97 -19.59
N SER A 315 1.64 5.61 -20.17
CA SER A 315 2.86 6.34 -19.88
C SER A 315 2.92 7.67 -20.62
N ASP A 316 1.94 7.98 -21.47
CA ASP A 316 1.83 9.31 -22.06
C ASP A 316 1.26 10.33 -21.09
N ASP A 317 0.50 9.90 -20.10
CA ASP A 317 -0.04 10.87 -19.14
C ASP A 317 1.06 11.37 -18.22
N PRO A 318 0.83 12.47 -17.52
CA PRO A 318 1.81 12.91 -16.52
C PRO A 318 1.95 11.88 -15.43
N ILE A 319 3.16 11.77 -14.89
CA ILE A 319 3.48 10.89 -13.77
C ILE A 319 2.73 11.39 -12.54
N PRO A 320 1.86 10.59 -11.94
CA PRO A 320 1.21 11.01 -10.69
C PRO A 320 2.23 11.14 -9.57
N GLY A 321 1.89 11.96 -8.56
CA GLY A 321 2.72 12.15 -7.39
C GLY A 321 2.32 11.26 -6.21
N PRO A 322 3.16 11.20 -5.18
CA PRO A 322 2.94 10.22 -4.11
C PRO A 322 1.64 10.40 -3.35
N LEU A 323 1.12 11.62 -3.25
CA LEU A 323 -0.14 11.87 -2.56
C LEU A 323 -1.34 11.59 -3.45
N ASP A 324 -1.12 11.09 -4.66
CA ASP A 324 -2.19 10.67 -5.54
C ASP A 324 -2.49 9.18 -5.43
N ALA A 325 -1.65 8.41 -4.76
CA ALA A 325 -1.86 6.97 -4.69
C ALA A 325 -3.17 6.64 -3.98
N PRO A 326 -3.70 5.44 -4.20
CA PRO A 326 -4.85 4.98 -3.40
C PRO A 326 -4.38 4.39 -2.08
N THR A 327 -5.15 4.65 -1.03
CA THR A 327 -4.80 4.07 0.26
C THR A 327 -5.78 2.95 0.63
N PRO A 328 -5.36 1.97 1.42
CA PRO A 328 -6.26 0.81 1.66
C PRO A 328 -7.31 1.10 2.71
N THR A 329 -8.33 1.86 2.33
CA THR A 329 -9.37 2.22 3.29
C THR A 329 -10.33 1.06 3.51
N ASP A 330 -10.45 0.16 2.52
CA ASP A 330 -11.27 -1.04 2.61
C ASP A 330 -10.36 -2.26 2.60
N MET A 331 -10.38 -3.03 3.68
CA MET A 331 -9.48 -4.15 3.82
C MET A 331 -9.91 -5.38 3.04
N THR A 332 -11.14 -5.43 2.53
CA THR A 332 -11.55 -6.56 1.73
C THR A 332 -11.30 -6.36 0.23
N LYS A 333 -10.70 -5.24 -0.15
CA LYS A 333 -10.40 -4.97 -1.55
C LYS A 333 -8.99 -5.47 -1.84
N GLN A 334 -8.89 -6.48 -2.71
CA GLN A 334 -7.59 -7.04 -3.07
C GLN A 334 -7.00 -6.42 -4.34
N THR A 335 -7.67 -5.44 -4.93
CA THR A 335 -7.17 -4.64 -6.05
C THR A 335 -7.53 -3.19 -5.78
N ARG A 336 -6.59 -2.27 -6.04
CA ARG A 336 -6.88 -0.85 -5.96
CA ARG A 336 -6.86 -0.85 -5.93
C ARG A 336 -6.00 -0.12 -6.96
N SER A 337 -6.51 0.98 -7.47
CA SER A 337 -5.81 1.63 -8.57
C SER A 337 -6.06 3.12 -8.57
N TYR A 338 -4.99 3.89 -8.66
CA TYR A 338 -5.10 5.31 -8.94
C TYR A 338 -5.64 5.56 -10.34
N PHE A 339 -5.43 4.63 -11.27
CA PHE A 339 -5.52 4.96 -12.68
C PHE A 339 -6.92 4.81 -13.27
N THR A 340 -7.84 4.16 -12.57
CA THR A 340 -9.18 3.87 -13.08
C THR A 340 -9.83 5.13 -13.67
N PRO A 341 -10.25 5.09 -14.95
CA PRO A 341 -10.89 6.19 -15.71
C PRO A 341 -12.21 6.72 -15.13
N SER A 347 -22.41 0.87 -14.07
CA SER A 347 -21.66 -0.38 -13.88
C SER A 347 -20.21 -0.20 -13.35
N ARG A 348 -19.72 -1.21 -12.60
CA ARG A 348 -18.41 -1.16 -11.92
C ARG A 348 -17.28 -1.41 -12.91
N PRO A 349 -16.18 -0.60 -12.88
CA PRO A 349 -15.18 -0.66 -13.96
C PRO A 349 -14.58 -2.02 -14.22
N ALA A 350 -13.72 -2.48 -13.30
CA ALA A 350 -12.63 -3.45 -13.46
C ALA A 350 -11.34 -2.65 -13.59
N MET A 351 -10.37 -2.95 -12.73
CA MET A 351 -9.18 -2.13 -12.71
C MET A 351 -8.04 -2.75 -13.51
N PHE A 352 -8.19 -4.01 -13.88
CA PHE A 352 -7.27 -4.64 -14.81
C PHE A 352 -8.09 -5.48 -15.76
N THR A 353 -7.44 -5.94 -16.83
CA THR A 353 -8.05 -6.81 -17.82
C THR A 353 -7.00 -7.81 -18.25
N ARG A 354 -7.30 -9.09 -18.07
CA ARG A 354 -6.38 -10.11 -18.58
C ARG A 354 -6.51 -10.19 -20.09
N LEU A 355 -5.36 -10.24 -20.78
CA LEU A 355 -5.36 -10.17 -22.23
C LEU A 355 -5.09 -11.53 -22.86
N ALA A 356 -4.06 -12.24 -22.43
CA ALA A 356 -3.68 -13.51 -23.04
C ALA A 356 -2.78 -14.26 -22.07
N GLN A 357 -2.64 -15.56 -22.32
CA GLN A 357 -1.76 -16.42 -21.51
C GLN A 357 -0.93 -17.30 -22.43
N PHE A 358 0.38 -17.12 -22.37
CA PHE A 358 1.32 -17.99 -23.05
C PHE A 358 1.46 -19.25 -22.23
N HIS A 359 1.27 -20.40 -22.88
CA HIS A 359 1.24 -21.68 -22.18
C HIS A 359 2.67 -22.16 -21.95
N THR A 360 2.98 -22.49 -20.72
CA THR A 360 4.36 -22.71 -20.26
C THR A 360 4.40 -24.02 -19.47
N PRO A 361 4.06 -25.13 -20.13
CA PRO A 361 3.80 -26.38 -19.40
C PRO A 361 5.03 -26.95 -18.74
N ASP A 362 4.78 -27.73 -17.69
CA ASP A 362 5.81 -28.46 -16.93
C ASP A 362 6.78 -27.53 -16.19
N CYS A 363 6.25 -26.52 -15.51
CA CYS A 363 7.03 -25.82 -14.50
C CYS A 363 6.80 -26.42 -13.12
N GLY A 364 5.78 -27.27 -12.97
CA GLY A 364 5.56 -27.98 -11.74
C GLY A 364 5.43 -27.02 -10.59
N VAL A 365 6.10 -27.35 -9.48
CA VAL A 365 6.10 -26.52 -8.28
C VAL A 365 7.31 -25.59 -8.21
N GLN A 366 8.17 -25.60 -9.24
CA GLN A 366 9.36 -24.76 -9.27
C GLN A 366 8.98 -23.28 -9.28
N PHE A 367 9.87 -22.44 -8.76
CA PHE A 367 9.65 -21.00 -8.85
C PHE A 367 10.99 -20.28 -8.80
N PHE A 368 10.94 -18.98 -9.06
CA PHE A 368 12.11 -18.19 -9.42
C PHE A 368 12.63 -18.66 -10.78
N MET A 369 11.76 -18.53 -11.77
CA MET A 369 12.02 -18.83 -13.17
C MET A 369 11.52 -17.64 -13.97
N ARG A 370 12.37 -17.12 -14.86
CA ARG A 370 12.19 -15.79 -15.42
C ARG A 370 12.15 -15.84 -16.94
N PHE A 371 11.20 -15.13 -17.53
CA PHE A 371 11.12 -14.98 -18.98
C PHE A 371 11.81 -13.69 -19.39
N ARG A 372 11.96 -13.51 -20.70
CA ARG A 372 12.53 -12.28 -21.21
C ARG A 372 12.03 -12.04 -22.61
N MET A 373 11.51 -10.84 -22.83
CA MET A 373 11.06 -10.40 -24.14
C MET A 373 12.17 -9.60 -24.82
N TYR A 374 12.36 -9.91 -26.11
CA TYR A 374 13.21 -9.13 -27.01
C TYR A 374 12.34 -8.07 -27.69
N HIS A 375 12.60 -6.80 -27.42
CA HIS A 375 11.71 -5.72 -27.88
C HIS A 375 12.55 -4.54 -28.37
N VAL A 376 12.70 -4.44 -29.69
CA VAL A 376 13.68 -3.54 -30.30
C VAL A 376 13.06 -2.92 -31.54
N PRO A 377 13.31 -1.65 -31.82
CA PRO A 377 12.69 -1.04 -33.01
C PRO A 377 13.14 -1.75 -34.27
N GLY A 378 12.21 -2.05 -35.15
CA GLY A 378 12.54 -2.63 -36.42
C GLY A 378 12.63 -4.14 -36.45
N LYS A 379 12.62 -4.80 -35.30
CA LYS A 379 12.64 -6.25 -35.25
C LYS A 379 11.36 -6.78 -34.59
N HIS A 380 11.13 -8.04 -34.76
CA HIS A 380 9.93 -8.62 -34.18
C HIS A 380 10.10 -8.82 -32.68
N PRO A 381 9.03 -8.63 -31.90
CA PRO A 381 9.09 -8.93 -30.45
C PRO A 381 9.02 -10.43 -30.19
N ILE A 382 10.03 -10.95 -29.50
CA ILE A 382 10.14 -12.38 -29.21
C ILE A 382 10.08 -12.61 -27.71
N LEU A 383 9.20 -13.51 -27.28
CA LEU A 383 9.11 -13.88 -25.87
C LEU A 383 9.79 -15.24 -25.72
N ALA A 384 10.72 -15.34 -24.76
CA ALA A 384 11.44 -16.59 -24.50
C ALA A 384 11.39 -16.97 -23.02
N PHE A 385 11.14 -18.26 -22.75
CA PHE A 385 11.08 -18.79 -21.39
C PHE A 385 11.42 -20.28 -21.43
N ALA A 386 12.10 -20.76 -20.39
CA ALA A 386 12.48 -22.16 -20.24
C ALA A 386 11.82 -22.73 -19.00
N ASN A 387 11.33 -23.95 -19.11
CA ASN A 387 10.53 -24.51 -18.03
C ASN A 387 11.39 -25.37 -17.11
N ALA A 388 10.79 -26.35 -16.46
CA ALA A 388 11.49 -27.17 -15.47
C ALA A 388 11.65 -28.60 -15.93
N LYS A 389 11.29 -28.91 -17.18
CA LYS A 389 11.41 -30.24 -17.77
C LYS A 389 12.12 -30.15 -19.12
N SER A 390 13.25 -29.46 -19.14
CA SER A 390 14.18 -29.49 -20.27
C SER A 390 13.56 -29.01 -21.58
N LYS A 391 12.89 -27.86 -21.52
CA LYS A 391 12.30 -27.29 -22.72
C LYS A 391 12.52 -25.78 -22.73
N THR A 392 12.70 -25.22 -23.92
CA THR A 392 12.79 -23.77 -24.08
C THR A 392 11.79 -23.30 -25.12
N PHE A 393 11.04 -22.25 -24.78
CA PHE A 393 9.88 -21.83 -25.54
C PHE A 393 10.11 -20.45 -26.15
N PHE A 394 9.67 -20.28 -27.38
CA PHE A 394 9.65 -18.98 -28.04
C PHE A 394 8.26 -18.68 -28.60
N TRP A 395 7.88 -17.40 -28.55
CA TRP A 395 6.75 -16.85 -29.28
C TRP A 395 7.23 -15.59 -29.99
N ASP A 396 6.95 -15.49 -31.29
CA ASP A 396 7.15 -14.23 -32.01
C ASP A 396 5.80 -13.54 -32.02
N LEU A 397 5.74 -12.40 -31.35
CA LEU A 397 4.46 -11.70 -31.18
C LEU A 397 3.95 -11.14 -32.50
N ALA A 398 4.79 -11.05 -33.52
CA ALA A 398 4.27 -10.54 -34.79
C ALA A 398 3.48 -11.57 -35.57
N ARG A 399 3.65 -12.86 -35.25
CA ARG A 399 2.85 -13.87 -35.91
C ARG A 399 1.36 -13.72 -35.60
N PHE A 400 1.03 -13.14 -34.44
CA PHE A 400 -0.37 -12.97 -34.06
C PHE A 400 -1.13 -12.10 -35.07
N GLY A 401 -0.59 -10.91 -35.34
CA GLY A 401 -1.22 -10.03 -36.32
C GLY A 401 -1.26 -10.64 -37.72
N GLU A 402 -0.20 -11.35 -38.11
CA GLU A 402 -0.16 -11.90 -39.46
C GLU A 402 -1.14 -13.04 -39.62
N TYR A 403 -1.31 -13.86 -38.58
CA TYR A 403 -2.32 -14.91 -38.60
C TYR A 403 -3.71 -14.32 -38.71
N ALA A 404 -3.98 -13.28 -37.92
CA ALA A 404 -5.32 -12.69 -37.94
C ALA A 404 -5.61 -12.03 -39.30
N ARG A 405 -4.61 -11.38 -39.91
CA ARG A 405 -4.80 -10.90 -41.28
C ARG A 405 -5.07 -12.04 -42.24
N PHE A 406 -4.30 -13.13 -42.12
CA PHE A 406 -4.52 -14.26 -43.02
C PHE A 406 -5.92 -14.84 -42.87
N MET A 407 -6.43 -14.93 -41.63
CA MET A 407 -7.77 -15.50 -41.44
C MET A 407 -8.86 -14.53 -41.87
N ALA A 408 -8.64 -13.23 -41.72
CA ALA A 408 -9.64 -12.30 -42.23
C ALA A 408 -9.65 -12.25 -43.76
N ASP A 409 -8.45 -12.32 -44.38
CA ASP A 409 -8.39 -12.36 -45.84
C ASP A 409 -9.05 -13.63 -46.38
N LEU A 410 -8.91 -14.75 -45.66
CA LEU A 410 -9.41 -16.01 -46.20
C LEU A 410 -10.92 -16.15 -45.96
N LYS A 411 -11.39 -15.81 -44.75
CA LYS A 411 -12.83 -15.77 -44.49
C LYS A 411 -13.54 -14.83 -45.45
N GLU A 412 -12.87 -13.73 -45.85
CA GLU A 412 -13.48 -12.79 -46.79
C GLU A 412 -13.65 -13.42 -48.16
N ALA A 413 -12.57 -13.96 -48.72
CA ALA A 413 -12.65 -14.58 -50.05
C ALA A 413 -13.59 -15.77 -50.06
N GLN A 414 -13.83 -16.42 -48.92
CA GLN A 414 -14.74 -17.55 -48.88
C GLN A 414 -16.19 -17.14 -49.16
N GLN A 415 -16.60 -15.94 -48.74
CA GLN A 415 -17.93 -15.45 -49.11
C GLN A 415 -17.91 -14.77 -50.48
N SER A 416 -17.00 -13.82 -50.68
CA SER A 416 -16.96 -13.06 -51.93
C SER A 416 -16.83 -13.96 -53.16
N TYR A 417 -16.33 -15.19 -53.01
CA TYR A 417 -16.21 -16.14 -54.11
C TYR A 417 -16.83 -17.49 -53.77
N ASN A 418 -17.73 -17.54 -52.77
CA ASN A 418 -18.47 -18.73 -52.37
C ASN A 418 -17.60 -20.00 -52.32
N GLY A 419 -16.33 -19.88 -51.95
CA GLY A 419 -15.48 -21.02 -51.68
C GLY A 419 -14.38 -21.23 -52.69
N ARG A 420 -14.62 -20.92 -53.96
CA ARG A 420 -13.54 -21.03 -54.95
C ARG A 420 -12.47 -20.01 -54.58
N VAL A 421 -11.56 -20.49 -53.74
CA VAL A 421 -10.48 -19.70 -53.14
C VAL A 421 -9.23 -20.55 -53.17
N VAL A 422 -8.16 -20.02 -53.76
CA VAL A 422 -6.88 -20.70 -53.84
C VAL A 422 -5.88 -20.04 -52.88
N VAL A 423 -5.20 -20.85 -52.09
CA VAL A 423 -4.23 -20.37 -51.10
C VAL A 423 -2.83 -20.62 -51.60
N VAL A 424 -2.01 -19.56 -51.63
CA VAL A 424 -0.63 -19.59 -52.11
C VAL A 424 0.28 -19.14 -50.98
N ASP A 425 1.42 -19.83 -50.79
CA ASP A 425 2.35 -19.40 -49.76
C ASP A 425 2.99 -18.05 -50.09
N GLN A 426 3.33 -17.31 -49.05
CA GLN A 426 4.09 -16.08 -49.19
C GLN A 426 5.57 -16.43 -49.24
N GLY A 427 6.42 -15.42 -49.22
CA GLY A 427 7.85 -15.63 -49.21
C GLY A 427 8.35 -16.35 -50.44
N GLN A 428 7.51 -16.41 -51.47
CA GLN A 428 7.84 -16.98 -52.76
C GLN A 428 8.21 -15.87 -53.73
N GLY A 429 8.65 -16.26 -54.91
CA GLY A 429 8.71 -15.27 -55.96
C GLY A 429 7.35 -14.81 -56.44
N ILE A 430 6.29 -15.39 -55.89
CA ILE A 430 4.92 -15.19 -56.37
C ILE A 430 4.22 -14.17 -55.48
N SER A 431 3.55 -13.20 -56.10
CA SER A 431 2.86 -12.13 -55.41
C SER A 431 1.37 -12.18 -55.75
N LEU A 432 0.56 -11.61 -54.86
CA LEU A 432 -0.89 -11.49 -55.07
C LEU A 432 -1.11 -10.56 -56.26
N ALA A 433 -0.91 -11.12 -57.45
CA ALA A 433 -0.91 -10.39 -58.71
C ALA A 433 -0.52 -11.36 -59.80
N GLN A 434 0.69 -11.92 -59.67
CA GLN A 434 1.06 -13.06 -60.51
C GLN A 434 0.15 -14.24 -60.24
N ALA A 435 -0.23 -14.45 -58.97
CA ALA A 435 -1.17 -15.50 -58.64
C ALA A 435 -2.56 -15.21 -59.18
N GLN A 436 -2.91 -13.94 -59.29
CA GLN A 436 -4.23 -13.60 -59.81
C GLN A 436 -4.28 -13.72 -61.33
N GLN A 437 -3.14 -13.55 -62.00
CA GLN A 437 -3.06 -13.68 -63.46
C GLN A 437 -3.10 -15.12 -63.93
N VAL A 438 -2.90 -16.08 -63.03
CA VAL A 438 -2.96 -17.50 -63.37
C VAL A 438 -4.40 -17.98 -63.28
N HIS A 439 -5.33 -17.06 -63.04
CA HIS A 439 -6.74 -17.46 -62.96
C HIS A 439 -7.69 -16.41 -63.49
N GLY A 440 -7.92 -15.35 -62.72
CA GLY A 440 -8.76 -14.28 -63.18
C GLY A 440 -9.71 -13.79 -62.10
N PRO A 441 -10.88 -13.32 -62.51
CA PRO A 441 -11.85 -12.76 -61.54
C PRO A 441 -12.75 -13.79 -60.90
N GLY A 442 -12.65 -15.06 -61.29
CA GLY A 442 -13.59 -16.07 -60.82
C GLY A 442 -13.24 -16.73 -59.51
N VAL A 443 -11.98 -16.61 -59.07
CA VAL A 443 -11.47 -17.35 -57.92
C VAL A 443 -10.58 -16.44 -57.09
N GLY A 444 -10.73 -16.54 -55.77
CA GLY A 444 -9.96 -15.71 -54.85
C GLY A 444 -8.62 -16.33 -54.49
N VAL A 445 -7.59 -15.48 -54.47
CA VAL A 445 -6.24 -15.88 -54.09
C VAL A 445 -5.92 -15.24 -52.74
N VAL A 446 -5.59 -16.04 -51.74
CA VAL A 446 -5.18 -15.51 -50.45
C VAL A 446 -3.74 -15.96 -50.19
N MET A 447 -2.95 -15.04 -49.64
CA MET A 447 -1.54 -15.29 -49.37
C MET A 447 -1.38 -15.81 -47.95
N LYS A 448 -0.82 -17.00 -47.81
CA LYS A 448 -0.67 -17.59 -46.49
C LYS A 448 0.78 -17.52 -46.07
N PRO A 449 1.07 -17.01 -44.86
CA PRO A 449 2.46 -16.96 -44.38
C PRO A 449 3.12 -18.33 -44.48
N ALA A 450 4.40 -18.34 -44.88
CA ALA A 450 5.10 -19.61 -45.06
C ALA A 450 5.20 -20.37 -43.74
N TRP A 451 5.38 -19.68 -42.62
CA TRP A 451 5.52 -20.35 -41.34
C TRP A 451 4.20 -20.94 -40.82
N LEU A 452 3.12 -20.78 -41.59
CA LEU A 452 1.84 -21.43 -41.30
C LEU A 452 1.80 -22.74 -42.10
N VAL A 453 1.99 -23.86 -41.41
CA VAL A 453 2.18 -25.16 -42.05
C VAL A 453 1.06 -26.11 -41.64
N PRO A 454 0.51 -26.94 -42.55
CA PRO A 454 -0.59 -27.84 -42.16
C PRO A 454 -0.16 -28.99 -41.27
N LYS A 455 -1.02 -30.00 -41.12
CA LYS A 455 -0.70 -31.20 -40.35
C LYS A 455 -0.97 -32.49 -41.13
N GLY A 529 -9.02 -26.52 -49.19
CA GLY A 529 -9.25 -26.22 -47.79
C GLY A 529 -8.30 -26.93 -46.83
N PHE A 530 -8.24 -26.46 -45.57
CA PHE A 530 -7.35 -27.03 -44.56
C PHE A 530 -8.13 -27.90 -43.57
N SER A 531 -7.41 -28.86 -42.99
CA SER A 531 -7.99 -29.84 -42.08
C SER A 531 -8.44 -29.21 -40.76
N ARG A 532 -9.42 -29.84 -40.11
CA ARG A 532 -9.82 -29.40 -38.76
C ARG A 532 -8.62 -29.34 -37.84
N GLU A 533 -7.81 -30.40 -37.84
CA GLU A 533 -6.65 -30.46 -36.97
C GLU A 533 -5.62 -29.41 -37.32
N THR A 534 -5.55 -29.03 -38.60
CA THR A 534 -4.63 -27.96 -38.99
C THR A 534 -5.09 -26.61 -38.46
N LEU A 535 -6.39 -26.33 -38.57
CA LEU A 535 -6.90 -25.07 -38.04
C LEU A 535 -6.78 -25.02 -36.53
N GLN A 536 -7.08 -26.15 -35.87
CA GLN A 536 -7.01 -26.16 -34.41
C GLN A 536 -5.57 -25.96 -33.94
N ALA A 537 -4.61 -26.53 -34.66
CA ALA A 537 -3.22 -26.35 -34.30
C ALA A 537 -2.75 -24.93 -34.57
N TRP A 538 -3.27 -24.27 -35.62
CA TRP A 538 -2.95 -22.86 -35.82
C TRP A 538 -3.60 -21.98 -34.75
N ALA A 539 -4.86 -22.23 -34.42
CA ALA A 539 -5.55 -21.45 -33.40
C ALA A 539 -4.87 -21.60 -32.04
N ASP A 540 -4.40 -22.81 -31.72
CA ASP A 540 -3.71 -23.03 -30.44
C ASP A 540 -2.47 -22.16 -30.30
N MET A 541 -1.77 -21.87 -31.40
CA MET A 541 -0.57 -21.05 -31.37
C MET A 541 -0.82 -19.57 -31.60
N TYR A 542 -1.88 -19.18 -32.31
CA TYR A 542 -1.98 -17.78 -32.72
C TYR A 542 -3.33 -17.12 -32.46
N ASP A 543 -4.34 -17.86 -32.03
CA ASP A 543 -5.63 -17.25 -31.74
C ASP A 543 -5.57 -16.48 -30.42
N LEU A 544 -5.93 -15.20 -30.48
CA LEU A 544 -5.90 -14.32 -29.32
C LEU A 544 -7.30 -13.94 -28.85
N SER A 545 -8.28 -14.80 -29.08
CA SER A 545 -9.66 -14.45 -28.80
C SER A 545 -10.12 -14.81 -27.39
N ASN A 546 -9.33 -15.55 -26.60
CA ASN A 546 -9.72 -15.97 -25.25
C ASN A 546 -8.67 -15.61 -24.18
N PRO A 547 -8.94 -14.64 -23.31
CA PRO A 547 -7.93 -14.28 -22.28
C PRO A 547 -7.58 -15.41 -21.34
N VAL A 548 -8.47 -16.40 -21.21
CA VAL A 548 -8.27 -17.58 -20.38
C VAL A 548 -7.77 -18.78 -21.19
N GLY A 549 -7.54 -18.62 -22.48
CA GLY A 549 -6.89 -19.66 -23.25
C GLY A 549 -5.42 -19.87 -22.88
N LEU A 550 -4.81 -20.83 -23.58
CA LEU A 550 -3.38 -21.14 -23.52
C LEU A 550 -2.76 -21.14 -24.90
N ILE A 551 -1.85 -20.19 -25.14
CA ILE A 551 -1.15 -20.07 -26.41
C ILE A 551 0.05 -21.02 -26.39
N LYS A 552 0.05 -22.01 -27.28
CA LYS A 552 1.20 -22.90 -27.33
C LYS A 552 2.40 -22.18 -27.94
N ALA A 553 3.59 -22.48 -27.41
CA ALA A 553 4.82 -21.92 -27.93
C ALA A 553 4.91 -22.10 -29.44
N HIS A 554 5.43 -21.08 -30.13
CA HIS A 554 5.62 -21.18 -31.58
C HIS A 554 6.85 -22.01 -31.93
N ARG A 555 7.88 -22.01 -31.11
CA ARG A 555 8.94 -22.99 -31.20
C ARG A 555 9.23 -23.51 -29.82
N SER A 556 9.44 -24.83 -29.74
CA SER A 556 9.66 -25.55 -28.51
C SER A 556 10.89 -26.40 -28.73
N LEU A 557 12.00 -26.08 -28.06
CA LEU A 557 13.25 -26.81 -28.24
C LEU A 557 13.62 -27.59 -26.99
N ALA A 558 14.01 -28.85 -27.20
CA ALA A 558 14.36 -29.77 -26.13
C ALA A 558 15.81 -29.63 -25.73
N ILE A 559 16.07 -29.82 -24.43
CA ILE A 559 17.38 -29.71 -23.81
C ILE A 559 17.84 -31.10 -23.36
N ASP A 560 19.09 -31.46 -23.63
CA ASP A 560 19.60 -32.76 -23.21
C ASP A 560 19.65 -32.84 -21.69
N GLY A 561 19.10 -33.91 -21.12
CA GLY A 561 19.14 -34.09 -19.69
C GLY A 561 18.14 -33.20 -18.96
N ALA A 562 18.17 -33.31 -17.64
CA ALA A 562 17.20 -32.64 -16.78
C ALA A 562 17.67 -31.22 -16.50
N PHE A 563 16.84 -30.24 -16.85
CA PHE A 563 17.24 -28.84 -16.82
C PHE A 563 16.08 -28.01 -16.34
N VAL A 564 16.38 -27.05 -15.45
CA VAL A 564 15.41 -26.07 -15.00
C VAL A 564 15.91 -24.69 -15.38
N GLY A 565 15.12 -23.97 -16.18
CA GLY A 565 15.51 -22.63 -16.55
C GLY A 565 15.36 -21.66 -15.39
N ARG A 566 16.32 -20.74 -15.27
CA ARG A 566 16.24 -19.68 -14.29
C ARG A 566 16.10 -18.30 -14.91
N GLN A 567 16.69 -18.07 -16.07
CA GLN A 567 16.73 -16.73 -16.64
C GLN A 567 17.08 -16.83 -18.12
N VAL A 568 16.57 -15.87 -18.89
CA VAL A 568 16.82 -15.77 -20.32
C VAL A 568 17.34 -14.35 -20.60
N GLY A 569 18.32 -14.26 -21.50
CA GLY A 569 18.81 -12.98 -21.97
C GLY A 569 19.02 -12.93 -23.47
N TRP A 570 18.78 -11.75 -24.06
CA TRP A 570 18.93 -11.53 -25.49
C TRP A 570 20.05 -10.53 -25.80
N SER A 571 20.80 -10.80 -26.88
CA SER A 571 21.81 -9.85 -27.34
C SER A 571 21.13 -8.64 -27.99
N PRO A 572 21.82 -7.49 -28.05
CA PRO A 572 21.21 -6.28 -28.64
C PRO A 572 20.53 -6.49 -30.00
N GLU A 573 21.17 -7.19 -30.92
CA GLU A 573 20.60 -7.39 -32.25
C GLU A 573 19.71 -8.61 -32.33
N GLY A 574 19.53 -9.33 -31.23
CA GLY A 574 18.59 -10.43 -31.19
C GLY A 574 19.05 -11.69 -31.90
N GLU A 575 20.31 -11.77 -32.33
CA GLU A 575 20.78 -12.98 -33.00
C GLU A 575 21.18 -14.07 -32.00
N TRP A 576 21.40 -13.72 -30.73
CA TRP A 576 21.74 -14.68 -29.69
C TRP A 576 20.71 -14.64 -28.57
N CYS A 577 20.30 -15.81 -28.10
CA CYS A 577 19.45 -15.94 -26.92
C CYS A 577 20.09 -16.96 -25.98
N VAL A 578 20.33 -16.55 -24.74
CA VAL A 578 21.04 -17.38 -23.77
C VAL A 578 20.08 -17.76 -22.65
N VAL A 579 20.03 -19.05 -22.33
CA VAL A 579 19.23 -19.57 -21.23
C VAL A 579 20.18 -20.21 -20.23
N VAL A 580 20.03 -19.85 -18.94
CA VAL A 580 20.88 -20.40 -17.91
C VAL A 580 20.03 -20.96 -16.79
N GLY A 581 20.55 -21.99 -16.12
CA GLY A 581 19.84 -22.68 -15.07
C GLY A 581 20.68 -23.68 -14.31
N ASN A 582 20.05 -24.77 -13.85
CA ASN A 582 20.67 -25.61 -12.83
C ASN A 582 21.79 -26.47 -13.43
N GLY A 583 22.65 -26.96 -12.55
CA GLY A 583 23.87 -27.64 -12.98
C GLY A 583 24.92 -26.72 -13.55
N ASN A 584 24.79 -25.42 -13.30
CA ASN A 584 25.64 -24.37 -13.89
C ASN A 584 25.74 -24.54 -15.41
N ARG A 585 24.58 -24.57 -16.06
CA ARG A 585 24.51 -24.77 -17.49
C ARG A 585 24.06 -23.50 -18.18
N ALA A 586 24.68 -23.21 -19.32
CA ALA A 586 24.20 -22.17 -20.20
C ALA A 586 23.88 -22.80 -21.56
N LEU A 587 22.71 -22.48 -22.08
CA LEU A 587 22.30 -22.84 -23.42
C LEU A 587 22.32 -21.58 -24.26
N ILE A 588 23.02 -21.60 -25.39
CA ILE A 588 23.20 -20.43 -26.23
C ILE A 588 22.53 -20.68 -27.57
N TYR A 589 21.38 -20.06 -27.79
CA TYR A 589 20.69 -20.19 -29.06
C TYR A 589 21.06 -19.05 -30.00
N GLN A 590 21.03 -19.34 -31.29
CA GLN A 590 21.35 -18.35 -32.30
C GLN A 590 20.32 -18.41 -33.41
N ARG A 591 20.11 -17.26 -34.06
CA ARG A 591 19.45 -17.19 -35.35
C ARG A 591 20.26 -16.25 -36.22
N TRP A 592 20.00 -16.29 -37.52
CA TRP A 592 20.73 -15.47 -38.49
C TRP A 592 22.22 -15.76 -38.45
N GLY A 593 22.58 -17.02 -38.21
CA GLY A 593 23.98 -17.37 -38.13
C GLY A 593 24.69 -17.16 -39.45
N LYS A 594 26.01 -17.38 -39.47
CA LYS A 594 26.76 -17.25 -40.71
C LYS A 594 27.51 -18.52 -41.08
N GLU A 595 27.28 -19.61 -40.34
CA GLU A 595 27.84 -20.92 -40.65
C GLU A 595 27.56 -21.29 -42.10
N ARG A 596 28.52 -22.00 -42.72
CA ARG A 596 28.50 -22.21 -44.17
C ARG A 596 28.64 -23.66 -44.61
N GLY A 597 29.56 -24.43 -44.04
CA GLY A 597 29.67 -25.82 -44.51
C GLY A 597 30.64 -26.76 -43.81
N LEU A 598 30.56 -26.84 -42.48
CA LEU A 598 31.36 -27.73 -41.63
C LEU A 598 32.85 -27.39 -41.64
N GLY A 599 33.55 -27.73 -40.56
CA GLY A 599 34.95 -27.40 -40.41
C GLY A 599 35.65 -28.26 -39.37
N SER A 600 35.45 -29.57 -39.47
CA SER A 600 36.05 -30.54 -38.57
C SER A 600 37.42 -31.00 -39.07
N THR B 14 -41.45 -11.34 -32.15
CA THR B 14 -42.40 -10.52 -31.39
C THR B 14 -42.79 -11.17 -30.05
N GLU B 15 -43.43 -12.33 -30.06
CA GLU B 15 -43.68 -13.04 -28.80
C GLU B 15 -42.53 -14.01 -28.53
N TRP B 16 -41.81 -13.74 -27.45
CA TRP B 16 -40.56 -14.43 -27.16
C TRP B 16 -40.80 -15.62 -26.24
N THR B 17 -39.76 -16.45 -26.15
CA THR B 17 -39.69 -17.61 -25.26
C THR B 17 -38.28 -17.66 -24.68
N VAL B 18 -38.11 -18.46 -23.63
CA VAL B 18 -36.76 -18.61 -23.09
C VAL B 18 -35.81 -19.14 -24.15
N ASP B 19 -36.27 -20.09 -24.96
CA ASP B 19 -35.45 -20.66 -26.03
C ASP B 19 -35.07 -19.61 -27.07
N LYS B 20 -36.05 -18.80 -27.50
CA LYS B 20 -35.77 -17.82 -28.56
C LYS B 20 -34.76 -16.79 -28.11
N ILE B 21 -34.87 -16.29 -26.88
CA ILE B 21 -33.92 -15.29 -26.39
C ILE B 21 -32.57 -15.93 -26.09
N ALA B 22 -32.59 -17.14 -25.52
CA ALA B 22 -31.34 -17.88 -25.32
C ALA B 22 -30.60 -18.04 -26.64
N SER B 23 -31.32 -18.47 -27.67
CA SER B 23 -30.75 -18.56 -29.02
C SER B 23 -30.14 -17.25 -29.46
N ALA B 24 -30.82 -16.14 -29.20
CA ALA B 24 -30.36 -14.83 -29.66
C ALA B 24 -29.14 -14.36 -28.89
N LEU B 25 -29.09 -14.66 -27.59
CA LEU B 25 -27.92 -14.31 -26.78
C LEU B 25 -26.68 -15.04 -27.26
N SER B 26 -26.83 -16.31 -27.66
CA SER B 26 -25.69 -17.08 -28.16
C SER B 26 -25.08 -16.42 -29.39
N VAL B 27 -25.93 -15.89 -30.26
CA VAL B 27 -25.43 -15.23 -31.47
C VAL B 27 -24.78 -13.90 -31.12
N LEU B 28 -25.40 -13.13 -30.22
CA LEU B 28 -24.76 -11.90 -29.77
C LEU B 28 -23.46 -12.18 -29.02
N ALA B 29 -23.40 -13.29 -28.29
CA ALA B 29 -22.22 -13.59 -27.49
C ALA B 29 -20.99 -13.81 -28.35
N GLU B 30 -21.19 -14.10 -29.64
CA GLU B 30 -20.06 -14.35 -30.52
C GLU B 30 -19.22 -13.12 -30.76
N GLU B 31 -19.75 -11.93 -30.50
CA GLU B 31 -18.95 -10.74 -30.71
C GLU B 31 -17.93 -10.52 -29.59
N VAL B 32 -18.06 -11.21 -28.46
CA VAL B 32 -17.14 -11.04 -27.32
C VAL B 32 -15.73 -11.56 -27.67
N PRO B 33 -15.56 -12.82 -28.11
CA PRO B 33 -14.21 -13.23 -28.52
C PRO B 33 -13.69 -12.44 -29.69
N GLN B 34 -14.55 -12.10 -30.65
CA GLN B 34 -14.10 -11.29 -31.78
C GLN B 34 -13.49 -9.98 -31.31
N ASN B 35 -14.22 -9.24 -30.46
CA ASN B 35 -13.67 -7.99 -29.95
C ASN B 35 -12.39 -8.21 -29.17
N HIS B 36 -12.32 -9.31 -28.41
CA HIS B 36 -11.14 -9.54 -27.61
C HIS B 36 -9.92 -9.69 -28.50
N SER B 37 -10.03 -10.53 -29.53
CA SER B 37 -8.94 -10.69 -30.49
C SER B 37 -8.56 -9.35 -31.11
N ARG B 38 -9.55 -8.54 -31.50
CA ARG B 38 -9.24 -7.24 -32.09
C ARG B 38 -8.46 -6.37 -31.11
N LEU B 39 -8.84 -6.42 -29.83
CA LEU B 39 -8.23 -5.54 -28.84
C LEU B 39 -6.79 -5.96 -28.58
N VAL B 40 -6.55 -7.25 -28.34
CA VAL B 40 -5.21 -7.71 -28.02
C VAL B 40 -4.27 -7.47 -29.18
N ASN B 41 -4.75 -7.76 -30.39
CA ASN B 41 -3.93 -7.50 -31.57
C ASN B 41 -3.65 -6.01 -31.73
N PHE B 42 -4.67 -5.17 -31.52
CA PHE B 42 -4.47 -3.72 -31.52
C PHE B 42 -3.39 -3.32 -30.52
N LEU B 43 -3.49 -3.83 -29.29
CA LEU B 43 -2.52 -3.41 -28.27
C LEU B 43 -1.13 -3.97 -28.57
N LEU B 44 -1.05 -5.19 -29.13
CA LEU B 44 0.24 -5.75 -29.52
C LEU B 44 0.89 -4.93 -30.65
N GLU B 45 0.09 -4.51 -31.64
CA GLU B 45 0.61 -3.65 -32.71
C GLU B 45 1.06 -2.30 -32.16
N GLU B 46 0.25 -1.69 -31.27
CA GLU B 46 0.63 -0.40 -30.71
C GLU B 46 1.93 -0.50 -29.94
N THR B 47 2.11 -1.60 -29.19
CA THR B 47 3.31 -1.77 -28.38
C THR B 47 4.53 -1.99 -29.24
N GLU B 48 4.42 -2.84 -30.27
CA GLU B 48 5.53 -3.04 -31.19
C GLU B 48 5.98 -1.71 -31.80
N LYS B 49 5.01 -0.88 -32.22
CA LYS B 49 5.34 0.43 -32.78
C LYS B 49 6.10 1.31 -31.77
N ARG B 50 5.82 1.18 -30.47
CA ARG B 50 6.41 2.02 -29.44
C ARG B 50 7.66 1.40 -28.82
N ALA B 51 8.44 0.68 -29.60
CA ALA B 51 9.63 0.02 -29.07
C ALA B 51 10.73 1.05 -28.78
N PRO B 52 11.40 0.95 -27.63
CA PRO B 52 12.31 2.01 -27.19
C PRO B 52 13.67 1.93 -27.88
N GLN B 53 14.15 3.07 -28.34
CA GLN B 53 15.51 3.14 -28.88
C GLN B 53 16.52 2.93 -27.75
N PRO B 54 17.61 2.20 -28.01
CA PRO B 54 18.59 1.93 -26.93
C PRO B 54 19.39 3.18 -26.57
N ARG B 55 19.59 3.36 -25.28
CA ARG B 55 20.09 4.63 -24.75
C ARG B 55 21.40 4.45 -24.02
N HIS B 56 22.10 5.58 -23.84
CA HIS B 56 23.36 5.65 -23.12
C HIS B 56 24.43 4.73 -23.72
N LEU B 57 24.41 4.57 -25.04
CA LEU B 57 25.43 3.76 -25.70
C LEU B 57 26.78 4.43 -25.55
N SER B 58 27.80 3.62 -25.25
CA SER B 58 29.16 4.12 -25.27
C SER B 58 29.64 4.30 -26.70
N LYS B 59 30.60 5.19 -26.87
CA LYS B 59 31.07 5.42 -28.23
C LYS B 59 32.07 4.36 -28.67
N THR B 60 32.61 3.56 -27.75
CA THR B 60 33.54 2.50 -28.11
C THR B 60 33.15 1.24 -27.34
N ASP B 61 33.54 0.09 -27.88
CA ASP B 61 33.28 -1.19 -27.22
C ASP B 61 34.20 -1.37 -26.01
N PRO B 62 33.70 -1.25 -24.78
CA PRO B 62 34.59 -1.31 -23.60
C PRO B 62 35.25 -2.66 -23.40
N PHE B 63 34.76 -3.72 -24.02
CA PHE B 63 35.35 -5.05 -23.86
C PHE B 63 36.30 -5.39 -24.98
N ALA B 64 36.54 -4.47 -25.92
CA ALA B 64 37.26 -4.83 -27.15
C ALA B 64 38.68 -5.31 -26.86
N HIS B 65 39.32 -4.78 -25.83
CA HIS B 65 40.70 -5.12 -25.55
C HIS B 65 40.87 -6.45 -24.82
N MET B 66 39.79 -7.09 -24.35
CA MET B 66 39.92 -8.29 -23.51
C MET B 66 39.84 -9.59 -24.31
N LYS B 67 40.84 -10.45 -24.11
CA LYS B 67 40.90 -11.71 -24.85
C LYS B 67 40.41 -12.86 -23.97
N SER B 68 40.20 -14.02 -24.59
CA SER B 68 39.80 -15.23 -23.87
C SER B 68 40.81 -15.57 -22.79
N LYS B 69 40.33 -15.83 -21.58
CA LYS B 69 41.21 -16.17 -20.47
C LYS B 69 41.50 -17.68 -20.41
N ALA B 70 41.07 -18.44 -21.40
CA ALA B 70 41.32 -19.89 -21.40
C ALA B 70 42.81 -20.16 -21.32
N ILE B 71 43.21 -21.07 -20.44
CA ILE B 71 44.62 -21.36 -20.22
C ILE B 71 45.18 -22.21 -21.36
N ASP B 72 46.43 -21.92 -21.75
CA ASP B 72 47.16 -22.64 -22.79
C ASP B 72 47.92 -23.83 -22.23
N ALA B 73 48.05 -24.88 -23.04
CA ALA B 73 48.89 -26.03 -22.69
C ALA B 73 50.37 -25.67 -22.61
N ASN B 74 50.79 -24.55 -23.19
CA ASN B 74 52.17 -24.10 -23.10
C ASN B 74 52.31 -22.94 -22.12
N PRO B 78 49.94 -20.07 -14.97
CA PRO B 78 48.76 -19.86 -14.10
C PRO B 78 49.06 -20.25 -12.65
N GLU B 79 50.33 -20.13 -12.25
CA GLU B 79 50.86 -20.78 -11.05
C GLU B 79 50.42 -20.05 -9.78
N GLY B 80 49.72 -20.77 -8.88
CA GLY B 80 49.21 -20.22 -7.64
C GLY B 80 47.81 -19.63 -7.71
N VAL B 81 47.30 -19.36 -8.91
CA VAL B 81 46.02 -18.70 -9.10
C VAL B 81 44.91 -19.75 -9.02
N PRO B 82 43.80 -19.48 -8.34
CA PRO B 82 42.66 -20.39 -8.42
C PRO B 82 42.16 -20.56 -9.85
N THR B 83 41.60 -21.73 -10.11
CA THR B 83 41.19 -22.14 -11.46
C THR B 83 39.82 -22.82 -11.43
N MET B 84 38.97 -22.50 -12.41
CA MET B 84 37.70 -23.18 -12.65
C MET B 84 37.67 -23.81 -14.04
N ASP B 85 36.85 -24.86 -14.20
CA ASP B 85 36.69 -25.57 -15.47
C ASP B 85 35.35 -25.21 -16.15
N VAL B 86 35.36 -25.17 -17.48
CA VAL B 86 34.15 -25.02 -18.29
C VAL B 86 34.24 -25.99 -19.47
N LYS B 87 33.16 -26.71 -19.74
CA LYS B 87 33.12 -27.67 -20.84
C LYS B 87 32.10 -27.21 -21.88
N PHE B 88 32.55 -27.05 -23.12
CA PHE B 88 31.71 -26.54 -24.20
C PHE B 88 31.33 -27.66 -25.15
N LYS B 89 30.05 -27.71 -25.54
CA LYS B 89 29.60 -28.47 -26.70
C LYS B 89 29.05 -27.51 -27.74
N GLN B 90 29.28 -27.81 -29.02
CA GLN B 90 28.65 -27.08 -30.11
C GLN B 90 27.50 -27.89 -30.71
N HIS B 91 26.52 -27.17 -31.26
CA HIS B 91 25.30 -27.80 -31.73
C HIS B 91 24.98 -27.30 -33.14
N SER B 92 24.23 -28.11 -33.87
CA SER B 92 23.81 -27.74 -35.22
C SER B 92 22.50 -28.43 -35.53
N GLY B 93 21.87 -27.98 -36.60
CA GLY B 93 20.67 -28.64 -37.07
C GLY B 93 19.44 -28.21 -36.30
N GLU B 94 18.35 -28.88 -36.63
CA GLU B 94 17.05 -28.48 -36.15
C GLU B 94 16.76 -29.02 -34.75
N TYR B 95 17.35 -30.15 -34.37
CA TYR B 95 17.07 -30.75 -33.07
C TYR B 95 18.21 -30.54 -32.08
N GLY B 96 19.20 -29.72 -32.43
CA GLY B 96 20.31 -29.45 -31.53
C GLY B 96 21.28 -30.60 -31.35
N LYS B 97 21.48 -31.43 -32.37
CA LYS B 97 22.46 -32.50 -32.26
C LYS B 97 23.84 -31.92 -32.00
N SER B 98 24.55 -32.47 -31.03
CA SER B 98 25.89 -32.00 -30.70
C SER B 98 26.91 -32.61 -31.65
N ARG B 99 27.91 -31.79 -32.02
CA ARG B 99 28.91 -32.23 -32.99
C ARG B 99 29.80 -33.35 -32.43
N ASN B 100 30.02 -33.37 -31.12
CA ASN B 100 30.85 -34.37 -30.45
C ASN B 100 30.62 -34.22 -28.94
N SER B 101 31.50 -34.85 -28.15
CA SER B 101 31.29 -34.96 -26.71
C SER B 101 31.63 -33.68 -25.93
N GLY B 102 32.32 -32.73 -26.56
CA GLY B 102 32.68 -31.50 -25.90
C GLY B 102 34.15 -31.41 -25.55
N ARG B 103 34.53 -30.23 -25.07
CA ARG B 103 35.92 -29.91 -24.74
C ARG B 103 35.95 -28.99 -23.52
N ARG B 104 36.87 -29.26 -22.61
CA ARG B 104 36.98 -28.57 -21.34
C ARG B 104 38.20 -27.67 -21.34
N PHE B 105 38.09 -26.51 -20.66
CA PHE B 105 39.20 -25.56 -20.57
C PHE B 105 39.29 -25.02 -19.15
N GLN B 106 40.53 -24.70 -18.74
CA GLN B 106 40.81 -24.11 -17.43
C GLN B 106 40.84 -22.59 -17.55
N TYR B 107 40.23 -21.93 -16.55
CA TYR B 107 40.12 -20.49 -16.51
C TYR B 107 40.61 -19.97 -15.15
N PRO B 108 41.48 -18.96 -15.12
CA PRO B 108 41.84 -18.32 -13.86
C PRO B 108 40.67 -17.55 -13.30
N VAL B 109 40.67 -17.37 -11.98
CA VAL B 109 39.59 -16.72 -11.27
C VAL B 109 40.13 -15.47 -10.60
N VAL B 110 39.44 -14.35 -10.82
CA VAL B 110 39.71 -13.12 -10.08
C VAL B 110 38.84 -13.14 -8.83
N CYS B 111 39.47 -13.16 -7.66
CA CYS B 111 38.77 -13.19 -6.39
C CYS B 111 38.65 -11.78 -5.83
N ILE B 112 37.42 -11.31 -5.65
CA ILE B 112 37.18 -9.97 -5.09
C ILE B 112 36.36 -10.09 -3.82
N LYS B 113 36.87 -9.51 -2.73
CA LYS B 113 36.23 -9.44 -1.42
C LYS B 113 35.39 -8.17 -1.29
N PRO B 114 34.25 -8.24 -0.62
CA PRO B 114 33.50 -7.02 -0.29
C PRO B 114 34.19 -6.22 0.81
N ASP B 115 33.93 -4.91 0.82
CA ASP B 115 34.54 -4.01 1.78
C ASP B 115 33.63 -3.64 2.93
N ARG B 116 32.39 -4.09 2.92
CA ARG B 116 31.40 -3.67 3.89
C ARG B 116 30.52 -4.84 4.26
N GLU B 117 30.19 -4.96 5.52
CA GLU B 117 29.30 -5.92 6.13
C GLU B 117 27.85 -5.45 6.06
N PRO B 118 26.88 -6.34 5.92
CA PRO B 118 25.48 -5.89 5.88
C PRO B 118 25.08 -5.37 7.25
N VAL B 119 24.06 -4.52 7.24
CA VAL B 119 23.46 -4.03 8.49
C VAL B 119 22.76 -5.21 9.15
N PRO B 120 22.51 -5.16 10.46
CA PRO B 120 21.71 -6.21 11.10
C PRO B 120 20.38 -6.38 10.40
N PRO B 121 19.79 -7.57 10.47
CA PRO B 121 18.61 -7.86 9.64
C PRO B 121 17.34 -7.23 10.19
N TYR B 122 16.34 -7.11 9.30
CA TYR B 122 15.06 -6.53 9.63
C TYR B 122 14.03 -6.90 8.58
N ARG B 123 12.74 -6.83 8.95
CA ARG B 123 11.67 -6.99 7.97
C ARG B 123 10.76 -5.76 7.95
N PHE B 124 10.40 -5.33 6.72
CA PHE B 124 9.62 -4.12 6.37
C PHE B 124 10.41 -2.83 6.57
N HIS B 125 9.95 -1.75 5.93
CA HIS B 125 10.49 -0.44 6.23
C HIS B 125 9.93 0.07 7.55
N HIS B 126 10.83 0.34 8.50
CA HIS B 126 10.44 0.82 9.82
C HIS B 126 10.31 2.33 9.75
N ALA B 127 9.08 2.82 9.92
CA ALA B 127 8.77 4.25 9.86
C ALA B 127 8.37 4.79 11.24
N GLU B 128 8.69 6.06 11.47
CA GLU B 128 8.45 6.73 12.75
C GLU B 128 7.04 7.29 12.83
N ILE B 129 6.40 7.14 13.97
CA ILE B 129 5.13 7.83 14.21
C ILE B 129 5.21 8.58 15.54
N ARG B 130 4.54 9.74 15.58
CA ARG B 130 4.60 10.59 16.78
C ARG B 130 3.75 10.01 17.91
N LYS B 131 2.61 9.44 17.58
CA LYS B 131 1.68 8.84 18.53
C LYS B 131 1.21 7.52 17.97
N ASN B 132 0.59 6.71 18.84
CA ASN B 132 -0.02 5.46 18.39
C ASN B 132 -1.04 5.72 17.29
N ILE B 133 -1.10 4.81 16.33
CA ILE B 133 -2.09 4.88 15.28
C ILE B 133 -2.97 3.64 15.35
N LEU B 134 -4.21 3.82 14.91
CA LEU B 134 -5.22 2.77 14.98
C LEU B 134 -5.27 2.02 13.66
N ALA B 135 -5.21 0.70 13.72
CA ALA B 135 -5.18 -0.18 12.56
C ALA B 135 -6.57 -0.74 12.28
N LEU B 136 -6.81 -1.05 11.01
CA LEU B 136 -7.94 -1.90 10.63
C LEU B 136 -7.55 -3.37 10.75
N ASN B 137 -8.56 -4.23 10.91
CA ASN B 137 -8.31 -5.65 10.89
C ASN B 137 -8.03 -6.11 9.46
N SER B 138 -6.93 -6.85 9.28
CA SER B 138 -6.60 -7.40 7.97
C SER B 138 -7.19 -8.79 7.80
N GLN B 139 -7.24 -9.24 6.56
CA GLN B 139 -7.59 -10.63 6.25
C GLN B 139 -6.33 -11.47 6.13
N LEU B 140 -6.47 -12.76 6.44
CA LEU B 140 -5.42 -13.76 6.21
C LEU B 140 -5.61 -14.30 4.80
N ASN B 141 -4.90 -13.72 3.83
CA ASN B 141 -4.96 -14.17 2.44
C ASN B 141 -3.72 -14.95 2.01
N PHE B 142 -2.67 -14.94 2.81
CA PHE B 142 -1.40 -15.54 2.48
C PHE B 142 -0.70 -15.93 3.78
N VAL B 143 -0.14 -17.15 3.82
CA VAL B 143 0.59 -17.64 4.98
C VAL B 143 1.90 -18.26 4.50
N PRO B 144 3.07 -17.79 4.95
CA PRO B 144 4.33 -18.34 4.43
C PRO B 144 4.41 -19.84 4.64
N HIS B 145 5.03 -20.51 3.67
CA HIS B 145 4.98 -21.98 3.60
C HIS B 145 6.31 -22.57 3.17
N LYS B 176 -10.58 -19.34 9.54
CA LYS B 176 -10.39 -17.94 9.21
C LYS B 176 -10.24 -17.73 7.70
N ILE B 177 -9.41 -18.58 7.04
CA ILE B 177 -9.13 -18.45 5.61
C ILE B 177 -10.26 -19.07 4.79
N GLN B 178 -10.49 -18.51 3.56
CA GLN B 178 -11.44 -19.07 2.60
C GLN B 178 -10.76 -20.16 1.78
N PRO B 179 -11.46 -21.26 1.48
CA PRO B 179 -10.83 -22.34 0.70
C PRO B 179 -10.35 -21.85 -0.65
N ARG B 180 -9.10 -22.18 -0.99
CA ARG B 180 -8.51 -21.65 -2.22
C ARG B 180 -9.37 -21.97 -3.43
N SER B 181 -10.11 -23.08 -3.39
CA SER B 181 -11.00 -23.40 -4.51
C SER B 181 -12.06 -22.33 -4.70
N GLN B 182 -12.64 -21.84 -3.59
CA GLN B 182 -13.61 -20.74 -3.71
C GLN B 182 -12.93 -19.43 -4.11
N LYS B 183 -11.75 -19.16 -3.56
CA LYS B 183 -10.90 -18.08 -4.05
C LYS B 183 -10.77 -18.15 -5.57
N ILE B 184 -10.20 -19.24 -6.07
CA ILE B 184 -9.95 -19.38 -7.51
C ILE B 184 -11.25 -19.19 -8.29
N ALA B 185 -12.35 -19.76 -7.82
CA ALA B 185 -13.54 -19.80 -8.65
C ALA B 185 -14.24 -18.45 -8.71
N LYS B 186 -14.36 -17.75 -7.57
CA LYS B 186 -14.96 -16.42 -7.57
C LYS B 186 -14.17 -15.46 -8.44
N ARG B 187 -12.84 -15.59 -8.45
CA ARG B 187 -12.00 -14.70 -9.27
C ARG B 187 -12.29 -14.88 -10.76
N ALA B 188 -12.36 -16.14 -11.20
CA ALA B 188 -12.75 -16.46 -12.58
C ALA B 188 -14.10 -15.84 -12.92
N GLN B 189 -15.07 -15.99 -12.03
CA GLN B 189 -16.41 -15.46 -12.27
C GLN B 189 -16.45 -13.94 -12.21
N ALA B 190 -15.69 -13.34 -11.30
CA ALA B 190 -15.57 -11.89 -11.28
C ALA B 190 -15.05 -11.37 -12.61
N GLU B 191 -13.98 -11.98 -13.12
CA GLU B 191 -13.38 -11.49 -14.36
C GLU B 191 -14.34 -11.65 -15.53
N TYR B 192 -15.05 -12.78 -15.58
CA TYR B 192 -16.01 -12.99 -16.66
C TYR B 192 -17.18 -12.01 -16.55
N ALA B 193 -17.69 -11.78 -15.34
CA ALA B 193 -18.76 -10.80 -15.15
C ALA B 193 -18.34 -9.42 -15.63
N ALA B 194 -17.08 -9.06 -15.40
CA ALA B 194 -16.59 -7.75 -15.84
C ALA B 194 -16.46 -7.69 -17.35
N THR B 195 -16.11 -8.82 -17.97
CA THR B 195 -16.10 -8.89 -19.42
C THR B 195 -17.50 -8.71 -19.99
N LEU B 196 -18.50 -9.36 -19.37
CA LEU B 196 -19.86 -9.38 -19.93
C LEU B 196 -20.65 -8.12 -19.62
N ALA B 197 -20.37 -7.45 -18.50
CA ALA B 197 -21.15 -6.29 -18.07
C ALA B 197 -21.35 -5.24 -19.16
N PRO B 198 -20.32 -4.83 -19.91
CA PRO B 198 -20.52 -3.74 -20.89
C PRO B 198 -21.37 -4.13 -22.08
N TYR B 199 -21.73 -5.41 -22.22
CA TYR B 199 -22.49 -5.89 -23.37
C TYR B 199 -23.99 -5.88 -23.14
N LEU B 200 -24.44 -5.81 -21.90
CA LEU B 200 -25.85 -6.09 -21.63
C LEU B 200 -26.76 -5.01 -22.19
N GLU B 201 -26.43 -3.73 -21.97
CA GLU B 201 -27.29 -2.68 -22.54
C GLU B 201 -27.24 -2.67 -24.06
N PRO B 202 -26.07 -2.73 -24.73
CA PRO B 202 -26.08 -2.85 -26.20
C PRO B 202 -26.91 -4.02 -26.73
N TRP B 203 -26.81 -5.19 -26.10
CA TRP B 203 -27.62 -6.32 -26.53
C TRP B 203 -29.11 -6.08 -26.26
N LEU B 204 -29.44 -5.50 -25.10
CA LEU B 204 -30.85 -5.23 -24.80
C LEU B 204 -31.43 -4.32 -25.86
N ARG B 205 -30.71 -3.25 -26.19
CA ARG B 205 -31.15 -2.30 -27.21
C ARG B 205 -31.32 -2.97 -28.57
N LYS B 206 -30.46 -3.92 -28.91
CA LYS B 206 -30.62 -4.64 -30.16
C LYS B 206 -31.76 -5.66 -30.09
N LEU B 207 -31.91 -6.38 -28.97
CA LEU B 207 -33.04 -7.30 -28.87
C LEU B 207 -34.36 -6.56 -28.83
N ASN B 208 -34.39 -5.41 -28.14
CA ASN B 208 -35.58 -4.57 -28.01
C ASN B 208 -36.82 -5.38 -27.67
N ILE B 209 -36.83 -6.03 -26.52
CA ILE B 209 -37.97 -6.78 -26.02
C ILE B 209 -38.65 -5.95 -24.95
N GLU B 210 -39.97 -5.78 -25.06
CA GLU B 210 -40.69 -4.99 -24.07
C GLU B 210 -40.42 -5.52 -22.66
N GLY B 211 -39.94 -4.65 -21.78
CA GLY B 211 -39.70 -5.04 -20.41
C GLY B 211 -38.32 -5.60 -20.14
N CYS B 212 -37.49 -5.75 -21.15
CA CYS B 212 -36.12 -6.19 -20.92
C CYS B 212 -35.26 -4.93 -20.87
N THR B 213 -35.21 -4.37 -19.68
CA THR B 213 -34.60 -3.08 -19.40
C THR B 213 -33.63 -3.32 -18.27
N LYS B 214 -32.46 -2.67 -18.30
CA LYS B 214 -31.56 -2.85 -17.19
C LYS B 214 -32.26 -2.58 -15.86
N SER B 215 -33.18 -1.62 -15.83
CA SER B 215 -33.84 -1.29 -14.57
C SER B 215 -34.97 -2.26 -14.26
N ASN B 216 -35.70 -2.72 -15.27
CA ASN B 216 -36.70 -3.74 -15.02
C ASN B 216 -36.07 -5.08 -14.65
N LEU B 217 -34.87 -5.39 -15.17
CA LEU B 217 -34.17 -6.60 -14.78
C LEU B 217 -33.67 -6.52 -13.34
N ILE B 218 -33.34 -5.31 -12.88
CA ILE B 218 -32.96 -5.13 -11.49
C ILE B 218 -34.18 -5.27 -10.59
N ARG B 219 -35.33 -4.79 -11.07
CA ARG B 219 -36.57 -4.93 -10.30
C ARG B 219 -36.97 -6.39 -10.20
N PHE B 220 -36.84 -7.13 -11.30
CA PHE B 220 -37.19 -8.54 -11.24
C PHE B 220 -36.27 -9.29 -10.29
N MET B 221 -34.97 -9.01 -10.39
CA MET B 221 -34.01 -9.65 -9.51
C MET B 221 -34.37 -9.42 -8.05
N ALA B 222 -34.68 -8.18 -7.68
CA ALA B 222 -35.03 -7.86 -6.31
C ALA B 222 -36.27 -8.60 -5.82
N SER B 223 -37.11 -9.09 -6.73
CA SER B 223 -38.35 -9.71 -6.32
C SER B 223 -38.23 -11.22 -6.19
N GLN B 224 -37.15 -11.80 -6.68
CA GLN B 224 -36.93 -13.24 -6.68
C GLN B 224 -36.44 -13.72 -5.32
N PRO B 225 -36.77 -14.97 -4.96
CA PRO B 225 -36.43 -15.47 -3.61
C PRO B 225 -34.95 -15.44 -3.28
N GLU B 226 -34.07 -15.52 -4.27
CA GLU B 226 -32.63 -15.46 -4.02
C GLU B 226 -32.23 -14.16 -3.31
N SER B 227 -33.07 -13.13 -3.40
CA SER B 227 -32.78 -11.83 -2.84
C SER B 227 -33.26 -11.66 -1.40
N ASP B 228 -33.63 -12.76 -0.74
CA ASP B 228 -33.75 -12.79 0.71
C ASP B 228 -32.48 -13.33 1.36
N ASP B 229 -31.86 -14.32 0.72
CA ASP B 229 -30.57 -14.87 1.10
C ASP B 229 -29.41 -14.19 0.37
N SER B 230 -29.66 -12.99 -0.17
CA SER B 230 -28.63 -12.12 -0.72
C SER B 230 -28.79 -10.69 -0.26
N MET B 231 -29.91 -10.34 0.36
CA MET B 231 -30.22 -8.96 0.68
C MET B 231 -30.94 -8.91 2.01
N THR B 232 -30.78 -7.79 2.70
CA THR B 232 -31.36 -7.56 4.01
C THR B 232 -32.24 -6.33 3.95
N PRO B 233 -33.13 -6.14 4.93
CA PRO B 233 -33.96 -4.94 4.95
C PRO B 233 -33.17 -3.65 4.88
N GLN B 234 -33.86 -2.56 4.49
CA GLN B 234 -33.29 -1.25 4.21
C GLN B 234 -32.48 -1.25 2.92
N GLN B 235 -31.91 -2.40 2.55
CA GLN B 235 -31.35 -2.56 1.21
C GLN B 235 -32.47 -2.64 0.16
N LYS B 236 -33.43 -3.55 0.37
CA LYS B 236 -34.63 -3.52 -0.46
C LYS B 236 -35.31 -2.17 -0.38
N SER B 237 -35.22 -1.50 0.76
CA SER B 237 -35.80 -0.16 0.87
C SER B 237 -35.06 0.83 -0.01
N ASN B 238 -33.73 0.70 -0.10
CA ASN B 238 -32.96 1.64 -0.92
C ASN B 238 -33.15 1.36 -2.41
N LEU B 239 -33.24 0.07 -2.80
CA LEU B 239 -33.57 -0.25 -4.19
C LEU B 239 -34.95 0.28 -4.54
N LEU B 240 -35.92 0.02 -3.67
CA LEU B 240 -37.27 0.50 -3.91
C LEU B 240 -37.34 2.02 -4.03
N ASP B 241 -36.36 2.74 -3.45
CA ASP B 241 -36.27 4.18 -3.67
C ASP B 241 -35.93 4.49 -5.13
N THR B 242 -34.95 3.79 -5.68
CA THR B 242 -34.50 4.06 -7.05
C THR B 242 -35.31 3.32 -8.10
N TYR B 243 -35.94 2.19 -7.76
CA TYR B 243 -36.51 1.31 -8.77
C TYR B 243 -37.98 1.00 -8.56
N SER B 244 -38.41 0.85 -7.32
CA SER B 244 -39.79 0.46 -7.01
C SER B 244 -40.09 -0.93 -7.56
N ASP B 245 -41.30 -1.42 -7.34
CA ASP B 245 -41.60 -2.81 -7.65
C ASP B 245 -42.38 -2.99 -8.94
N ASP B 246 -43.15 -1.99 -9.37
CA ASP B 246 -43.89 -2.13 -10.63
C ASP B 246 -42.94 -2.33 -11.78
N MET B 247 -43.19 -3.40 -12.52
CA MET B 247 -42.40 -3.81 -13.66
C MET B 247 -43.15 -3.65 -14.96
N GLY B 248 -44.32 -3.03 -14.95
CA GLY B 248 -45.05 -2.81 -16.18
C GLY B 248 -46.15 -3.78 -16.48
N SER B 249 -46.42 -3.97 -17.77
CA SER B 249 -47.45 -4.86 -18.27
C SER B 249 -47.21 -6.30 -17.78
N PRO B 250 -48.24 -7.16 -17.83
CA PRO B 250 -47.98 -8.59 -17.64
C PRO B 250 -46.92 -9.14 -18.59
N GLN B 251 -46.90 -8.66 -19.84
CA GLN B 251 -45.91 -9.14 -20.80
C GLN B 251 -44.52 -8.61 -20.47
N ALA B 252 -44.45 -7.38 -20.02
CA ALA B 252 -43.17 -6.85 -19.56
C ALA B 252 -42.61 -7.70 -18.44
N VAL B 253 -43.47 -8.16 -17.53
CA VAL B 253 -42.97 -8.96 -16.42
C VAL B 253 -42.59 -10.36 -16.91
N ARG B 254 -43.39 -10.92 -17.80
CA ARG B 254 -43.05 -12.21 -18.37
C ARG B 254 -41.77 -12.12 -19.21
N ASN B 255 -41.59 -11.02 -19.93
CA ASN B 255 -40.39 -10.89 -20.76
C ASN B 255 -39.13 -10.84 -19.91
N ALA B 256 -39.17 -10.11 -18.78
CA ALA B 256 -37.98 -9.96 -17.96
C ALA B 256 -37.60 -11.27 -17.29
N SER B 257 -38.61 -12.07 -16.90
CA SER B 257 -38.36 -13.37 -16.29
C SER B 257 -37.74 -14.32 -17.30
N MET B 258 -38.29 -14.34 -18.50
CA MET B 258 -37.71 -15.18 -19.57
C MET B 258 -36.31 -14.71 -19.94
N PHE B 259 -36.07 -13.39 -19.95
CA PHE B 259 -34.72 -12.93 -20.25
C PHE B 259 -33.74 -13.38 -19.18
N THR B 260 -34.15 -13.35 -17.91
CA THR B 260 -33.25 -13.71 -16.83
C THR B 260 -32.93 -15.21 -16.89
N GLU B 261 -33.95 -16.05 -17.00
CA GLU B 261 -33.73 -17.48 -17.17
C GLU B 261 -32.83 -17.77 -18.36
N ALA B 262 -33.10 -17.11 -19.49
CA ALA B 262 -32.35 -17.38 -20.72
C ALA B 262 -30.89 -16.96 -20.59
N TRP B 263 -30.60 -15.95 -19.75
CA TRP B 263 -29.23 -15.51 -19.57
C TRP B 263 -28.47 -16.45 -18.65
N ASP B 264 -29.13 -16.89 -17.59
CA ASP B 264 -28.50 -17.82 -16.67
C ASP B 264 -28.36 -19.22 -17.29
N ARG B 265 -29.13 -19.49 -18.34
CA ARG B 265 -28.94 -20.73 -19.10
C ARG B 265 -27.74 -20.65 -20.03
N VAL B 266 -27.53 -19.49 -20.66
CA VAL B 266 -26.44 -19.36 -21.62
C VAL B 266 -25.12 -19.03 -20.93
N PHE B 267 -25.15 -18.14 -19.93
CA PHE B 267 -23.91 -17.63 -19.35
C PHE B 267 -23.57 -18.18 -17.97
N ASN B 268 -24.47 -18.92 -17.34
CA ASN B 268 -24.33 -19.43 -15.97
C ASN B 268 -24.50 -20.94 -15.96
N ASP B 269 -24.08 -21.60 -17.04
CA ASP B 269 -24.08 -23.06 -17.11
C ASP B 269 -23.10 -23.61 -16.08
N GLN B 270 -23.62 -24.32 -15.06
CA GLN B 270 -22.79 -24.59 -13.89
C GLN B 270 -21.77 -25.69 -14.12
N SER B 271 -21.72 -26.28 -15.32
CA SER B 271 -20.60 -27.15 -15.68
C SER B 271 -19.29 -26.40 -15.88
N LYS B 272 -19.31 -25.08 -15.90
CA LYS B 272 -18.15 -24.25 -16.19
C LYS B 272 -17.62 -23.57 -14.94
N LEU B 273 -16.31 -23.28 -14.96
CA LEU B 273 -15.78 -22.43 -13.89
C LEU B 273 -16.03 -20.95 -14.21
N ARG B 274 -15.88 -20.57 -15.49
CA ARG B 274 -16.12 -19.20 -15.95
C ARG B 274 -17.58 -19.08 -16.35
N ARG B 275 -18.35 -18.36 -15.54
CA ARG B 275 -19.79 -18.38 -15.63
C ARG B 275 -20.32 -17.24 -14.78
N VAL B 276 -21.36 -16.57 -15.27
CA VAL B 276 -21.93 -15.42 -14.58
C VAL B 276 -23.46 -15.52 -14.62
N ALA B 277 -24.08 -15.39 -13.46
CA ALA B 277 -25.51 -15.16 -13.40
C ALA B 277 -25.81 -13.70 -13.68
N LEU B 278 -26.94 -13.44 -14.36
CA LEU B 278 -27.27 -12.05 -14.67
C LEU B 278 -27.31 -11.21 -13.40
N ARG B 279 -27.84 -11.79 -12.32
CA ARG B 279 -27.84 -11.13 -11.02
C ARG B 279 -26.47 -10.59 -10.64
N ASP B 280 -25.39 -11.33 -10.95
CA ASP B 280 -24.04 -10.90 -10.62
C ASP B 280 -23.60 -9.71 -11.46
N ILE B 281 -24.19 -9.54 -12.64
CA ILE B 281 -23.84 -8.38 -13.46
C ILE B 281 -24.62 -7.15 -13.03
N LEU B 282 -25.88 -7.33 -12.61
CA LEU B 282 -26.68 -6.18 -12.16
C LEU B 282 -26.16 -5.62 -10.84
N MET B 283 -25.59 -6.47 -9.98
CA MET B 283 -24.98 -5.98 -8.74
C MET B 283 -23.80 -5.04 -9.01
N LEU B 284 -23.20 -5.09 -10.19
CA LEU B 284 -22.16 -4.15 -10.54
C LEU B 284 -22.69 -2.76 -10.89
N ASP B 285 -24.00 -2.57 -11.02
CA ASP B 285 -24.51 -1.32 -11.58
C ASP B 285 -24.33 -0.17 -10.60
N LYS B 286 -23.86 0.98 -11.13
CA LYS B 286 -23.46 2.11 -10.31
C LYS B 286 -24.56 2.60 -9.37
N ASN B 287 -25.83 2.33 -9.66
CA ASN B 287 -26.90 2.67 -8.74
C ASN B 287 -27.31 1.53 -7.83
N VAL B 288 -26.71 0.36 -7.98
CA VAL B 288 -27.00 -0.79 -7.14
C VAL B 288 -25.88 -1.03 -6.13
N GLU B 289 -24.64 -1.01 -6.61
CA GLU B 289 -23.47 -1.20 -5.76
C GLU B 289 -23.49 -0.37 -4.47
N PRO B 290 -23.73 0.94 -4.49
CA PRO B 290 -23.71 1.70 -3.23
C PRO B 290 -24.71 1.21 -2.20
N ILE B 291 -25.87 0.70 -2.62
CA ILE B 291 -26.83 0.21 -1.64
C ILE B 291 -26.26 -0.94 -0.83
N PHE B 292 -25.27 -1.64 -1.37
CA PHE B 292 -24.56 -2.70 -0.68
C PHE B 292 -23.14 -2.28 -0.30
N ASP B 293 -22.96 -1.01 0.07
CA ASP B 293 -21.71 -0.48 0.60
C ASP B 293 -22.04 0.16 1.94
N ASN B 294 -21.49 -0.41 3.02
CA ASN B 294 -21.82 -0.02 4.38
C ASN B 294 -20.90 1.09 4.90
N LYS B 295 -20.17 1.77 4.03
CA LYS B 295 -19.32 2.88 4.43
C LYS B 295 -20.18 4.11 4.70
N ARG B 296 -20.77 4.13 5.90
CA ARG B 296 -21.73 5.16 6.27
C ARG B 296 -21.40 5.69 7.65
N ALA B 297 -21.27 7.01 7.74
CA ALA B 297 -20.99 7.65 9.02
C ALA B 297 -22.18 7.55 9.97
N LYS B 298 -23.33 8.04 9.53
CA LYS B 298 -24.53 7.99 10.37
C LYS B 298 -25.57 7.03 9.78
N ALA B 310 -38.90 19.51 17.99
CA ALA B 310 -39.39 20.25 16.83
C ALA B 310 -38.29 21.12 16.24
N LEU B 311 -37.94 22.19 16.95
CA LEU B 311 -36.79 22.99 16.51
C LEU B 311 -35.48 22.24 16.75
N MET B 312 -35.39 21.50 17.86
CA MET B 312 -34.13 20.88 18.23
C MET B 312 -33.77 19.74 17.28
N GLN B 313 -34.77 18.98 16.83
CA GLN B 313 -34.46 17.88 15.93
C GLN B 313 -34.09 18.38 14.54
N LYS B 314 -34.42 19.65 14.22
CA LYS B 314 -33.83 20.30 13.05
C LYS B 314 -32.33 20.49 13.24
N VAL B 315 -31.95 21.04 14.40
CA VAL B 315 -30.55 21.30 14.70
C VAL B 315 -29.80 20.00 14.91
N ILE B 316 -30.42 19.03 15.59
CA ILE B 316 -29.78 17.74 15.82
C ILE B 316 -29.33 17.14 14.51
N ASP B 317 -30.23 17.11 13.53
CA ASP B 317 -29.91 16.55 12.23
C ASP B 317 -28.90 17.42 11.49
N ALA B 318 -28.88 18.72 11.78
CA ALA B 318 -27.95 19.60 11.11
C ALA B 318 -26.51 19.34 11.53
N LEU B 319 -26.28 18.94 12.79
CA LEU B 319 -24.95 18.72 13.32
C LEU B 319 -24.60 17.24 13.44
N GLY B 320 -25.40 16.37 12.82
CA GLY B 320 -25.17 14.93 12.93
C GLY B 320 -23.77 14.48 12.55
N SER B 321 -23.23 15.01 11.44
CA SER B 321 -21.88 14.64 11.04
C SER B 321 -20.85 14.96 12.14
N TYR B 322 -21.03 16.08 12.83
CA TYR B 322 -20.05 16.55 13.81
C TYR B 322 -20.26 15.90 15.17
N THR B 323 -21.52 15.68 15.55
CA THR B 323 -21.78 14.91 16.76
C THR B 323 -21.33 13.46 16.63
N THR B 324 -21.29 12.95 15.41
CA THR B 324 -20.99 11.53 15.15
C THR B 324 -19.51 11.26 14.98
N LEU B 325 -18.82 12.12 14.23
CA LEU B 325 -17.41 11.93 13.86
C LEU B 325 -16.43 12.71 14.73
N GLY B 326 -16.83 13.85 15.29
CA GLY B 326 -15.91 14.68 16.03
C GLY B 326 -15.33 14.01 17.25
N CYS B 327 -14.00 13.87 17.31
CA CYS B 327 -13.36 13.23 18.44
C CYS B 327 -13.38 14.13 19.66
N LEU B 328 -13.74 13.55 20.82
CA LEU B 328 -13.73 14.29 22.08
C LEU B 328 -12.32 14.58 22.56
N ILE B 329 -11.37 13.72 22.22
CA ILE B 329 -10.00 13.84 22.71
C ILE B 329 -9.15 14.77 21.84
N CYS B 330 -9.13 14.55 20.52
CA CYS B 330 -8.23 15.25 19.60
C CYS B 330 -8.94 16.13 18.59
N PHE B 331 -10.27 16.18 18.61
CA PHE B 331 -11.12 17.11 17.86
C PHE B 331 -11.08 16.88 16.35
N SER B 332 -10.54 15.76 15.89
CA SER B 332 -10.52 15.42 14.48
C SER B 332 -11.66 14.46 14.16
N HIS B 333 -12.00 14.38 12.88
CA HIS B 333 -13.14 13.58 12.45
C HIS B 333 -12.75 12.23 11.84
N ASP B 334 -11.46 12.03 11.55
CA ASP B 334 -10.89 10.70 11.32
C ASP B 334 -9.56 10.70 12.05
N CYS B 335 -9.39 9.82 13.01
CA CYS B 335 -8.25 9.94 13.91
C CYS B 335 -7.94 8.56 14.51
N GLU B 336 -7.09 8.54 15.54
CA GLU B 336 -6.54 7.32 16.07
C GLU B 336 -7.31 6.76 17.25
N HIS B 337 -8.29 7.51 17.77
CA HIS B 337 -9.14 7.06 18.86
C HIS B 337 -10.37 6.37 18.32
N GLY B 338 -11.19 5.83 19.23
CA GLY B 338 -12.32 5.04 18.82
C GLY B 338 -11.99 3.57 18.83
N GLU B 339 -13.02 2.78 18.51
CA GLU B 339 -12.91 1.33 18.46
C GLU B 339 -13.26 0.83 17.07
N ILE B 340 -12.54 -0.20 16.62
CA ILE B 340 -12.78 -0.83 15.33
C ILE B 340 -13.48 -2.17 15.57
N GLU B 341 -14.61 -2.37 14.91
CA GLU B 341 -15.37 -3.60 15.01
C GLU B 341 -14.82 -4.63 14.02
N ARG B 342 -15.32 -5.87 14.13
CA ARG B 342 -14.70 -6.96 13.39
C ARG B 342 -14.77 -6.72 11.88
N ASP B 343 -15.90 -6.18 11.39
CA ASP B 343 -16.03 -5.80 9.98
C ASP B 343 -15.38 -4.46 9.65
N ASN B 344 -14.65 -3.86 10.59
CA ASN B 344 -13.93 -2.59 10.41
C ASN B 344 -14.86 -1.38 10.31
N GLN B 345 -16.11 -1.50 10.74
CA GLN B 345 -16.89 -0.33 11.07
C GLN B 345 -16.33 0.33 12.34
N LYS B 346 -16.31 1.66 12.36
CA LYS B 346 -15.63 2.36 13.43
C LYS B 346 -16.64 3.03 14.35
N ARG B 347 -16.51 2.78 15.64
CA ARG B 347 -17.22 3.51 16.67
C ARG B 347 -16.32 4.65 17.11
N CYS B 348 -16.63 5.87 16.67
CA CYS B 348 -15.83 7.03 17.03
C CYS B 348 -16.05 7.43 18.50
N PHE B 349 -14.99 7.96 19.10
CA PHE B 349 -15.07 8.52 20.44
C PHE B 349 -15.65 9.94 20.36
N SER B 350 -16.96 10.00 20.16
CA SER B 350 -17.65 11.22 19.75
C SER B 350 -18.85 11.50 20.67
N LEU B 351 -19.60 12.55 20.34
CA LEU B 351 -20.71 12.91 21.19
C LEU B 351 -21.76 11.81 21.24
N GLU B 352 -21.89 11.04 20.15
CA GLU B 352 -22.85 9.95 20.13
C GLU B 352 -22.53 8.87 21.14
N GLU B 353 -21.26 8.79 21.56
CA GLU B 353 -20.87 7.80 22.56
C GLU B 353 -21.43 8.16 23.92
N ILE B 354 -21.66 9.44 24.16
CA ILE B 354 -22.19 9.92 25.43
C ILE B 354 -23.56 10.57 25.18
N GLY B 355 -24.34 9.98 24.28
CA GLY B 355 -25.74 10.34 24.15
C GLY B 355 -26.07 11.44 23.17
N GLY B 356 -25.15 11.83 22.30
CA GLY B 356 -25.48 12.80 21.30
C GLY B 356 -25.53 14.21 21.86
N LEU B 357 -26.10 15.10 21.03
CA LEU B 357 -26.03 16.54 21.28
C LEU B 357 -26.77 16.94 22.53
N MET B 358 -27.93 16.35 22.79
CA MET B 358 -28.88 16.94 23.71
C MET B 358 -28.46 16.84 25.18
N PRO B 359 -27.96 15.69 25.68
CA PRO B 359 -27.56 15.64 27.10
C PRO B 359 -26.48 16.65 27.48
N SER B 360 -25.52 16.93 26.59
CA SER B 360 -24.52 17.97 26.85
C SER B 360 -25.10 19.37 26.64
N LEU B 361 -25.95 19.55 25.62
CA LEU B 361 -26.52 20.86 25.38
C LEU B 361 -27.47 21.26 26.50
N ARG B 362 -28.38 20.35 26.89
CA ARG B 362 -29.28 20.63 28.00
C ARG B 362 -28.49 21.05 29.23
N ARG B 363 -27.37 20.39 29.49
CA ARG B 363 -26.56 20.74 30.64
C ARG B 363 -25.91 22.11 30.46
N LYS B 364 -25.57 22.48 29.22
CA LYS B 364 -25.02 23.82 29.00
C LYS B 364 -26.07 24.89 29.30
N TRP B 365 -27.29 24.69 28.80
CA TRP B 365 -28.38 25.61 29.08
C TRP B 365 -28.61 25.76 30.57
N ALA B 366 -28.79 24.63 31.26
CA ALA B 366 -28.95 24.65 32.71
C ALA B 366 -27.78 25.35 33.40
N ALA B 367 -26.55 25.14 32.91
CA ALA B 367 -25.45 25.89 33.48
C ALA B 367 -25.59 27.38 33.21
N GLN B 368 -26.22 27.74 32.09
CA GLN B 368 -26.28 29.15 31.71
C GLN B 368 -27.29 29.90 32.55
N ILE B 369 -28.49 29.36 32.73
CA ILE B 369 -29.45 30.08 33.56
C ILE B 369 -29.08 30.02 35.03
N GLU B 370 -28.29 29.01 35.46
CA GLU B 370 -27.85 28.90 36.86
C GLU B 370 -26.61 29.75 37.17
N GLN B 371 -26.36 30.78 36.37
CA GLN B 371 -25.44 31.87 36.67
C GLN B 371 -26.27 33.16 36.57
N ARG B 372 -26.97 33.49 37.65
CA ARG B 372 -27.89 34.62 37.66
C ARG B 372 -27.21 35.89 38.18
N GLN B 373 -27.63 37.04 37.63
CA GLN B 373 -27.05 38.33 37.98
C GLN B 373 -28.11 39.42 38.10
N HIS B 386 -19.45 43.92 24.87
CA HIS B 386 -18.06 44.05 24.45
C HIS B 386 -18.00 44.26 22.93
N PRO B 387 -16.88 44.81 22.43
CA PRO B 387 -16.87 45.60 21.15
C PRO B 387 -17.84 45.08 20.10
N PRO B 388 -18.55 45.98 19.43
CA PRO B 388 -19.56 45.55 18.46
C PRO B 388 -18.93 45.20 17.14
N CYS B 389 -19.61 44.33 16.39
CA CYS B 389 -18.96 43.78 15.21
C CYS B 389 -18.91 44.83 14.11
N ARG B 390 -17.84 44.78 13.32
CA ARG B 390 -17.67 45.70 12.19
C ARG B 390 -18.46 45.27 10.96
N ASN B 391 -19.66 44.72 11.15
CA ASN B 391 -20.51 44.32 10.02
C ASN B 391 -21.88 44.98 10.09
N GLU B 392 -21.89 46.29 10.33
CA GLU B 392 -23.14 47.04 10.54
C GLU B 392 -23.93 46.45 11.71
N CYS B 393 -23.26 46.42 12.86
CA CYS B 393 -23.74 45.64 14.01
C CYS B 393 -25.13 46.08 14.46
N TYR B 394 -26.01 45.08 14.67
CA TYR B 394 -27.34 45.35 15.20
C TYR B 394 -27.28 46.14 16.51
N ARG B 395 -26.19 45.99 17.28
CA ARG B 395 -26.04 46.72 18.54
C ARG B 395 -26.04 48.23 18.31
N ILE B 396 -25.64 48.67 17.12
CA ILE B 396 -25.71 50.08 16.75
C ILE B 396 -26.96 50.36 15.90
N HIS B 397 -27.26 49.49 14.94
CA HIS B 397 -28.44 49.67 14.11
C HIS B 397 -29.54 48.73 14.57
N GLY B 398 -30.04 47.85 13.70
CA GLY B 398 -31.03 46.86 14.10
C GLY B 398 -32.17 47.01 13.12
N THR B 399 -32.89 45.92 12.89
CA THR B 399 -34.03 45.88 11.99
C THR B 399 -33.79 46.73 10.73
N PRO B 407 -32.76 40.90 0.87
CA PRO B 407 -32.53 39.72 0.00
C PRO B 407 -33.01 38.42 0.63
N PRO B 408 -33.86 37.66 -0.06
CA PRO B 408 -34.54 36.51 0.57
C PRO B 408 -33.57 35.50 1.15
N TRP B 409 -33.93 34.97 2.32
CA TRP B 409 -33.09 33.99 3.01
C TRP B 409 -33.34 32.59 2.47
N SER B 410 -32.25 31.86 2.20
CA SER B 410 -32.38 30.44 1.89
C SER B 410 -32.77 29.67 3.14
N GLU B 411 -33.26 28.45 2.95
CA GLU B 411 -33.46 27.57 4.09
C GLU B 411 -32.14 27.24 4.75
N ASN B 412 -31.08 27.06 3.95
CA ASN B 412 -29.74 26.87 4.51
C ASN B 412 -29.33 28.06 5.38
N GLU B 413 -29.56 29.28 4.88
CA GLU B 413 -29.22 30.46 5.68
C GLU B 413 -30.01 30.52 6.97
N VAL B 414 -31.24 30.01 6.94
CA VAL B 414 -32.08 30.03 8.14
C VAL B 414 -31.65 28.95 9.10
N GLY B 415 -31.48 27.72 8.60
CA GLY B 415 -30.94 26.66 9.43
C GLY B 415 -29.66 27.06 10.13
N THR B 416 -28.78 27.79 9.43
CA THR B 416 -27.50 28.23 9.98
C THR B 416 -27.68 29.07 11.24
N LEU B 417 -28.63 30.01 11.22
CA LEU B 417 -28.91 30.77 12.44
C LEU B 417 -29.75 29.99 13.44
N GLU B 418 -30.51 28.99 12.99
CA GLU B 418 -31.17 28.08 13.92
C GLU B 418 -30.17 27.40 14.85
N TRP B 419 -29.14 26.76 14.29
CA TRP B 419 -28.22 25.98 15.13
C TRP B 419 -27.22 26.84 15.88
N MET B 420 -26.87 28.03 15.38
CA MET B 420 -26.04 28.92 16.18
C MET B 420 -26.83 29.45 17.37
N PHE B 421 -28.08 29.85 17.15
CA PHE B 421 -28.94 30.31 18.24
C PHE B 421 -29.07 29.25 19.33
N ALA B 422 -29.30 27.99 18.95
CA ALA B 422 -29.56 26.94 19.94
C ALA B 422 -28.28 26.55 20.68
N THR B 423 -27.14 26.55 20.00
CA THR B 423 -25.90 26.10 20.64
C THR B 423 -25.17 27.24 21.34
N ILE B 424 -25.52 28.49 21.06
CA ILE B 424 -24.97 29.57 21.87
C ILE B 424 -25.79 29.72 23.15
N GLY B 425 -27.08 29.37 23.08
CA GLY B 425 -27.89 29.23 24.28
C GLY B 425 -28.10 30.53 25.03
N TYR B 426 -28.31 30.39 26.34
CA TYR B 426 -28.64 31.50 27.24
C TYR B 426 -27.38 32.28 27.65
N SER B 427 -26.65 32.75 26.64
CA SER B 427 -25.38 33.41 26.89
C SER B 427 -25.59 34.89 27.23
N GLN B 428 -24.62 35.45 27.94
CA GLN B 428 -24.59 36.87 28.24
C GLN B 428 -23.63 37.64 27.33
N THR B 429 -22.47 37.08 27.00
CA THR B 429 -21.44 37.80 26.27
C THR B 429 -21.27 37.30 24.83
N LEU B 430 -22.29 36.65 24.27
CA LEU B 430 -22.18 36.18 22.89
C LEU B 430 -23.58 36.07 22.29
N ARG B 431 -23.77 36.70 21.13
CA ARG B 431 -25.02 36.64 20.41
C ARG B 431 -24.82 36.09 19.01
N PRO B 432 -25.76 35.27 18.50
CA PRO B 432 -25.59 34.69 17.15
C PRO B 432 -25.41 35.73 16.06
N GLU B 433 -26.21 36.79 16.10
CA GLU B 433 -26.26 37.86 15.10
C GLU B 433 -24.93 38.16 14.41
N CYS B 434 -23.93 38.59 15.19
CA CYS B 434 -22.66 39.03 14.58
C CYS B 434 -21.95 37.87 13.89
N PHE B 435 -21.93 36.70 14.52
CA PHE B 435 -21.17 35.56 13.99
C PHE B 435 -21.88 34.92 12.79
N VAL B 436 -23.20 34.69 12.90
CA VAL B 436 -23.95 34.18 11.76
C VAL B 436 -23.81 35.12 10.58
N GLY B 437 -23.81 36.42 10.85
CA GLY B 437 -23.54 37.43 9.84
C GLY B 437 -22.12 37.46 9.36
N ALA B 438 -21.18 36.86 10.09
CA ALA B 438 -19.86 36.71 9.50
C ALA B 438 -19.81 35.49 8.60
N ILE B 439 -20.55 34.42 8.93
CA ILE B 439 -20.51 33.19 8.13
C ILE B 439 -21.32 33.37 6.84
N LEU B 440 -22.54 33.88 6.94
CA LEU B 440 -23.28 34.34 5.79
C LEU B 440 -22.77 35.73 5.42
N GLY B 441 -22.65 36.02 4.14
CA GLY B 441 -22.14 37.32 3.78
C GLY B 441 -23.03 38.50 4.13
N ARG B 442 -24.02 38.34 5.19
CA ARG B 442 -25.12 39.24 5.53
C ARG B 442 -24.69 40.28 6.58
N PRO B 443 -25.30 41.46 6.57
CA PRO B 443 -25.06 42.44 7.63
C PRO B 443 -25.69 41.99 8.94
N CYS B 444 -25.12 42.48 10.04
CA CYS B 444 -25.58 42.01 11.35
C CYS B 444 -27.04 42.42 11.63
N TRP B 445 -27.42 43.66 11.28
CA TRP B 445 -28.82 44.06 11.44
C TRP B 445 -29.77 43.24 10.57
N ASP B 446 -29.25 42.58 9.53
CA ASP B 446 -30.05 41.72 8.67
C ASP B 446 -30.43 40.43 9.40
N VAL B 447 -29.46 39.75 10.01
CA VAL B 447 -29.75 38.53 10.74
C VAL B 447 -30.47 38.82 12.06
N HIS B 448 -30.33 40.04 12.59
CA HIS B 448 -31.15 40.42 13.73
C HIS B 448 -32.60 40.61 13.31
N ARG B 449 -32.81 41.22 12.14
CA ARG B 449 -34.16 41.29 11.58
C ARG B 449 -34.75 39.92 11.36
N LYS B 450 -33.98 39.02 10.75
CA LYS B 450 -34.50 37.68 10.53
C LYS B 450 -34.65 36.94 11.86
N LEU B 451 -33.73 37.17 12.80
CA LEU B 451 -33.90 36.57 14.12
C LEU B 451 -35.24 36.95 14.74
N GLN B 452 -35.61 38.23 14.68
CA GLN B 452 -36.80 38.67 15.39
C GLN B 452 -38.07 38.20 14.70
N GLU B 453 -38.08 38.15 13.36
CA GLU B 453 -39.29 37.74 12.67
C GLU B 453 -39.50 36.23 12.72
N LEU B 454 -38.49 35.45 13.09
CA LEU B 454 -38.64 34.00 13.27
C LEU B 454 -38.91 33.61 14.72
N ASP B 455 -38.63 34.50 15.68
CA ASP B 455 -38.93 34.32 17.10
C ASP B 455 -38.65 32.91 17.60
N LEU B 456 -37.37 32.53 17.62
CA LEU B 456 -37.02 31.17 17.98
C LEU B 456 -37.21 30.94 19.47
N ARG B 457 -37.81 29.80 19.82
CA ARG B 457 -38.12 29.45 21.20
C ARG B 457 -37.31 28.24 21.60
N LEU B 458 -36.43 28.40 22.59
CA LEU B 458 -35.71 27.27 23.13
C LEU B 458 -36.63 26.41 23.96
N PRO B 459 -36.36 25.11 24.06
CA PRO B 459 -36.97 24.33 25.12
C PRO B 459 -36.62 24.93 26.45
N PRO B 460 -37.56 24.97 27.40
CA PRO B 460 -37.26 25.48 28.75
C PRO B 460 -36.60 24.37 29.57
N VAL B 461 -35.50 24.66 30.23
CA VAL B 461 -34.81 23.61 30.94
C VAL B 461 -35.10 23.71 32.41
N GLU B 462 -35.41 22.55 33.00
CA GLU B 462 -35.84 22.39 34.36
C GLU B 462 -34.67 22.70 35.30
N PRO B 463 -34.93 23.29 36.45
CA PRO B 463 -33.85 23.47 37.43
C PRO B 463 -33.29 22.13 37.92
N ARG B 464 -32.08 21.79 37.46
CA ARG B 464 -31.40 20.57 37.91
C ARG B 464 -31.02 20.69 39.38
N THR B 465 -31.62 19.86 40.23
CA THR B 465 -31.31 19.83 41.65
C THR B 465 -30.38 18.66 41.94
N ILE B 466 -29.27 18.94 42.62
CA ILE B 466 -28.23 17.94 42.85
C ILE B 466 -28.50 17.26 44.18
N PRO B 467 -28.70 15.94 44.21
CA PRO B 467 -29.01 15.26 45.48
C PRO B 467 -27.76 15.07 46.30
N LYS B 468 -27.88 15.35 47.59
CA LYS B 468 -26.73 15.27 48.48
C LYS B 468 -26.23 13.84 48.55
N GLN B 469 -24.94 13.66 48.30
CA GLN B 469 -24.32 12.34 48.23
C GLN B 469 -23.16 12.26 49.20
N LYS B 470 -23.07 11.12 49.89
CA LYS B 470 -21.99 10.84 50.83
C LYS B 470 -20.67 10.69 50.09
N SER B 471 -19.63 11.38 50.56
CA SER B 471 -18.33 11.21 49.95
C SER B 471 -17.83 9.78 50.15
N LEU B 472 -16.82 9.41 49.39
CA LEU B 472 -16.27 8.07 49.48
C LEU B 472 -15.15 8.04 50.52
N PRO B 473 -15.09 7.00 51.36
CA PRO B 473 -14.04 6.96 52.38
C PRO B 473 -12.65 6.78 51.81
N TRP B 474 -12.51 6.37 50.55
CA TRP B 474 -11.20 6.16 49.98
C TRP B 474 -10.73 7.30 49.06
N TYR B 475 -11.53 8.35 48.88
CA TYR B 475 -11.16 9.41 47.91
C TYR B 475 -11.90 10.69 48.24
N ASP B 476 -11.15 11.76 48.51
CA ASP B 476 -11.69 13.08 48.78
C ASP B 476 -11.35 13.99 47.61
N ARG B 477 -12.36 14.38 46.83
CA ARG B 477 -12.05 15.10 45.61
C ARG B 477 -11.81 16.57 45.85
N ARG B 478 -12.04 17.05 47.07
CA ARG B 478 -11.78 18.45 47.38
C ARG B 478 -10.35 18.62 47.87
N LYS B 479 -9.89 17.75 48.77
CA LYS B 479 -8.47 17.73 49.11
C LYS B 479 -7.65 17.01 48.06
N LYS B 480 -8.28 16.35 47.10
CA LYS B 480 -7.59 15.64 46.02
C LYS B 480 -6.58 14.65 46.60
N GLN B 481 -7.13 13.63 47.25
CA GLN B 481 -6.35 12.76 48.11
C GLN B 481 -6.97 11.37 48.17
N LEU B 482 -6.11 10.35 48.12
CA LEU B 482 -6.53 8.99 48.40
C LEU B 482 -6.20 8.65 49.86
N MET B 483 -7.04 7.80 50.45
CA MET B 483 -6.96 7.51 51.88
C MET B 483 -7.37 6.08 52.14
N SER B 484 -6.78 5.48 53.16
CA SER B 484 -7.18 4.19 53.77
C SER B 484 -7.13 3.09 52.69
N ASP B 485 -8.19 2.25 52.57
CA ASP B 485 -8.31 1.03 51.76
C ASP B 485 -8.22 1.27 50.24
N TRP B 486 -7.69 2.40 49.77
CA TRP B 486 -8.04 2.86 48.44
C TRP B 486 -7.60 1.88 47.34
N ALA B 487 -6.41 1.29 47.49
CA ALA B 487 -5.93 0.36 46.47
C ALA B 487 -6.79 -0.90 46.39
N ASP B 488 -7.53 -1.22 47.45
CA ASP B 488 -8.47 -2.34 47.43
C ASP B 488 -9.87 -1.94 47.01
N ALA B 489 -10.24 -0.67 47.09
CA ALA B 489 -11.60 -0.22 46.81
C ALA B 489 -11.86 0.10 45.34
N THR B 490 -10.83 0.41 44.57
CA THR B 490 -11.02 0.81 43.19
C THR B 490 -10.05 0.05 42.31
N ILE B 491 -10.40 -0.05 41.03
CA ILE B 491 -9.46 -0.52 40.01
C ILE B 491 -9.09 0.63 39.06
N THR B 492 -9.25 1.89 39.52
CA THR B 492 -8.92 3.06 38.71
C THR B 492 -7.46 3.05 38.27
N HIS B 493 -6.56 2.57 39.14
CA HIS B 493 -5.13 2.57 38.88
C HIS B 493 -4.61 1.28 38.26
N GLU B 494 -5.46 0.27 38.05
CA GLU B 494 -4.99 -1.06 37.63
C GLU B 494 -5.38 -1.28 36.18
N HIS B 495 -4.58 -0.70 35.27
CA HIS B 495 -4.98 -0.65 33.87
C HIS B 495 -5.09 -2.02 33.23
N ALA B 496 -4.26 -2.99 33.65
CA ALA B 496 -4.28 -4.30 33.01
C ALA B 496 -5.60 -5.03 33.20
N VAL B 497 -6.39 -4.69 34.22
CA VAL B 497 -7.62 -5.41 34.50
C VAL B 497 -8.86 -4.60 34.15
N ARG B 498 -8.68 -3.43 33.54
CA ARG B 498 -9.81 -2.56 33.26
C ARG B 498 -10.47 -2.89 31.93
N GLU B 499 -11.80 -2.81 31.90
CA GLU B 499 -12.59 -2.91 30.70
C GLU B 499 -13.17 -1.54 30.37
N LEU B 500 -13.14 -1.18 29.09
CA LEU B 500 -13.40 0.20 28.69
C LEU B 500 -14.88 0.40 28.37
N PHE B 501 -15.45 1.49 28.88
CA PHE B 501 -16.87 1.80 28.73
C PHE B 501 -17.05 3.26 28.35
N ALA B 502 -18.13 3.54 27.64
CA ALA B 502 -18.44 4.91 27.29
C ALA B 502 -18.68 5.72 28.57
N PRO B 503 -18.05 6.90 28.70
CA PRO B 503 -18.26 7.73 29.90
C PRO B 503 -19.74 7.97 30.20
N CYS B 504 -20.05 8.19 31.48
CA CYS B 504 -21.38 8.52 31.98
C CYS B 504 -22.15 9.41 31.02
N HIS B 505 -23.38 9.04 30.73
CA HIS B 505 -24.24 10.06 30.16
C HIS B 505 -25.65 9.96 30.71
N HIS B 506 -25.80 9.54 31.96
CA HIS B 506 -27.11 9.37 32.54
C HIS B 506 -27.53 10.63 33.29
N ASP B 507 -28.81 10.67 33.63
CA ASP B 507 -29.30 11.62 34.61
C ASP B 507 -29.13 11.01 36.00
N GLY B 508 -29.07 11.87 37.01
CA GLY B 508 -28.98 11.43 38.38
C GLY B 508 -27.61 10.92 38.80
N PRO B 509 -27.49 10.46 40.05
CA PRO B 509 -26.17 10.17 40.64
C PRO B 509 -25.49 8.96 40.03
N CYS B 510 -24.16 8.90 40.23
CA CYS B 510 -23.33 7.82 39.68
C CYS B 510 -23.33 6.65 40.66
N THR B 511 -24.42 5.90 40.60
CA THR B 511 -24.65 4.78 41.49
C THR B 511 -24.99 3.55 40.66
N ALA B 512 -24.83 2.38 41.26
CA ALA B 512 -25.25 1.17 40.56
C ALA B 512 -26.73 1.23 40.21
N ALA B 513 -27.53 1.89 41.05
CA ALA B 513 -28.97 1.99 40.81
C ALA B 513 -29.27 2.72 39.51
N ASN B 514 -28.56 3.82 39.23
CA ASN B 514 -28.76 4.55 37.98
C ASN B 514 -28.02 3.94 36.80
N GLY B 515 -27.35 2.81 36.97
CA GLY B 515 -26.69 2.21 35.84
C GLY B 515 -25.41 2.89 35.42
N CYS B 516 -24.77 3.65 36.32
CA CYS B 516 -23.51 4.32 36.01
C CYS B 516 -22.39 3.31 35.85
N PRO B 517 -21.78 3.20 34.68
CA PRO B 517 -20.70 2.22 34.51
C PRO B 517 -19.47 2.50 35.36
N CYS B 518 -19.13 3.78 35.56
CA CYS B 518 -17.97 4.11 36.38
C CYS B 518 -18.09 3.47 37.76
N ALA B 519 -19.31 3.48 38.33
CA ALA B 519 -19.53 2.95 39.67
C ALA B 519 -19.57 1.42 39.66
N SER B 520 -20.15 0.82 38.62
CA SER B 520 -20.59 -0.56 38.71
C SER B 520 -20.25 -1.45 37.52
N ALA B 521 -19.74 -0.93 36.40
CA ALA B 521 -19.45 -1.81 35.27
C ALA B 521 -18.38 -2.84 35.57
N GLY B 522 -17.41 -2.52 36.43
CA GLY B 522 -16.29 -3.39 36.70
C GLY B 522 -16.37 -4.03 38.07
N THR B 523 -15.32 -4.79 38.39
CA THR B 523 -15.26 -5.45 39.70
C THR B 523 -15.28 -4.43 40.82
N HIS B 524 -14.79 -3.23 40.55
CA HIS B 524 -14.78 -2.16 41.54
C HIS B 524 -15.23 -0.89 40.84
N PRO B 525 -15.59 0.15 41.59
CA PRO B 525 -15.81 1.44 40.96
C PRO B 525 -14.52 2.06 40.46
N VAL B 526 -14.63 2.88 39.41
CA VAL B 526 -13.53 3.76 39.01
C VAL B 526 -14.02 5.19 39.09
N LEU B 527 -13.09 6.12 39.28
CA LEU B 527 -13.44 7.53 39.24
C LEU B 527 -14.07 7.92 37.90
N CYS B 528 -15.00 8.87 37.95
CA CYS B 528 -15.52 9.48 36.74
C CYS B 528 -14.50 10.46 36.18
N GLU B 529 -14.31 10.43 34.87
CA GLU B 529 -13.27 11.22 34.24
C GLU B 529 -13.85 12.48 33.56
N ARG B 530 -13.00 13.21 32.83
CA ARG B 530 -13.39 14.52 32.34
C ARG B 530 -14.54 14.46 31.34
N PHE B 531 -14.72 13.33 30.64
CA PHE B 531 -15.77 13.23 29.63
C PHE B 531 -17.13 12.79 30.19
N CYS B 532 -17.20 12.34 31.44
CA CYS B 532 -18.49 12.02 32.04
C CYS B 532 -19.31 13.29 32.26
N LEU B 533 -20.62 13.18 32.01
CA LEU B 533 -21.46 14.35 32.12
C LEU B 533 -21.63 14.84 33.54
N CYS B 534 -21.19 14.09 34.56
CA CYS B 534 -21.30 14.58 35.93
C CYS B 534 -20.35 15.75 36.16
N THR B 535 -20.64 16.54 37.19
CA THR B 535 -19.73 17.57 37.66
C THR B 535 -19.15 17.19 39.02
N ALA B 536 -17.95 17.71 39.28
CA ALA B 536 -17.30 17.48 40.58
C ALA B 536 -18.18 17.95 41.72
N GLU B 537 -19.03 18.96 41.48
CA GLU B 537 -19.96 19.37 42.51
C GLU B 537 -20.92 18.24 42.86
N GLU B 538 -21.40 17.52 41.85
CA GLU B 538 -22.41 16.49 42.08
C GLU B 538 -21.81 15.15 42.50
N CYS B 539 -20.75 14.69 41.83
CA CYS B 539 -20.36 13.28 41.84
C CYS B 539 -19.20 13.01 42.79
N PRO B 540 -19.38 12.17 43.82
CA PRO B 540 -18.26 11.85 44.72
C PRO B 540 -17.15 11.05 44.05
N LEU B 541 -17.40 10.44 42.88
CA LEU B 541 -16.39 9.71 42.13
C LEU B 541 -15.58 10.58 41.16
N LYS B 542 -15.87 11.87 41.04
CA LYS B 542 -15.28 12.65 39.95
C LYS B 542 -13.83 13.00 40.23
N PHE B 543 -12.98 12.80 39.24
CA PHE B 543 -11.57 13.13 39.37
C PHE B 543 -11.35 14.63 39.21
N THR B 544 -10.56 15.21 40.11
CA THR B 544 -10.33 16.65 40.11
C THR B 544 -8.85 17.05 40.00
N GLY B 545 -7.95 16.12 39.70
CA GLY B 545 -6.55 16.47 39.54
C GLY B 545 -5.75 16.44 40.83
N CYS B 546 -4.47 16.77 40.73
CA CYS B 546 -3.64 16.70 41.91
C CYS B 546 -3.47 18.07 42.54
N ALA B 547 -3.08 18.06 43.79
CA ALA B 547 -2.96 19.26 44.59
C ALA B 547 -1.54 19.81 44.63
N CYS B 548 -0.60 19.14 43.99
CA CYS B 548 0.81 19.45 44.12
C CYS B 548 1.12 20.85 43.62
N HIS B 549 1.91 21.58 44.39
CA HIS B 549 2.61 22.76 43.91
C HIS B 549 3.96 22.81 44.61
N SER B 550 4.93 23.43 43.95
CA SER B 550 6.26 23.61 44.51
C SER B 550 7.10 24.49 43.62
N SER B 551 7.82 25.43 44.20
CA SER B 551 8.81 26.19 43.43
C SER B 551 9.89 25.28 42.84
N GLY B 552 10.00 24.04 43.35
CA GLY B 552 10.91 23.05 42.86
C GLY B 552 10.17 21.96 42.11
N LYS B 553 10.80 20.81 42.03
CA LYS B 553 10.21 19.69 41.30
C LYS B 553 9.08 19.07 42.11
N THR B 554 7.99 18.73 41.42
CA THR B 554 6.85 18.09 42.10
C THR B 554 6.18 17.06 41.17
N CYS B 555 5.12 16.43 41.67
CA CYS B 555 4.48 15.27 41.02
C CYS B 555 5.50 14.17 40.70
N LEU B 556 6.30 13.81 41.71
CA LEU B 556 7.35 12.79 41.63
C LEU B 556 6.86 11.48 42.26
N GLN B 557 7.64 10.40 42.07
CA GLN B 557 7.09 9.07 42.39
C GLN B 557 7.01 8.83 43.89
N ARG B 558 8.02 9.26 44.66
CA ARG B 558 7.94 9.28 46.12
C ARG B 558 8.35 10.68 46.56
N GLN B 559 7.40 11.61 46.50
CA GLN B 559 7.69 13.01 46.82
C GLN B 559 8.04 13.16 48.28
N ARG B 560 9.12 13.90 48.53
CA ARG B 560 9.49 14.28 49.88
C ARG B 560 8.51 15.27 50.50
N GLU B 561 7.55 15.78 49.73
CA GLU B 561 6.50 16.63 50.28
C GLU B 561 5.63 15.83 51.26
N GLY B 562 4.74 16.55 51.95
CA GLY B 562 3.99 15.93 53.04
C GLY B 562 3.07 14.81 52.56
N ARG B 563 2.34 15.05 51.48
CA ARG B 563 1.43 14.06 50.94
C ARG B 563 1.70 13.86 49.46
N PRO B 564 1.35 12.71 48.91
CA PRO B 564 1.81 12.35 47.57
C PRO B 564 0.92 12.93 46.46
N CYS B 565 1.28 12.60 45.23
CA CYS B 565 0.56 13.06 44.05
C CYS B 565 -0.49 12.01 43.69
N ILE B 566 -1.76 12.35 43.89
CA ILE B 566 -2.82 11.43 43.50
C ILE B 566 -2.66 10.98 42.04
N CYS B 567 -2.24 11.90 41.16
CA CYS B 567 -2.06 11.54 39.76
C CYS B 567 -1.08 10.40 39.61
N VAL B 568 0.06 10.51 40.30
CA VAL B 568 1.09 9.48 40.22
C VAL B 568 0.60 8.18 40.84
N GLN B 569 -0.09 8.30 41.99
CA GLN B 569 -0.69 7.13 42.65
C GLN B 569 -1.63 6.37 41.73
N LEU B 570 -2.38 7.07 40.87
CA LEU B 570 -3.34 6.42 39.98
C LEU B 570 -2.74 5.96 38.66
N ASN B 571 -1.41 6.05 38.51
CA ASN B 571 -0.72 5.72 37.26
C ASN B 571 -1.32 6.50 36.10
N ARG B 572 -1.45 7.80 36.28
CA ARG B 572 -1.85 8.70 35.20
C ARG B 572 -0.92 9.89 35.16
N GLU B 573 -0.91 10.56 34.01
CA GLU B 573 -0.18 11.81 33.89
C GLU B 573 -1.11 12.96 34.25
N CYS B 574 -0.52 14.07 34.68
CA CYS B 574 -1.33 15.19 35.14
C CYS B 574 -2.14 15.79 33.99
N ASP B 575 -3.33 16.24 34.31
CA ASP B 575 -4.24 16.82 33.33
C ASP B 575 -3.97 18.31 33.20
N PRO B 576 -3.61 18.83 32.00
CA PRO B 576 -3.26 20.26 31.85
C PRO B 576 -4.31 21.24 32.36
N THR B 577 -5.54 20.75 32.52
CA THR B 577 -6.63 21.58 33.00
C THR B 577 -6.94 21.39 34.48
N LEU B 578 -6.99 20.15 34.98
CA LEU B 578 -7.38 19.92 36.37
C LEU B 578 -6.24 20.08 37.34
N CYS B 579 -5.00 19.93 36.87
CA CYS B 579 -3.82 19.98 37.72
C CYS B 579 -3.30 21.40 37.61
N LYS B 580 -3.88 22.27 38.44
CA LYS B 580 -3.68 23.71 38.33
C LYS B 580 -2.45 24.19 39.10
N GLY B 581 -2.03 23.45 40.12
CA GLY B 581 -0.92 23.91 40.92
C GLY B 581 0.44 23.47 40.45
N CYS B 582 0.56 22.44 39.63
CA CYS B 582 1.90 21.94 39.43
C CYS B 582 2.59 22.51 38.19
N GLY B 583 1.87 23.26 37.36
CA GLY B 583 2.46 23.73 36.13
C GLY B 583 2.25 22.80 34.96
N ALA B 584 1.41 21.79 35.14
CA ALA B 584 1.06 20.91 34.03
C ALA B 584 0.61 21.69 32.81
N ARG B 585 -0.16 22.76 33.02
CA ARG B 585 -0.72 23.54 31.91
C ARG B 585 0.35 23.95 30.92
N GLU B 586 1.52 24.35 31.41
CA GLU B 586 2.63 24.81 30.58
C GLU B 586 3.57 23.69 30.18
N ARG B 587 3.83 22.74 31.09
CA ARG B 587 4.75 21.63 30.82
C ARG B 587 4.13 20.54 29.94
N ALA B 588 2.79 20.39 29.95
CA ALA B 588 2.13 19.43 29.07
C ALA B 588 1.90 19.98 27.67
N ASP B 589 2.32 21.23 27.41
CA ASP B 589 2.23 21.84 26.08
C ASP B 589 3.47 21.50 25.27
N PRO B 590 3.37 20.78 24.15
CA PRO B 590 4.58 20.41 23.40
C PRO B 590 5.36 21.61 22.86
N GLU B 591 4.71 22.77 22.67
CA GLU B 591 5.40 24.00 22.29
C GLU B 591 6.35 24.53 23.37
N ASN B 592 6.41 23.92 24.56
CA ASN B 592 7.44 24.22 25.55
C ASN B 592 8.33 23.02 25.82
N ALA B 593 8.32 22.03 24.92
CA ALA B 593 8.99 20.76 25.20
C ALA B 593 10.47 20.92 25.55
N TYR B 594 11.15 21.94 25.00
CA TYR B 594 12.60 22.04 25.13
C TYR B 594 13.03 23.25 25.94
N ASP B 595 12.10 23.81 26.71
CA ASP B 595 12.39 24.82 27.73
C ASP B 595 12.91 24.07 28.95
N GLU B 596 14.22 23.85 29.00
CA GLU B 596 14.82 23.11 30.11
C GLU B 596 14.63 23.85 31.43
N VAL B 597 14.60 25.18 31.41
CA VAL B 597 14.37 25.94 32.63
C VAL B 597 12.97 25.67 33.17
N LEU B 598 11.95 25.76 32.31
CA LEU B 598 10.58 25.49 32.71
C LEU B 598 10.44 24.10 33.34
N HIS B 599 10.91 23.07 32.63
CA HIS B 599 10.75 21.68 33.08
C HIS B 599 11.69 21.30 34.22
N SER B 600 12.49 22.22 34.73
CA SER B 600 13.39 21.91 35.83
C SER B 600 12.73 22.11 37.18
N THR B 601 11.53 22.67 37.21
CA THR B 601 10.70 22.75 38.40
C THR B 601 9.31 22.29 38.00
N GLY B 602 8.40 22.32 38.97
CA GLY B 602 7.01 22.07 38.65
C GLY B 602 6.82 20.62 38.27
N CYS B 603 5.71 20.33 37.55
CA CYS B 603 5.26 18.95 37.55
C CYS B 603 6.17 18.18 36.64
N GLN B 604 6.57 16.98 37.10
CA GLN B 604 7.42 16.04 36.37
C GLN B 604 6.65 14.77 36.00
N ASN B 605 5.33 14.90 35.87
CA ASN B 605 4.43 13.82 35.51
C ASN B 605 3.64 14.16 34.22
N VAL B 606 4.34 14.74 33.24
CA VAL B 606 3.67 15.10 31.98
C VAL B 606 4.55 14.73 30.79
N ALA B 607 5.44 13.75 30.96
CA ALA B 607 6.51 13.56 29.98
C ALA B 607 5.97 13.04 28.65
N LEU B 608 5.02 12.10 28.69
CA LEU B 608 4.42 11.64 27.45
C LEU B 608 3.71 12.78 26.72
N GLN B 609 3.09 13.70 27.45
CA GLN B 609 2.48 14.83 26.75
C GLN B 609 3.54 15.82 26.29
N ARG B 610 4.60 15.99 27.10
CA ARG B 610 5.73 16.83 26.69
C ARG B 610 6.31 16.39 25.36
N GLY B 611 6.33 15.08 25.13
CA GLY B 611 6.73 14.57 23.83
C GLY B 611 8.21 14.56 23.57
N ALA B 612 9.03 14.84 24.57
CA ALA B 612 10.48 14.92 24.40
C ALA B 612 11.14 13.67 24.95
N ALA B 613 11.97 13.05 24.13
CA ALA B 613 12.66 11.82 24.49
C ALA B 613 14.13 12.12 24.76
N LYS B 614 14.75 11.29 25.61
CA LYS B 614 16.20 11.31 25.70
C LYS B 614 16.81 10.98 24.33
N ALA B 615 18.01 11.51 24.10
CA ALA B 615 18.73 11.26 22.86
C ALA B 615 19.23 9.81 22.80
N VAL B 616 18.81 9.08 21.76
CA VAL B 616 19.16 7.68 21.61
C VAL B 616 19.67 7.44 20.20
N VAL B 617 20.25 6.27 19.98
CA VAL B 617 20.85 5.97 18.68
C VAL B 617 20.79 4.48 18.42
N LEU B 618 20.53 4.12 17.17
CA LEU B 618 20.42 2.73 16.75
C LEU B 618 21.77 2.10 16.49
N GLY B 619 21.93 0.85 16.90
CA GLY B 619 23.19 0.20 16.59
C GLY B 619 23.06 -1.30 16.64
N LYS B 620 24.20 -1.97 16.45
CA LYS B 620 24.27 -3.41 16.60
C LYS B 620 24.27 -3.77 18.07
N SER B 621 23.33 -4.62 18.48
CA SER B 621 23.24 -4.99 19.89
C SER B 621 24.54 -5.65 20.37
N GLN B 622 24.88 -5.43 21.64
CA GLN B 622 26.02 -6.13 22.21
C GLN B 622 25.74 -7.60 22.43
N LEU B 623 24.47 -8.00 22.55
CA LEU B 623 24.16 -9.41 22.73
C LEU B 623 24.40 -10.17 21.41
N GLU B 624 25.06 -11.32 21.54
CA GLU B 624 25.39 -12.14 20.38
C GLU B 624 24.10 -12.66 19.74
N ALA B 625 24.06 -12.60 18.40
CA ALA B 625 22.94 -13.14 17.61
C ALA B 625 21.65 -12.37 17.83
N CYS B 626 21.70 -11.33 18.66
CA CYS B 626 20.70 -10.27 18.62
C CYS B 626 21.03 -9.32 17.49
N GLY B 627 20.00 -8.77 16.88
CA GLY B 627 20.25 -7.88 15.77
C GLY B 627 20.54 -6.46 16.20
N TYR B 628 19.52 -5.60 16.12
CA TYR B 628 19.63 -4.21 16.55
C TYR B 628 19.44 -4.10 18.06
N GLY B 629 20.13 -3.09 18.63
CA GLY B 629 19.82 -2.60 19.96
C GLY B 629 19.74 -1.09 19.93
N LEU B 630 19.26 -0.52 21.04
CA LEU B 630 19.23 0.93 21.17
C LEU B 630 20.20 1.40 22.24
N PHE B 631 20.89 2.49 21.94
CA PHE B 631 21.96 3.04 22.76
C PHE B 631 21.66 4.47 23.18
N ALA B 632 21.98 4.80 24.43
CA ALA B 632 21.87 6.17 24.88
C ALA B 632 22.89 7.03 24.17
N ALA B 633 22.46 8.22 23.75
CA ALA B 633 23.35 9.23 23.17
C ALA B 633 23.57 10.42 24.09
N GLU B 634 22.93 10.42 25.26
CA GLU B 634 23.16 11.44 26.27
C GLU B 634 23.03 10.78 27.63
N ASP B 635 23.73 11.35 28.62
CA ASP B 635 23.68 10.80 29.97
C ASP B 635 22.25 10.90 30.48
N ILE B 636 21.83 9.86 31.18
CA ILE B 636 20.45 9.71 31.63
C ILE B 636 20.51 9.38 33.11
N GLU B 637 19.97 10.27 33.93
CA GLU B 637 19.94 10.03 35.36
C GLU B 637 18.74 9.15 35.71
N GLU B 638 18.90 8.34 36.74
CA GLU B 638 17.84 7.40 37.10
C GLU B 638 16.59 8.19 37.50
N GLY B 639 15.43 7.68 37.06
CA GLY B 639 14.17 8.34 37.26
C GLY B 639 13.68 9.14 36.06
N GLU B 640 14.55 9.50 35.13
CA GLU B 640 14.15 10.34 34.00
C GLU B 640 13.40 9.49 32.97
N PHE B 641 12.35 10.10 32.41
CA PHE B 641 11.65 9.51 31.27
C PHE B 641 12.63 9.36 30.12
N VAL B 642 12.53 8.27 29.36
CA VAL B 642 13.48 7.97 28.29
C VAL B 642 12.81 8.06 26.92
N ILE B 643 11.75 7.30 26.70
CA ILE B 643 11.09 7.25 25.40
C ILE B 643 9.75 6.54 25.59
N GLU B 644 8.86 6.69 24.62
CA GLU B 644 7.56 6.04 24.60
C GLU B 644 7.58 4.88 23.62
N TYR B 645 6.87 3.79 23.93
CA TYR B 645 6.69 2.70 22.99
C TYR B 645 5.44 3.00 22.16
N THR B 646 5.63 3.36 20.90
CA THR B 646 4.51 3.62 20.01
C THR B 646 4.42 2.52 18.95
N GLY B 647 3.24 2.43 18.32
CA GLY B 647 2.97 1.41 17.34
C GLY B 647 1.53 1.45 16.86
N GLU B 648 1.16 0.42 16.10
CA GLU B 648 -0.23 0.22 15.70
C GLU B 648 -0.97 -0.41 16.87
N LEU B 649 -2.16 0.13 17.17
CA LEU B 649 -3.06 -0.48 18.15
C LEU B 649 -3.92 -1.53 17.44
N ILE B 650 -3.84 -2.77 17.91
CA ILE B 650 -4.55 -3.87 17.27
C ILE B 650 -5.28 -4.70 18.30
N SER B 651 -6.23 -5.48 17.81
CA SER B 651 -7.04 -6.41 18.59
C SER B 651 -6.29 -7.73 18.77
N HIS B 652 -6.78 -8.54 19.71
CA HIS B 652 -6.19 -9.86 19.94
C HIS B 652 -6.16 -10.67 18.66
N ASP B 653 -7.30 -10.78 17.98
CA ASP B 653 -7.36 -11.59 16.78
C ASP B 653 -6.49 -11.02 15.67
N GLU B 654 -6.41 -9.68 15.56
CA GLU B 654 -5.48 -9.12 14.59
C GLU B 654 -4.03 -9.40 15.00
N GLY B 655 -3.76 -9.48 16.31
CA GLY B 655 -2.44 -9.89 16.75
C GLY B 655 -2.13 -11.30 16.29
N VAL B 656 -3.10 -12.20 16.43
CA VAL B 656 -2.91 -13.60 16.05
C VAL B 656 -2.73 -13.74 14.54
N ARG B 657 -3.60 -13.11 13.74
CA ARG B 657 -3.41 -13.16 12.29
C ARG B 657 -2.02 -12.70 11.92
N ARG B 658 -1.47 -11.72 12.65
CA ARG B 658 -0.17 -11.17 12.30
C ARG B 658 0.94 -12.15 12.66
N GLU B 659 0.84 -12.79 13.83
CA GLU B 659 1.82 -13.81 14.17
C GLU B 659 1.86 -14.92 13.12
N HIS B 660 0.72 -15.22 12.51
CA HIS B 660 0.68 -16.20 11.43
C HIS B 660 1.26 -15.65 10.13
N ARG B 661 0.90 -14.41 9.78
CA ARG B 661 1.26 -13.89 8.47
C ARG B 661 2.77 -13.70 8.29
N ARG B 662 3.53 -13.72 9.38
CA ARG B 662 4.97 -13.46 9.29
C ARG B 662 5.83 -14.69 9.57
N GLY B 663 5.24 -15.82 9.98
CA GLY B 663 5.99 -17.05 10.11
C GLY B 663 6.18 -17.53 11.53
N ASP B 664 5.38 -18.52 11.93
CA ASP B 664 5.50 -19.20 13.24
C ASP B 664 5.14 -18.35 14.44
N GLU B 668 7.87 -21.09 16.25
CA GLU B 668 9.22 -21.36 16.75
C GLU B 668 9.71 -20.16 17.54
N GLU B 669 10.77 -20.37 18.34
CA GLU B 669 11.31 -19.31 19.19
C GLU B 669 12.55 -18.65 18.60
N ASN B 670 12.69 -18.71 17.26
CA ASN B 670 13.51 -17.78 16.49
C ASN B 670 12.69 -16.61 15.96
N LYS B 671 11.56 -16.30 16.61
CA LYS B 671 10.66 -15.26 16.15
C LYS B 671 11.09 -13.89 16.70
N VAL B 672 10.52 -12.85 16.11
CA VAL B 672 10.84 -11.46 16.43
C VAL B 672 9.52 -10.75 16.65
N SER B 673 9.17 -10.52 17.92
CA SER B 673 7.91 -9.87 18.28
C SER B 673 8.14 -8.40 18.63
N TYR B 674 7.29 -7.54 18.08
CA TYR B 674 7.19 -6.15 18.48
C TYR B 674 5.82 -5.85 19.06
N LEU B 675 5.15 -6.88 19.57
CA LEU B 675 3.74 -6.83 19.98
C LEU B 675 3.71 -6.60 21.48
N PHE B 676 3.55 -5.34 21.90
CA PHE B 676 3.56 -4.97 23.31
C PHE B 676 2.12 -4.94 23.85
N THR B 677 1.91 -5.53 25.03
CA THR B 677 0.59 -5.52 25.66
C THR B 677 0.32 -4.17 26.32
N LEU B 678 -0.74 -3.50 25.86
CA LEU B 678 -1.16 -2.22 26.42
C LEU B 678 -2.25 -2.40 27.47
N LEU B 679 -3.38 -3.02 27.09
CA LEU B 679 -4.48 -3.28 28.02
C LEU B 679 -4.84 -4.75 27.90
N GLU B 680 -4.31 -5.57 28.82
CA GLU B 680 -4.54 -7.01 28.75
C GLU B 680 -6.03 -7.34 28.74
N GLN B 681 -6.75 -6.94 29.79
CA GLN B 681 -8.14 -7.34 29.93
C GLN B 681 -9.01 -6.77 28.81
N GLU B 682 -8.78 -5.51 28.43
CA GLU B 682 -9.59 -4.95 27.35
C GLU B 682 -9.22 -5.58 26.01
N GLY B 683 -7.96 -5.98 25.85
CA GLY B 683 -7.49 -6.60 24.63
C GLY B 683 -7.02 -5.62 23.59
N ILE B 684 -6.02 -4.81 23.93
CA ILE B 684 -5.37 -3.91 23.00
C ILE B 684 -3.86 -4.09 23.09
N TRP B 685 -3.21 -4.28 21.95
CA TRP B 685 -1.77 -4.45 21.88
C TRP B 685 -1.20 -3.35 20.99
N VAL B 686 0.06 -2.98 21.24
CA VAL B 686 0.80 -2.02 20.43
C VAL B 686 1.81 -2.81 19.62
N ASP B 687 1.70 -2.76 18.29
CA ASP B 687 2.58 -3.50 17.38
C ASP B 687 3.51 -2.52 16.69
N ALA B 688 4.81 -2.68 16.92
CA ALA B 688 5.80 -1.74 16.40
C ALA B 688 6.60 -2.35 15.24
N ALA B 689 6.06 -3.38 14.60
CA ALA B 689 6.82 -4.11 13.59
C ALA B 689 7.04 -3.31 12.33
N ILE B 690 6.22 -2.29 12.07
CA ILE B 690 6.34 -1.46 10.87
C ILE B 690 6.42 0.00 11.29
N TYR B 691 5.37 0.45 11.98
CA TYR B 691 5.28 1.81 12.51
C TYR B 691 5.53 1.81 14.01
N GLY B 692 6.28 2.81 14.47
CA GLY B 692 6.59 2.97 15.88
C GLY B 692 7.75 3.95 16.00
N ASN B 693 8.70 3.70 16.91
CA ASN B 693 9.84 4.61 17.01
C ASN B 693 11.06 3.80 17.44
N LEU B 694 12.14 4.49 17.80
CA LEU B 694 13.40 3.80 18.13
C LEU B 694 13.24 2.81 19.28
N SER B 695 12.22 3.00 20.13
CA SER B 695 12.06 2.15 21.30
C SER B 695 11.79 0.70 20.94
N ARG B 696 11.35 0.44 19.70
CA ARG B 696 11.13 -0.91 19.25
C ARG B 696 12.42 -1.73 19.15
N TYR B 697 13.58 -1.11 19.34
CA TYR B 697 14.84 -1.80 19.15
C TYR B 697 15.50 -2.16 20.45
N ILE B 698 14.86 -1.87 21.58
CA ILE B 698 15.45 -2.13 22.88
C ILE B 698 15.37 -3.61 23.18
N ASN B 699 16.49 -4.19 23.60
CA ASN B 699 16.57 -5.61 23.86
C ASN B 699 16.32 -5.93 25.34
N HIS B 700 16.17 -7.23 25.61
CA HIS B 700 15.78 -7.74 26.92
C HIS B 700 16.99 -8.07 27.77
N ALA B 701 16.95 -7.63 29.03
CA ALA B 701 17.84 -8.17 30.06
C ALA B 701 17.05 -8.31 31.35
N THR B 702 17.46 -9.27 32.17
CA THR B 702 16.86 -9.41 33.49
C THR B 702 17.20 -8.21 34.36
N ASP B 703 18.46 -7.75 34.31
CA ASP B 703 18.89 -6.58 35.07
C ASP B 703 18.98 -5.40 34.12
N GLY B 704 17.80 -4.95 33.70
CA GLY B 704 17.72 -3.87 32.74
C GLY B 704 18.05 -2.55 33.38
N ASN B 705 18.26 -1.54 32.53
CA ASN B 705 18.46 -0.18 33.02
C ASN B 705 17.30 0.75 32.74
N ILE B 706 16.19 0.27 32.13
CA ILE B 706 14.97 1.05 32.02
C ILE B 706 13.77 0.16 32.34
N MET B 707 12.62 0.79 32.53
CA MET B 707 11.43 0.12 32.99
C MET B 707 10.22 0.71 32.28
N PRO B 708 9.39 -0.12 31.63
CA PRO B 708 8.16 0.37 31.04
C PRO B 708 7.03 0.38 32.06
N LYS B 709 6.03 1.21 31.79
CA LYS B 709 4.89 1.39 32.67
C LYS B 709 3.73 1.89 31.83
N ILE B 710 2.56 1.31 32.02
CA ILE B 710 1.36 1.79 31.33
C ILE B 710 0.78 2.97 32.10
N MET B 711 0.56 4.09 31.40
CA MET B 711 0.03 5.32 31.96
C MET B 711 -1.28 5.71 31.28
N TYR B 712 -2.20 6.23 32.08
CA TYR B 712 -3.39 6.89 31.57
C TYR B 712 -3.08 8.37 31.31
N VAL B 713 -3.29 8.83 30.07
CA VAL B 713 -2.84 10.17 29.64
C VAL B 713 -4.01 10.84 28.92
N ASN B 714 -4.88 11.50 29.67
CA ASN B 714 -6.00 12.29 29.10
C ASN B 714 -6.98 11.42 28.34
N HIS B 715 -7.21 10.21 28.85
CA HIS B 715 -8.10 9.21 28.26
C HIS B 715 -7.47 8.49 27.07
N GLU B 716 -6.13 8.52 26.96
CA GLU B 716 -5.36 7.58 26.16
C GLU B 716 -4.49 6.77 27.11
N TRP B 717 -4.28 5.49 26.80
CA TRP B 717 -3.34 4.66 27.56
C TRP B 717 -2.07 4.53 26.74
N ARG B 718 -0.91 4.69 27.40
CA ARG B 718 0.36 4.77 26.68
C ARG B 718 1.47 4.10 27.48
N ILE B 719 2.56 3.76 26.77
CA ILE B 719 3.70 3.05 27.35
C ILE B 719 4.89 4.00 27.48
N LYS B 720 5.29 4.29 28.73
CA LYS B 720 6.45 5.12 29.02
C LYS B 720 7.59 4.25 29.52
N PHE B 721 8.83 4.62 29.17
CA PHE B 721 10.04 4.01 29.71
C PHE B 721 10.75 5.01 30.63
N THR B 722 11.14 4.54 31.82
CA THR B 722 11.82 5.36 32.80
C THR B 722 13.14 4.67 33.15
N ALA B 723 14.21 5.46 33.31
CA ALA B 723 15.49 4.91 33.73
C ALA B 723 15.43 4.42 35.17
N ILE B 724 15.95 3.22 35.42
CA ILE B 724 16.12 2.72 36.78
C ILE B 724 17.59 2.69 37.23
N LYS B 725 18.51 3.18 36.40
CA LYS B 725 19.90 3.36 36.78
C LYS B 725 20.38 4.65 36.15
N ASP B 726 21.52 5.14 36.62
CA ASP B 726 22.29 6.08 35.81
C ASP B 726 22.78 5.35 34.58
N ILE B 727 22.66 6.02 33.43
CA ILE B 727 23.06 5.44 32.15
C ILE B 727 23.96 6.47 31.47
N LYS B 728 25.19 6.07 31.15
CA LYS B 728 26.07 7.01 30.48
C LYS B 728 25.88 6.92 28.98
N ALA B 729 26.29 7.99 28.30
CA ALA B 729 26.19 8.04 26.86
C ALA B 729 27.00 6.90 26.25
N GLY B 730 26.41 6.20 25.27
CA GLY B 730 27.03 5.05 24.67
C GLY B 730 26.61 3.70 25.23
N GLU B 731 25.93 3.68 26.38
CA GLU B 731 25.49 2.42 26.95
C GLU B 731 24.19 1.93 26.30
N GLU B 732 24.07 0.61 26.15
CA GLU B 732 22.89 0.00 25.54
C GLU B 732 21.73 -0.09 26.54
N LEU B 733 20.53 0.27 26.09
CA LEU B 733 19.36 0.19 26.94
C LEU B 733 18.81 -1.23 26.98
N PHE B 734 18.35 -1.66 28.15
CA PHE B 734 17.68 -2.95 28.29
C PHE B 734 16.57 -2.81 29.31
N PHE B 735 15.49 -3.57 29.11
CA PHE B 735 14.52 -3.82 30.16
C PHE B 735 14.16 -5.28 30.18
N ASN B 736 13.58 -5.70 31.28
CA ASN B 736 13.07 -7.04 31.43
C ASN B 736 11.74 -7.14 30.71
N TYR B 737 11.68 -7.92 29.63
CA TYR B 737 10.45 -8.04 28.86
C TYR B 737 9.30 -8.56 29.72
N GLY B 738 9.59 -9.31 30.77
CA GLY B 738 8.50 -9.86 31.57
C GLY B 738 7.58 -10.61 30.64
N ASP B 739 6.27 -10.42 30.84
CA ASP B 739 5.28 -10.92 29.89
C ASP B 739 4.73 -9.80 29.00
N ASN B 740 5.54 -8.75 28.78
CA ASN B 740 5.03 -7.64 28.00
C ASN B 740 4.84 -8.00 26.54
N PHE B 741 5.61 -8.97 26.03
CA PHE B 741 5.48 -9.37 24.62
C PHE B 741 4.92 -10.78 24.51
N PRO B 742 3.61 -10.98 24.61
CA PRO B 742 3.06 -12.34 24.66
C PRO B 742 3.04 -13.03 23.31
N ASN B 743 2.93 -14.35 23.39
CA ASN B 743 2.71 -15.23 22.24
C ASN B 743 1.20 -15.52 22.22
N LEU B 744 0.45 -14.71 21.46
CA LEU B 744 -1.01 -14.81 21.52
C LEU B 744 -1.48 -16.18 21.07
N THR B 745 -0.95 -16.66 19.95
CA THR B 745 -1.43 -17.92 19.39
C THR B 745 -1.12 -19.08 20.31
N LYS B 746 0.07 -19.09 20.92
CA LYS B 746 0.41 -20.16 21.86
C LYS B 746 -0.46 -20.12 23.11
N LYS B 747 -0.86 -18.93 23.57
CA LYS B 747 -1.83 -18.86 24.65
C LYS B 747 -3.23 -19.18 24.19
N LEU B 748 -3.52 -19.04 22.89
CA LEU B 748 -4.83 -19.42 22.36
C LEU B 748 -5.00 -20.93 22.32
N VAL B 749 -3.98 -21.65 21.83
CA VAL B 749 -4.08 -23.12 21.74
C VAL B 749 -4.16 -23.74 23.12
N GLU B 750 -3.60 -23.08 24.14
CA GLU B 750 -3.68 -23.64 25.48
C GLU B 750 -5.11 -23.56 26.04
N ARG B 751 -5.83 -22.46 25.77
CA ARG B 751 -7.25 -22.39 26.12
C ARG B 751 -8.04 -23.21 25.10
N ASN B 752 -8.15 -24.50 25.35
CA ASN B 752 -8.88 -25.41 24.47
C ASN B 752 -10.38 -25.09 24.41
N ARG B 795 26.15 22.23 24.62
CA ARG B 795 25.83 20.82 24.73
C ARG B 795 25.06 20.30 23.51
N PRO B 796 25.68 20.31 22.32
CA PRO B 796 25.04 19.70 21.14
C PRO B 796 25.08 18.18 21.21
N LEU B 797 24.14 17.54 20.51
CA LEU B 797 23.98 16.09 20.61
C LEU B 797 24.81 15.36 19.56
N LEU B 798 25.66 14.44 20.01
CA LEU B 798 26.66 13.79 19.20
C LEU B 798 26.44 12.28 19.14
N VAL B 799 26.96 11.64 18.10
CA VAL B 799 27.02 10.18 18.08
C VAL B 799 28.02 9.71 19.12
N PRO B 800 27.65 8.80 20.01
CA PRO B 800 28.54 8.43 21.12
C PRO B 800 29.63 7.48 20.64
N LYS B 801 30.72 7.44 21.41
CA LYS B 801 31.77 6.46 21.17
C LYS B 801 31.34 5.16 21.81
N THR B 802 31.26 4.10 21.01
CA THR B 802 30.88 2.78 21.49
C THR B 802 31.65 1.73 20.69
N THR B 803 31.61 0.50 21.19
CA THR B 803 32.22 -0.61 20.46
C THR B 803 31.39 -1.00 19.24
N GLN B 804 30.07 -0.95 19.37
CA GLN B 804 29.16 -1.44 18.35
C GLN B 804 29.01 -0.43 17.22
N PRO B 805 28.80 -0.89 15.98
CA PRO B 805 28.47 0.06 14.91
C PRO B 805 27.11 0.65 15.16
N LEU B 806 26.93 1.91 14.76
CA LEU B 806 25.70 2.66 14.93
C LEU B 806 25.17 3.14 13.58
N PHE B 807 23.84 3.18 13.42
CA PHE B 807 23.25 3.44 12.11
C PHE B 807 22.23 4.56 12.18
N ASP B 808 22.18 5.35 11.11
CA ASP B 808 21.05 6.22 10.88
C ASP B 808 19.80 5.37 10.67
N PRO B 809 18.72 5.64 11.38
CA PRO B 809 17.56 4.73 11.32
C PRO B 809 16.91 4.63 9.94
N LEU B 810 17.00 5.67 9.11
CA LEU B 810 16.43 5.69 7.75
C LEU B 810 17.41 5.23 6.66
N SER B 811 18.58 5.87 6.57
CA SER B 811 19.50 5.47 5.51
C SER B 811 20.29 4.22 5.84
N LYS B 812 20.28 3.78 7.10
CA LYS B 812 21.17 2.72 7.59
C LYS B 812 22.63 3.00 7.23
N VAL B 813 22.96 4.26 6.95
CA VAL B 813 24.36 4.69 6.89
C VAL B 813 25.02 4.55 8.25
N GLN B 814 26.26 4.09 8.25
CA GLN B 814 26.98 3.94 9.52
C GLN B 814 27.36 5.30 10.09
N LEU B 815 27.13 5.48 11.39
CA LEU B 815 27.41 6.74 12.06
C LEU B 815 28.81 6.73 12.67
N LEU B 816 29.48 7.90 12.62
CA LEU B 816 30.81 7.98 13.21
C LEU B 816 30.79 8.79 14.51
N PRO B 817 31.53 8.34 15.53
CA PRO B 817 31.53 9.03 16.82
C PRO B 817 31.85 10.51 16.70
N GLY B 818 31.12 11.32 17.49
CA GLY B 818 31.36 12.75 17.53
C GLY B 818 30.73 13.53 16.41
N GLN B 819 30.05 12.88 15.49
CA GLN B 819 29.26 13.60 14.51
C GLN B 819 27.89 13.95 15.09
N PRO B 820 27.25 14.99 14.56
CA PRO B 820 25.88 15.34 15.00
C PRO B 820 24.96 14.14 15.01
N LEU B 821 24.24 13.96 16.11
CA LEU B 821 23.24 12.92 16.19
C LEU B 821 22.14 13.17 15.14
N PRO B 822 21.86 12.20 14.27
CA PRO B 822 20.80 12.40 13.27
C PRO B 822 19.45 12.53 13.95
N GLN B 823 18.73 13.61 13.63
CA GLN B 823 17.39 13.77 14.19
C GLN B 823 16.44 14.25 13.08
N HIS B 824 15.76 13.31 12.47
CA HIS B 824 14.95 13.52 11.27
C HIS B 824 13.53 13.88 11.65
N PRO B 825 13.01 15.00 11.18
CA PRO B 825 11.61 15.33 11.42
C PRO B 825 10.70 14.20 10.96
N ILE B 826 9.59 14.03 11.67
CA ILE B 826 8.68 12.92 11.43
C ILE B 826 7.85 13.18 10.19
N ASP B 827 7.78 12.18 9.31
CA ASP B 827 7.00 12.23 8.07
C ASP B 827 5.58 11.73 8.36
N ASP B 828 4.58 12.61 8.24
CA ASP B 828 3.21 12.25 8.54
C ASP B 828 2.29 12.32 7.32
N SER B 829 2.79 12.80 6.18
CA SER B 829 1.97 13.01 4.99
C SER B 829 1.23 11.75 4.56
N TRP B 830 1.89 10.60 4.61
CA TRP B 830 1.21 9.35 4.30
C TRP B 830 0.03 9.10 5.23
N LEU B 831 0.13 9.55 6.48
CA LEU B 831 -0.94 9.36 7.46
C LEU B 831 -2.08 10.36 7.29
N LEU B 832 -1.79 11.59 6.87
CA LEU B 832 -2.87 12.55 6.60
C LEU B 832 -3.66 12.13 5.39
N LEU B 833 -3.01 11.44 4.44
CA LEU B 833 -3.69 11.01 3.23
C LEU B 833 -4.68 9.89 3.52
N LYS B 834 -4.27 8.91 4.33
CA LYS B 834 -5.20 7.84 4.70
C LYS B 834 -6.41 8.40 5.43
N HIS B 835 -6.19 9.33 6.37
CA HIS B 835 -7.31 9.91 7.11
C HIS B 835 -8.19 10.78 6.24
N ARG B 836 -7.61 11.42 5.22
CA ARG B 836 -8.45 12.16 4.28
C ARG B 836 -9.32 11.20 3.49
N ASP B 837 -8.70 10.13 2.99
CA ASP B 837 -9.40 9.17 2.16
C ASP B 837 -10.48 8.44 2.96
N ASN B 838 -10.23 8.20 4.25
CA ASN B 838 -11.26 7.57 5.08
C ASN B 838 -12.52 8.40 5.15
N LEU B 839 -12.40 9.74 5.10
CA LEU B 839 -13.59 10.58 5.04
C LEU B 839 -14.18 10.61 3.63
N GLN B 840 -13.33 10.59 2.60
CA GLN B 840 -13.81 10.56 1.23
C GLN B 840 -14.69 9.35 0.98
N ASP B 841 -14.45 8.25 1.70
CA ASP B 841 -15.13 6.99 1.45
C ASP B 841 -16.56 6.96 1.95
N PHE B 842 -16.92 7.87 2.86
CA PHE B 842 -18.27 7.83 3.40
C PHE B 842 -19.23 8.17 2.29
N ILE B 843 -20.13 7.24 1.98
CA ILE B 843 -21.19 7.56 1.02
C ILE B 843 -22.22 8.43 1.68
N ASP B 844 -22.17 8.55 3.00
CA ASP B 844 -23.11 9.27 3.85
C ASP B 844 -22.95 10.80 3.80
N LEU B 845 -21.85 11.32 3.29
CA LEU B 845 -21.49 12.73 3.42
C LEU B 845 -21.50 13.42 2.06
N ARG B 846 -22.12 14.60 2.00
CA ARG B 846 -22.08 15.38 0.77
C ARG B 846 -20.68 15.97 0.58
N PRO B 847 -20.33 16.32 -0.67
CA PRO B 847 -18.97 16.84 -0.93
C PRO B 847 -18.64 18.09 -0.16
N GLU B 848 -19.64 18.95 0.10
CA GLU B 848 -19.40 20.14 0.91
C GLU B 848 -19.00 19.78 2.33
N GLU B 849 -19.60 18.71 2.89
CA GLU B 849 -19.16 18.22 4.20
C GLU B 849 -17.74 17.70 4.15
N LYS B 850 -17.46 16.77 3.21
CA LYS B 850 -16.13 16.21 3.09
C LYS B 850 -15.09 17.30 2.88
N GLU B 851 -15.39 18.30 2.06
CA GLU B 851 -14.39 19.34 1.81
C GLU B 851 -13.92 19.95 3.13
N PHE B 852 -14.87 20.43 3.94
CA PHE B 852 -14.48 21.11 5.17
C PHE B 852 -13.90 20.15 6.20
N LEU B 853 -14.60 19.04 6.48
CA LEU B 853 -14.09 18.07 7.45
C LEU B 853 -12.65 17.70 7.15
N GLN B 854 -12.33 17.54 5.87
CA GLN B 854 -10.98 17.15 5.49
C GLN B 854 -9.99 18.29 5.76
N GLU B 855 -10.41 19.53 5.50
CA GLU B 855 -9.54 20.68 5.76
C GLU B 855 -9.25 20.83 7.25
N TRP B 856 -10.29 20.70 8.08
CA TRP B 856 -10.11 20.81 9.53
C TRP B 856 -9.25 19.66 10.04
N ASP B 857 -9.51 18.43 9.59
CA ASP B 857 -8.75 17.29 10.07
C ASP B 857 -7.28 17.38 9.68
N ALA B 858 -6.99 17.84 8.46
CA ALA B 858 -5.60 17.90 8.05
C ALA B 858 -4.83 18.87 8.92
N PHE B 859 -5.50 19.92 9.40
CA PHE B 859 -4.87 20.90 10.27
C PHE B 859 -4.74 20.36 11.70
N ILE B 860 -5.86 19.89 12.28
CA ILE B 860 -5.86 19.51 13.69
C ILE B 860 -5.11 18.20 13.94
N LEU B 861 -5.05 17.29 12.96
CA LEU B 861 -4.31 16.06 13.18
C LEU B 861 -2.84 16.33 13.36
N ARG B 862 -2.31 17.37 12.70
CA ARG B 862 -0.90 17.70 12.82
C ARG B 862 -0.53 18.23 14.21
N ARG B 863 -1.49 18.77 14.98
CA ARG B 863 -1.20 19.30 16.31
C ARG B 863 -1.33 18.25 17.43
N HIS B 864 -1.63 16.98 17.13
CA HIS B 864 -1.83 15.90 18.10
C HIS B 864 -2.37 16.34 19.46
N ILE B 865 -3.58 16.88 19.48
CA ILE B 865 -4.18 17.40 20.70
C ILE B 865 -4.67 16.25 21.57
N SER B 866 -4.41 16.36 22.86
CA SER B 866 -4.90 15.41 23.83
C SER B 866 -5.74 16.06 24.93
N SER B 867 -5.59 17.36 25.13
CA SER B 867 -6.31 18.09 26.15
C SER B 867 -7.06 19.26 25.54
N GLU B 868 -8.27 19.54 26.05
CA GLU B 868 -8.98 20.69 25.53
C GLU B 868 -8.32 22.01 25.91
N GLN B 869 -7.29 21.96 26.79
CA GLN B 869 -6.57 23.17 27.16
C GLN B 869 -5.93 23.84 25.95
N TYR B 870 -5.63 23.10 24.91
CA TYR B 870 -4.89 23.65 23.79
C TYR B 870 -5.74 23.92 22.57
N LEU B 871 -7.01 23.52 22.59
CA LEU B 871 -7.88 23.67 21.43
C LEU B 871 -8.17 25.14 21.08
N PRO B 872 -8.47 26.03 22.04
CA PRO B 872 -8.79 27.42 21.62
C PRO B 872 -7.66 28.09 20.86
N ARG B 873 -6.42 27.88 21.29
CA ARG B 873 -5.29 28.45 20.55
C ARG B 873 -5.18 27.84 19.16
N TYR B 874 -5.33 26.53 19.05
CA TYR B 874 -5.24 25.89 17.74
C TYR B 874 -6.42 26.27 16.85
N PHE B 875 -7.62 26.36 17.43
CA PHE B 875 -8.80 26.81 16.68
C PHE B 875 -8.57 28.20 16.10
N LEU B 876 -8.20 29.17 16.93
CA LEU B 876 -7.90 30.51 16.44
C LEU B 876 -6.84 30.51 15.35
N ARG B 877 -5.84 29.63 15.44
CA ARG B 877 -4.83 29.54 14.39
C ARG B 877 -5.43 29.06 13.08
N PHE B 878 -6.43 28.16 13.13
CA PHE B 878 -7.05 27.65 11.93
C PHE B 878 -7.91 28.70 11.25
N VAL B 879 -8.72 29.43 12.04
CA VAL B 879 -9.58 30.44 11.44
C VAL B 879 -8.74 31.60 10.91
N ARG B 880 -7.53 31.77 11.41
CA ARG B 880 -6.63 32.76 10.84
C ARG B 880 -6.01 32.28 9.52
N GLU B 881 -5.44 31.07 9.51
CA GLU B 881 -4.75 30.60 8.30
C GLU B 881 -5.72 30.39 7.14
N LYS B 882 -6.93 29.91 7.41
CA LYS B 882 -7.89 29.54 6.39
C LYS B 882 -8.98 30.58 6.20
N ALA B 883 -8.79 31.79 6.73
CA ALA B 883 -9.81 32.83 6.67
C ALA B 883 -10.22 33.11 5.24
N ASP B 884 -9.23 33.35 4.37
CA ASP B 884 -9.55 33.62 2.97
C ASP B 884 -10.28 32.45 2.34
N TRP B 885 -9.83 31.23 2.65
CA TRP B 885 -10.46 30.04 2.09
C TRP B 885 -11.88 29.87 2.60
N LEU B 886 -12.13 30.20 3.87
CA LEU B 886 -13.44 29.97 4.45
C LEU B 886 -14.52 30.87 3.84
N VAL B 887 -14.18 32.10 3.45
CA VAL B 887 -15.16 33.02 2.88
C VAL B 887 -15.19 32.98 1.37
N SER B 888 -14.37 32.15 0.74
CA SER B 888 -14.39 32.07 -0.71
C SER B 888 -15.61 31.32 -1.22
N LYS B 889 -16.10 30.34 -0.46
CA LYS B 889 -17.20 29.48 -0.86
C LYS B 889 -18.15 29.34 0.33
N ARG B 890 -19.45 29.43 0.07
CA ARG B 890 -20.41 29.56 1.17
C ARG B 890 -20.59 28.27 1.95
N SER B 891 -20.47 27.11 1.30
CA SER B 891 -20.64 25.88 2.04
C SER B 891 -19.56 25.72 3.11
N ARG B 892 -18.36 26.27 2.88
CA ARG B 892 -17.28 26.17 3.86
C ARG B 892 -17.62 26.94 5.12
N GLY B 893 -18.10 28.18 4.99
CA GLY B 893 -18.53 28.92 6.16
C GLY B 893 -19.66 28.23 6.90
N GLU B 894 -20.60 27.67 6.14
CA GLU B 894 -21.70 26.98 6.79
C GLU B 894 -21.21 25.74 7.53
N GLU B 895 -20.27 25.01 6.96
CA GLU B 895 -19.78 23.82 7.65
C GLU B 895 -18.93 24.21 8.86
N PHE B 896 -18.11 25.26 8.71
CA PHE B 896 -17.32 25.78 9.83
C PHE B 896 -18.21 26.19 10.99
N SER B 897 -19.41 26.71 10.71
CA SER B 897 -20.33 27.12 11.77
C SER B 897 -20.97 25.93 12.46
N LYS B 898 -21.15 24.82 11.76
CA LYS B 898 -21.67 23.62 12.43
C LYS B 898 -20.65 23.05 13.41
N LEU B 899 -19.36 23.09 13.03
CA LEU B 899 -18.31 22.65 13.95
C LEU B 899 -18.31 23.52 15.17
N VAL B 900 -18.34 24.84 14.97
CA VAL B 900 -18.35 25.77 16.09
C VAL B 900 -19.54 25.48 16.99
N ALA B 901 -20.71 25.29 16.39
CA ALA B 901 -21.92 25.03 17.17
C ALA B 901 -21.76 23.77 18.01
N THR B 902 -21.06 22.76 17.47
CA THR B 902 -20.84 21.51 18.21
C THR B 902 -19.86 21.71 19.36
N LEU B 903 -18.75 22.40 19.11
CA LEU B 903 -17.78 22.62 20.19
C LEU B 903 -18.34 23.55 21.25
N LEU B 904 -19.16 24.53 20.86
CA LEU B 904 -19.84 25.37 21.85
C LEU B 904 -20.81 24.55 22.69
N ALA B 905 -21.49 23.58 22.08
CA ALA B 905 -22.48 22.80 22.81
C ALA B 905 -21.83 21.99 23.92
N ARG B 906 -20.62 21.50 23.69
CA ARG B 906 -19.86 20.78 24.70
C ARG B 906 -19.13 21.71 25.66
N ARG B 907 -19.38 23.01 25.57
CA ARG B 907 -18.70 24.03 26.38
C ARG B 907 -17.19 23.84 26.36
N VAL B 908 -16.66 23.53 25.17
CA VAL B 908 -15.25 23.21 25.02
C VAL B 908 -14.51 24.31 24.26
N LEU B 909 -15.22 25.18 23.57
CA LEU B 909 -14.67 26.34 22.89
C LEU B 909 -15.08 27.57 23.66
N PRO B 910 -14.13 28.39 24.15
CA PRO B 910 -14.52 29.56 24.95
C PRO B 910 -15.33 30.54 24.11
N GLU B 911 -16.24 31.27 24.75
CA GLU B 911 -16.98 32.29 24.01
C GLU B 911 -16.06 33.39 23.50
N ARG B 912 -14.88 33.55 24.13
CA ARG B 912 -13.92 34.54 23.68
C ARG B 912 -13.47 34.28 22.24
N VAL B 913 -13.22 33.02 21.87
CA VAL B 913 -12.69 32.77 20.53
C VAL B 913 -13.76 32.95 19.46
N VAL B 914 -15.04 32.70 19.76
CA VAL B 914 -16.08 32.90 18.75
C VAL B 914 -16.19 34.37 18.37
N ILE B 915 -15.98 35.27 19.33
CA ILE B 915 -16.01 36.68 19.04
C ILE B 915 -14.82 37.08 18.16
N GLU B 916 -13.65 36.44 18.34
CA GLU B 916 -12.49 36.80 17.54
C GLU B 916 -12.62 36.29 16.10
N ALA B 917 -13.12 35.06 15.94
CA ALA B 917 -13.38 34.54 14.61
C ALA B 917 -14.37 35.40 13.85
N THR B 918 -15.33 36.00 14.56
CA THR B 918 -16.27 36.90 13.91
C THR B 918 -15.54 38.08 13.29
N GLN B 919 -14.56 38.63 14.00
CA GLN B 919 -13.73 39.67 13.40
C GLN B 919 -12.92 39.11 12.24
N VAL B 920 -12.22 38.00 12.47
CA VAL B 920 -11.28 37.47 11.50
C VAL B 920 -11.96 37.25 10.15
N LEU B 921 -13.14 36.65 10.16
CA LEU B 921 -13.81 36.34 8.91
C LEU B 921 -14.42 37.60 8.30
N ASN B 922 -14.98 38.46 9.14
CA ASN B 922 -15.48 39.73 8.61
C ASN B 922 -14.36 40.51 7.94
N ASP B 923 -13.13 40.43 8.46
CA ASP B 923 -12.06 41.17 7.83
C ASP B 923 -11.55 40.48 6.57
N ALA B 924 -11.58 39.15 6.53
CA ALA B 924 -11.20 38.43 5.33
C ALA B 924 -12.19 38.67 4.19
N ARG B 925 -13.48 38.76 4.51
CA ARG B 925 -14.45 39.02 3.44
C ARG B 925 -14.37 40.47 2.97
N GLY B 926 -14.03 41.40 3.87
CA GLY B 926 -13.82 42.76 3.45
C GLY B 926 -12.60 42.91 2.56
N ARG B 927 -11.58 42.08 2.79
CA ARG B 927 -10.43 42.03 1.90
C ARG B 927 -10.76 41.35 0.58
N LEU B 928 -11.82 40.53 0.53
CA LEU B 928 -12.22 39.90 -0.72
C LEU B 928 -12.92 40.89 -1.66
N ARG B 929 -13.67 41.85 -1.11
CA ARG B 929 -14.24 42.93 -1.91
C ARG B 929 -13.10 43.72 -2.53
N GLU B 930 -12.60 43.24 -3.68
CA GLU B 930 -11.33 43.66 -4.25
C GLU B 930 -11.40 43.71 -5.77
#